data_6I1L
#
_entry.id   6I1L
#
_cell.length_a   78.800
_cell.length_b   188.580
_cell.length_c   284.120
_cell.angle_alpha   90.00
_cell.angle_beta   90.00
_cell.angle_gamma   90.00
#
_symmetry.space_group_name_H-M   'P 21 21 21'
#
loop_
_entity.id
_entity.type
_entity.pdbx_description
1 polymer 'CRISPR-associated endonuclease Cas12a'
2 polymer 'crRNA (40-MER)'
3 polymer 'ssDNA target strand'
4 non-polymer 'MAGNESIUM ION'
5 non-polymer 'CITRIC ACID'
6 non-polymer 'POTASSIUM ION'
7 water water
#
loop_
_entity_poly.entity_id
_entity_poly.type
_entity_poly.pdbx_seq_one_letter_code
_entity_poly.pdbx_strand_id
1 'polypeptide(L)'
;NASIYQEFVNKYSLSKTLRFELIPQGKTLENIKARGLILDDEKRAKDYKKAKQIIDKYHQFFIEEILSSVCISEDLLQNY
SDVYFKLKKSDDDNLQKDFKSAKDTIKKQISEYIKDSEKFKNLFNQNLIDAKKGQESDLILWLKQSKDNGIELFKANSDI
TDIDEALEIIKSFKGWTTYFKGFHENRKNVYSSNDIPTSIIYRIVDDNLPKFLENKAKYESLKDKAPEAINYEQIKKDLA
EELTFDIDYKTSEVNQRVFSLDEVFEIANFNNYLNQSGITKFNTIIGGKFVNGENTKRKGINEYINLYSQQINDKTLKKY
KMSVLFKQILSDTESKSFVIDKLEDDSDVVTTMQSFYEQIAAFKTVEEKSIKETLSLLFDDLKAQKLDLSKIYFKNDKSL
TDLSQQVFDDYSVIGTAVLEYITQQIAPKNLDNPSKKEQELIAKKTEKAKYLSLETIKLALEEFNKHRDIDKQCRFEEIL
ANFAAIPMIFDEIAQNKDNLAQISIKYQNQGKKDLLQASAEDDVKAIKDLLDQTNNLLHKLKIFHISQSEDKANILDKDE
HFYLVFEECYFELANIVPLYNKIRNYITQKPYSDEKFKLNFENSTLANGWDKNKEPDNTAILFIKDDKYYLGVMNKKNNK
IFDDKAIKENKGEGYKKIVYKLLPGANKMLPKVFFSAKSIKFYNPSEDILRIRNHSTHTKNGSPQKGYEKFEFNIEDCRK
FIDFYKQSISKHPEWKDFGFRFSDTQRYNSIDEFYREVENQGYKLTFENISESYIDSVVNQGKLYLFQIYNKDFSAYSKG
RPNLHTLYWKALFDERNLQDVVYKLNGEAELFYRKQSIPKKITHPAKEAIANKNKDNPKKESVFEYDLIKDKRFTEDKFF
FHCPITINFKSSGANKFNDEINLLLKEKANDVHILSIDRGERHLAYYTLVDGKGNIIKQDTFNIIGNDRMKTNYHDKLAA
IEKDRDSARKDWKKINNIKEMKEGYLSQVVHEIAKLVIEYNAIVVFQDLNFGFKRGRFKVEKQVYQKLEKMLIEKLNYLV
FKDNEFDKTGGVLRAYQLTAPFETFKKMGKQTGIIYYVPAGFTSKICPVTGFVNQLYPKYESVSKSQEFFSKFDKICYNL
DKGYFEFSFDYKNFGDKAAKGKWTIASFGSRLINFRNSDKNHNWDTREVYPTKELEKLLKDYSIEYGHGECIKAAICGES
DKKFFAKLTSVLNTILQMRNSKTGTELDYLISPVADVNGNFFDSRQAPKNMPQDADANGAYHIGLKGLMLLGRIKNNQEG
KKLNLVIKNEEYFEFVQNRNN
;
A,D
2 'polyribonucleotide' AAUUUCUACUGUUGUAGAUAGAUUAAAAGGUAAUUCUAUC B,E
3 'polydeoxyribonucleotide' (DA)(DT)(DA)(DG)(DA)(DA)(DT)(DT)(DA)(DC)(DC)(DT)(DT)(DT)(DT)(DA)(DA)(DT)(DC)(DT) C,F
#
# COMPACT_ATOMS: atom_id res chain seq x y z
N ASN A 1 -4.19 56.38 8.45
CA ASN A 1 -5.08 56.99 7.46
C ASN A 1 -6.09 55.96 6.93
N ALA A 2 -7.36 56.34 6.91
CA ALA A 2 -8.43 55.42 6.55
C ALA A 2 -8.50 55.21 5.03
N SER A 3 -8.83 53.98 4.65
CA SER A 3 -8.94 53.60 3.23
C SER A 3 -10.31 53.97 2.68
N ILE A 4 -10.34 54.27 1.38
CA ILE A 4 -11.61 54.66 0.75
C ILE A 4 -12.56 53.48 0.63
N TYR A 5 -12.05 52.25 0.74
CA TYR A 5 -12.86 51.06 0.63
C TYR A 5 -13.41 50.59 1.97
N GLN A 6 -13.40 51.44 2.99
CA GLN A 6 -13.90 51.05 4.31
C GLN A 6 -15.36 50.62 4.26
N GLU A 7 -16.14 51.22 3.37
CA GLU A 7 -17.57 50.92 3.30
C GLU A 7 -17.84 49.58 2.65
N PHE A 8 -16.93 49.09 1.81
CA PHE A 8 -17.18 47.89 1.01
C PHE A 8 -16.81 46.64 1.79
N VAL A 9 -17.65 46.35 2.78
CA VAL A 9 -17.49 45.21 3.67
C VAL A 9 -18.86 44.55 3.84
N ASN A 10 -18.87 43.22 3.78
CA ASN A 10 -20.10 42.44 3.92
C ASN A 10 -21.09 42.84 2.84
N LYS A 11 -20.63 42.81 1.58
CA LYS A 11 -21.43 43.27 0.45
C LYS A 11 -22.25 42.14 -0.19
N TYR A 12 -21.70 40.92 -0.25
CA TYR A 12 -22.43 39.82 -0.86
C TYR A 12 -21.91 38.49 -0.32
N SER A 13 -22.75 37.46 -0.43
CA SER A 13 -22.44 36.13 0.08
C SER A 13 -21.73 35.30 -0.96
N LEU A 14 -20.77 34.50 -0.53
CA LEU A 14 -20.02 33.64 -1.43
C LEU A 14 -19.79 32.29 -0.77
N SER A 15 -19.31 31.33 -1.57
CA SER A 15 -19.12 29.96 -1.11
C SER A 15 -17.65 29.57 -1.17
N LYS A 16 -17.17 28.88 -0.13
CA LYS A 16 -15.82 28.33 -0.13
C LYS A 16 -15.86 26.92 0.44
N THR A 17 -14.79 26.17 0.21
CA THR A 17 -14.60 24.92 0.93
C THR A 17 -13.21 24.92 1.54
N LEU A 18 -13.12 24.44 2.77
CA LEU A 18 -11.86 24.27 3.47
C LEU A 18 -11.45 22.81 3.41
N ARG A 19 -10.14 22.58 3.52
CA ARG A 19 -9.61 21.23 3.47
C ARG A 19 -8.75 20.99 4.70
N PHE A 20 -8.96 19.84 5.35
CA PHE A 20 -8.16 19.47 6.51
C PHE A 20 -7.74 18.02 6.41
N GLU A 21 -6.73 17.68 7.19
CA GLU A 21 -6.45 16.28 7.45
C GLU A 21 -7.32 15.81 8.61
N LEU A 22 -7.70 14.54 8.55
CA LEU A 22 -8.40 13.89 9.65
C LEU A 22 -7.42 12.95 10.31
N ILE A 23 -7.19 13.15 11.61
CA ILE A 23 -6.26 12.35 12.39
C ILE A 23 -7.07 11.41 13.27
N PRO A 24 -7.07 10.10 13.00
CA PRO A 24 -7.91 9.19 13.79
C PRO A 24 -7.52 9.20 15.27
N GLN A 25 -8.54 9.13 16.12
CA GLN A 25 -8.39 9.25 17.57
C GLN A 25 -8.54 7.89 18.24
N GLY A 26 -7.57 7.53 19.07
CA GLY A 26 -7.70 6.33 19.86
C GLY A 26 -7.78 5.07 19.02
N LYS A 27 -8.69 4.18 19.39
CA LYS A 27 -8.85 2.91 18.69
C LYS A 27 -9.63 3.04 17.39
N THR A 28 -9.90 4.26 16.93
CA THR A 28 -10.70 4.46 15.73
C THR A 28 -10.13 3.66 14.55
N LEU A 29 -8.86 3.92 14.22
CA LEU A 29 -8.26 3.27 13.05
C LEU A 29 -8.27 1.75 13.17
N GLU A 30 -8.03 1.23 14.38
CA GLU A 30 -8.10 -0.21 14.61
C GLU A 30 -9.47 -0.76 14.23
N ASN A 31 -10.54 -0.12 14.71
CA ASN A 31 -11.88 -0.63 14.41
C ASN A 31 -12.22 -0.46 12.94
N ILE A 32 -11.78 0.65 12.32
CA ILE A 32 -11.98 0.84 10.88
C ILE A 32 -11.40 -0.32 10.10
N LYS A 33 -10.12 -0.63 10.35
CA LYS A 33 -9.50 -1.73 9.63
C LYS A 33 -10.11 -3.06 10.02
N ALA A 34 -10.51 -3.22 11.29
CA ALA A 34 -11.15 -4.47 11.71
C ALA A 34 -12.40 -4.74 10.89
N ARG A 35 -13.18 -3.70 10.61
CA ARG A 35 -14.36 -3.92 9.79
C ARG A 35 -14.05 -3.81 8.30
N GLY A 36 -12.84 -3.38 7.93
CA GLY A 36 -12.49 -3.21 6.53
C GLY A 36 -13.30 -2.16 5.80
N LEU A 37 -13.59 -1.04 6.46
CA LEU A 37 -14.39 0.00 5.81
C LEU A 37 -13.63 0.65 4.65
N ILE A 38 -12.31 0.81 4.81
CA ILE A 38 -11.52 1.43 3.75
C ILE A 38 -11.50 0.54 2.52
N LEU A 39 -11.37 -0.77 2.70
CA LEU A 39 -11.46 -1.71 1.59
C LEU A 39 -12.82 -1.60 0.89
N ASP A 40 -13.89 -1.58 1.69
CA ASP A 40 -15.24 -1.48 1.15
C ASP A 40 -15.38 -0.24 0.27
N ASP A 41 -14.93 0.92 0.76
CA ASP A 41 -15.10 2.14 -0.01
C ASP A 41 -14.17 2.19 -1.21
N GLU A 42 -13.01 1.54 -1.12
CA GLU A 42 -12.14 1.44 -2.27
C GLU A 42 -12.80 0.65 -3.39
N LYS A 43 -13.45 -0.47 -3.04
CA LYS A 43 -14.18 -1.21 -4.07
C LYS A 43 -15.39 -0.43 -4.55
N ARG A 44 -16.04 0.32 -3.67
CA ARG A 44 -17.24 1.05 -4.06
C ARG A 44 -16.92 2.15 -5.04
N ALA A 45 -15.73 2.76 -4.94
CA ALA A 45 -15.36 3.76 -5.93
C ALA A 45 -15.29 3.15 -7.34
N LYS A 46 -14.69 1.97 -7.45
CA LYS A 46 -14.62 1.29 -8.73
C LYS A 46 -16.01 0.94 -9.24
N ASP A 47 -16.84 0.37 -8.36
CA ASP A 47 -18.20 0.02 -8.75
C ASP A 47 -19.00 1.25 -9.17
N TYR A 48 -18.78 2.39 -8.50
CA TYR A 48 -19.49 3.62 -8.83
C TYR A 48 -19.07 4.13 -10.20
N LYS A 49 -17.78 4.07 -10.51
CA LYS A 49 -17.32 4.45 -11.84
C LYS A 49 -17.95 3.56 -12.91
N LYS A 50 -17.99 2.25 -12.66
CA LYS A 50 -18.61 1.33 -13.62
C LYS A 50 -20.09 1.64 -13.79
N ALA A 51 -20.80 1.86 -12.68
CA ALA A 51 -22.22 2.18 -12.76
C ALA A 51 -22.46 3.42 -13.59
N LYS A 52 -21.62 4.43 -13.42
CA LYS A 52 -21.79 5.63 -14.23
C LYS A 52 -21.52 5.31 -15.69
N GLN A 53 -20.55 4.44 -15.99
CA GLN A 53 -20.32 4.04 -17.38
C GLN A 53 -21.54 3.35 -17.98
N ILE A 54 -22.22 2.52 -17.18
CA ILE A 54 -23.39 1.81 -17.68
C ILE A 54 -24.53 2.79 -17.96
N ILE A 55 -24.80 3.68 -17.00
CA ILE A 55 -25.79 4.73 -17.22
C ILE A 55 -25.43 5.56 -18.46
N ASP A 56 -24.13 5.72 -18.71
CA ASP A 56 -23.70 6.50 -19.88
C ASP A 56 -23.99 5.75 -21.18
N LYS A 57 -23.86 4.42 -21.18
CA LYS A 57 -24.28 3.67 -22.37
C LYS A 57 -25.76 3.86 -22.64
N TYR A 58 -26.58 3.79 -21.58
CA TYR A 58 -28.01 4.04 -21.76
C TYR A 58 -28.27 5.43 -22.31
N HIS A 59 -27.52 6.43 -21.81
CA HIS A 59 -27.71 7.81 -22.27
C HIS A 59 -27.28 7.98 -23.73
N GLN A 60 -26.22 7.29 -24.14
CA GLN A 60 -25.79 7.35 -25.53
C GLN A 60 -26.84 6.76 -26.45
N PHE A 61 -27.41 5.60 -26.07
CA PHE A 61 -28.50 5.04 -26.86
C PHE A 61 -29.67 6.00 -26.94
N PHE A 62 -30.05 6.61 -25.81
CA PHE A 62 -31.18 7.54 -25.81
C PHE A 62 -30.92 8.73 -26.73
N ILE A 63 -29.70 9.26 -26.70
CA ILE A 63 -29.39 10.43 -27.52
C ILE A 63 -29.45 10.07 -29.00
N GLU A 64 -28.91 8.90 -29.37
CA GLU A 64 -28.96 8.50 -30.77
C GLU A 64 -30.40 8.26 -31.22
N GLU A 65 -31.23 7.69 -30.35
CA GLU A 65 -32.63 7.48 -30.67
C GLU A 65 -33.36 8.80 -30.91
N ILE A 66 -33.13 9.77 -30.03
CA ILE A 66 -33.76 11.08 -30.18
C ILE A 66 -33.32 11.74 -31.48
N LEU A 67 -32.02 11.79 -31.72
CA LEU A 67 -31.55 12.47 -32.92
C LEU A 67 -31.92 11.72 -34.20
N SER A 68 -32.23 10.42 -34.11
CA SER A 68 -32.74 9.73 -35.30
C SER A 68 -34.21 10.09 -35.54
N SER A 69 -34.98 10.31 -34.48
CA SER A 69 -36.36 10.76 -34.65
C SER A 69 -36.46 12.24 -35.03
N VAL A 70 -35.48 13.07 -34.70
CA VAL A 70 -35.57 14.51 -34.90
C VAL A 70 -35.46 14.87 -36.37
N CYS A 71 -36.27 15.83 -36.80
CA CYS A 71 -36.18 16.41 -38.14
C CYS A 71 -36.47 17.90 -38.03
N ILE A 72 -35.48 18.72 -38.42
CA ILE A 72 -35.60 20.17 -38.41
C ILE A 72 -35.96 20.63 -39.81
N SER A 73 -37.05 21.38 -39.93
CA SER A 73 -37.53 21.76 -41.25
C SER A 73 -36.58 22.75 -41.91
N GLU A 74 -36.50 22.67 -43.25
CA GLU A 74 -35.62 23.57 -43.98
C GLU A 74 -36.03 25.02 -43.83
N ASP A 75 -37.32 25.31 -43.59
CA ASP A 75 -37.74 26.68 -43.43
C ASP A 75 -37.18 27.29 -42.14
N LEU A 76 -37.24 26.55 -41.03
CA LEU A 76 -36.63 27.03 -39.79
C LEU A 76 -35.14 27.28 -39.97
N LEU A 77 -34.45 26.34 -40.62
CA LEU A 77 -33.01 26.48 -40.84
C LEU A 77 -32.70 27.70 -41.69
N GLN A 78 -33.45 27.90 -42.77
CA GLN A 78 -33.20 29.05 -43.64
C GLN A 78 -33.48 30.35 -42.93
N ASN A 79 -34.53 30.39 -42.10
CA ASN A 79 -34.83 31.60 -41.34
C ASN A 79 -33.69 31.93 -40.36
N TYR A 80 -33.26 30.93 -39.61
CA TYR A 80 -32.09 31.09 -38.74
C TYR A 80 -30.91 31.63 -39.52
N SER A 81 -30.61 31.02 -40.67
CA SER A 81 -29.42 31.38 -41.43
C SER A 81 -29.51 32.81 -41.95
N ASP A 82 -30.67 33.20 -42.47
CA ASP A 82 -30.85 34.56 -42.98
C ASP A 82 -30.62 35.58 -41.88
N VAL A 83 -31.29 35.40 -40.73
CA VAL A 83 -31.09 36.36 -39.63
C VAL A 83 -29.65 36.31 -39.12
N TYR A 84 -29.02 35.13 -39.16
CA TYR A 84 -27.66 34.99 -38.64
C TYR A 84 -26.67 35.76 -39.48
N PHE A 85 -26.77 35.66 -40.79
CA PHE A 85 -25.86 36.42 -41.65
C PHE A 85 -26.20 37.91 -41.62
N LYS A 86 -27.49 38.26 -41.47
CA LYS A 86 -27.83 39.68 -41.35
C LYS A 86 -27.28 40.27 -40.06
N LEU A 87 -27.11 39.45 -39.02
CA LEU A 87 -26.54 39.92 -37.76
C LEU A 87 -25.08 40.33 -37.89
N LYS A 88 -24.38 39.87 -38.93
CA LYS A 88 -22.94 40.11 -39.01
C LYS A 88 -22.61 41.56 -39.32
N LYS A 89 -23.44 42.24 -40.10
CA LYS A 89 -23.17 43.60 -40.57
C LYS A 89 -23.94 44.66 -39.78
N SER A 90 -24.74 44.27 -38.79
CA SER A 90 -25.49 45.25 -38.02
C SER A 90 -25.78 44.70 -36.63
N ASP A 91 -25.80 45.59 -35.64
CA ASP A 91 -26.08 45.24 -34.25
C ASP A 91 -27.51 45.61 -33.85
N ASP A 92 -28.40 45.76 -34.83
CA ASP A 92 -29.73 46.30 -34.55
C ASP A 92 -30.51 45.38 -33.62
N ASP A 93 -31.42 45.98 -32.85
CA ASP A 93 -32.13 45.24 -31.80
C ASP A 93 -33.18 44.30 -32.39
N ASN A 94 -33.85 44.73 -33.46
CA ASN A 94 -34.84 43.86 -34.08
C ASN A 94 -34.21 42.56 -34.58
N LEU A 95 -33.03 42.65 -35.19
CA LEU A 95 -32.35 41.45 -35.67
C LEU A 95 -31.95 40.55 -34.52
N GLN A 96 -31.51 41.15 -33.40
CA GLN A 96 -31.16 40.37 -32.22
C GLN A 96 -32.37 39.59 -31.71
N LYS A 97 -33.53 40.27 -31.62
CA LYS A 97 -34.73 39.59 -31.16
C LYS A 97 -35.16 38.50 -32.13
N ASP A 98 -35.07 38.77 -33.44
CA ASP A 98 -35.47 37.76 -34.43
C ASP A 98 -34.56 36.54 -34.36
N PHE A 99 -33.26 36.75 -34.23
CA PHE A 99 -32.35 35.62 -34.10
C PHE A 99 -32.65 34.82 -32.84
N LYS A 100 -32.92 35.52 -31.73
CA LYS A 100 -33.31 34.83 -30.51
C LYS A 100 -34.52 33.94 -30.74
N SER A 101 -35.52 34.45 -31.48
CA SER A 101 -36.75 33.69 -31.69
C SER A 101 -36.51 32.47 -32.57
N ALA A 102 -35.70 32.61 -33.62
CA ALA A 102 -35.44 31.47 -34.50
C ALA A 102 -34.64 30.39 -33.76
N LYS A 103 -33.58 30.80 -33.06
CA LYS A 103 -32.83 29.87 -32.22
C LYS A 103 -33.75 29.14 -31.26
N ASP A 104 -34.67 29.87 -30.64
CA ASP A 104 -35.55 29.28 -29.63
C ASP A 104 -36.60 28.36 -30.24
N THR A 105 -37.06 28.63 -31.47
CA THR A 105 -37.99 27.70 -32.11
C THR A 105 -37.29 26.40 -32.48
N ILE A 106 -36.05 26.46 -32.95
CA ILE A 106 -35.33 25.22 -33.25
C ILE A 106 -35.07 24.43 -31.97
N LYS A 107 -34.61 25.11 -30.92
CA LYS A 107 -34.44 24.48 -29.62
C LYS A 107 -35.74 23.85 -29.13
N LYS A 108 -36.85 24.56 -29.30
CA LYS A 108 -38.14 24.05 -28.85
C LYS A 108 -38.54 22.79 -29.61
N GLN A 109 -38.30 22.76 -30.93
CA GLN A 109 -38.52 21.54 -31.70
C GLN A 109 -37.78 20.35 -31.07
N ILE A 110 -36.47 20.52 -30.88
CA ILE A 110 -35.69 19.39 -30.35
C ILE A 110 -36.11 19.07 -28.91
N SER A 111 -36.53 20.07 -28.13
CA SER A 111 -36.90 19.86 -26.74
C SER A 111 -38.21 19.09 -26.63
N GLU A 112 -39.17 19.41 -27.50
CA GLU A 112 -40.39 18.60 -27.58
C GLU A 112 -40.04 17.16 -27.91
N TYR A 113 -39.15 16.96 -28.89
CA TYR A 113 -38.76 15.59 -29.24
C TYR A 113 -38.19 14.85 -28.03
N ILE A 114 -37.37 15.52 -27.21
CA ILE A 114 -36.77 14.82 -26.07
C ILE A 114 -37.81 14.57 -24.97
N LYS A 115 -38.74 15.51 -24.76
CA LYS A 115 -39.76 15.32 -23.74
C LYS A 115 -40.73 14.20 -24.13
N ASP A 116 -40.92 13.98 -25.43
CA ASP A 116 -41.93 13.04 -25.89
C ASP A 116 -41.58 11.59 -25.56
N SER A 117 -40.29 11.24 -25.59
CA SER A 117 -39.89 9.86 -25.39
C SER A 117 -40.25 9.39 -23.98
N GLU A 118 -40.56 8.10 -23.88
CA GLU A 118 -41.03 7.55 -22.61
C GLU A 118 -39.88 7.43 -21.61
N LYS A 119 -38.69 7.06 -22.07
CA LYS A 119 -37.56 6.87 -21.17
C LYS A 119 -37.23 8.14 -20.40
N PHE A 120 -37.47 9.31 -21.01
CA PHE A 120 -37.09 10.57 -20.39
C PHE A 120 -37.76 10.78 -19.05
N LYS A 121 -38.94 10.19 -18.84
CA LYS A 121 -39.62 10.34 -17.56
C LYS A 121 -38.81 9.75 -16.41
N ASN A 122 -38.06 8.67 -16.66
CA ASN A 122 -37.32 8.00 -15.60
C ASN A 122 -35.81 8.03 -15.84
N LEU A 123 -35.32 9.09 -16.46
CA LEU A 123 -33.92 9.17 -16.83
C LEU A 123 -33.02 9.70 -15.71
N PHE A 124 -33.56 10.46 -14.76
CA PHE A 124 -32.74 11.06 -13.71
C PHE A 124 -33.26 10.80 -12.31
N ASN A 125 -34.30 10.00 -12.15
CA ASN A 125 -34.88 9.73 -10.84
C ASN A 125 -34.40 8.37 -10.34
N GLN A 126 -35.01 7.91 -9.25
CA GLN A 126 -34.66 6.60 -8.70
C GLN A 126 -34.99 5.47 -9.66
N ASN A 127 -35.98 5.68 -10.53
CA ASN A 127 -36.47 4.60 -11.38
C ASN A 127 -35.43 4.07 -12.36
N LEU A 128 -34.35 4.82 -12.59
CA LEU A 128 -33.31 4.32 -13.49
C LEU A 128 -32.66 3.06 -12.93
N ILE A 129 -32.23 3.11 -11.67
CA ILE A 129 -31.52 2.01 -11.04
C ILE A 129 -32.45 1.13 -10.23
N ASP A 130 -33.20 1.71 -9.30
CA ASP A 130 -33.98 0.95 -8.33
C ASP A 130 -35.47 1.22 -8.53
N ALA A 131 -36.24 0.14 -8.67
CA ALA A 131 -37.69 0.24 -8.75
C ALA A 131 -38.30 -0.85 -7.88
N LYS A 132 -39.62 -0.77 -7.68
CA LYS A 132 -40.29 -1.71 -6.79
C LYS A 132 -40.45 -3.07 -7.47
N LYS A 133 -41.08 -4.00 -6.74
CA LYS A 133 -41.20 -5.37 -7.24
C LYS A 133 -42.05 -5.45 -8.50
N GLY A 134 -43.03 -4.55 -8.63
CA GLY A 134 -43.96 -4.65 -9.75
C GLY A 134 -43.30 -4.43 -11.10
N GLN A 135 -42.54 -3.35 -11.23
CA GLN A 135 -41.86 -3.02 -12.48
C GLN A 135 -40.36 -2.97 -12.26
N GLU A 136 -39.62 -3.49 -13.23
CA GLU A 136 -38.17 -3.42 -13.14
C GLU A 136 -37.67 -2.07 -13.64
N SER A 137 -36.41 -1.78 -13.32
CA SER A 137 -35.83 -0.49 -13.64
C SER A 137 -35.57 -0.37 -15.13
N ASP A 138 -35.74 0.85 -15.65
CA ASP A 138 -35.59 1.09 -17.08
C ASP A 138 -34.20 0.70 -17.55
N LEU A 139 -33.18 1.00 -16.76
CA LEU A 139 -31.81 0.62 -17.13
C LEU A 139 -31.66 -0.89 -17.18
N ILE A 140 -32.22 -1.59 -16.19
CA ILE A 140 -32.15 -3.05 -16.20
C ILE A 140 -32.93 -3.62 -17.37
N LEU A 141 -34.09 -3.02 -17.67
CA LEU A 141 -34.85 -3.46 -18.83
C LEU A 141 -34.06 -3.30 -20.11
N TRP A 142 -33.38 -2.17 -20.28
CA TRP A 142 -32.59 -1.94 -21.48
C TRP A 142 -31.42 -2.90 -21.56
N LEU A 143 -30.78 -3.18 -20.42
CA LEU A 143 -29.68 -4.14 -20.42
C LEU A 143 -30.16 -5.53 -20.79
N LYS A 144 -31.30 -5.96 -20.21
CA LYS A 144 -31.85 -7.26 -20.52
C LYS A 144 -32.29 -7.36 -21.98
N GLN A 145 -32.87 -6.28 -22.52
CA GLN A 145 -33.27 -6.30 -23.93
C GLN A 145 -32.06 -6.35 -24.83
N SER A 146 -30.98 -5.65 -24.47
CA SER A 146 -29.76 -5.69 -25.28
C SER A 146 -29.11 -7.07 -25.23
N LYS A 147 -29.14 -7.72 -24.07
CA LYS A 147 -28.58 -9.06 -23.96
C LYS A 147 -29.45 -10.06 -24.72
N ASP A 148 -30.77 -9.93 -24.63
CA ASP A 148 -31.67 -10.79 -25.39
C ASP A 148 -31.40 -10.67 -26.87
N ASN A 149 -31.11 -9.46 -27.34
CA ASN A 149 -30.68 -9.28 -28.72
C ASN A 149 -29.19 -9.58 -28.85
N GLY A 150 -28.71 -9.56 -30.08
CA GLY A 150 -27.31 -9.84 -30.33
C GLY A 150 -26.48 -8.58 -30.35
N ILE A 151 -26.19 -8.03 -29.18
CA ILE A 151 -25.37 -6.81 -29.08
C ILE A 151 -24.59 -6.85 -27.78
N GLU A 152 -23.28 -6.65 -27.87
CA GLU A 152 -22.37 -6.71 -26.72
C GLU A 152 -21.90 -5.29 -26.43
N LEU A 153 -22.54 -4.66 -25.44
CA LEU A 153 -22.31 -3.23 -25.20
C LEU A 153 -20.90 -2.95 -24.69
N PHE A 154 -20.27 -3.91 -24.02
CA PHE A 154 -19.05 -3.64 -23.27
C PHE A 154 -17.84 -4.35 -23.87
N LYS A 155 -17.87 -4.62 -25.18
CA LYS A 155 -16.67 -5.10 -25.86
C LYS A 155 -15.56 -4.06 -25.78
N ALA A 156 -15.88 -2.80 -26.09
CA ALA A 156 -14.89 -1.74 -26.05
C ALA A 156 -14.48 -1.37 -24.63
N ASN A 157 -15.27 -1.73 -23.64
CA ASN A 157 -14.95 -1.38 -22.25
C ASN A 157 -14.07 -2.46 -21.64
N SER A 158 -12.93 -2.06 -21.09
CA SER A 158 -12.00 -2.98 -20.49
C SER A 158 -12.30 -3.28 -19.03
N ASP A 159 -12.99 -2.37 -18.35
CA ASP A 159 -13.29 -2.54 -16.94
C ASP A 159 -14.49 -3.44 -16.71
N ILE A 160 -15.39 -3.52 -17.67
CA ILE A 160 -16.60 -4.33 -17.58
C ILE A 160 -16.49 -5.48 -18.57
N THR A 161 -16.77 -6.70 -18.10
CA THR A 161 -16.54 -7.88 -18.93
C THR A 161 -17.72 -8.16 -19.86
N ASP A 162 -18.95 -8.14 -19.33
CA ASP A 162 -20.14 -8.41 -20.13
C ASP A 162 -21.33 -7.74 -19.48
N ILE A 163 -22.51 -7.95 -20.07
CA ILE A 163 -23.72 -7.33 -19.55
C ILE A 163 -24.15 -7.96 -18.22
N ASP A 164 -23.76 -9.21 -17.96
CA ASP A 164 -24.10 -9.83 -16.68
C ASP A 164 -23.42 -9.12 -15.53
N GLU A 165 -22.13 -8.79 -15.69
CA GLU A 165 -21.46 -7.98 -14.68
C GLU A 165 -22.07 -6.59 -14.58
N ALA A 166 -22.50 -6.02 -15.70
CA ALA A 166 -23.19 -4.74 -15.65
C ALA A 166 -24.45 -4.83 -14.79
N LEU A 167 -25.20 -5.92 -14.94
CA LEU A 167 -26.40 -6.13 -14.13
C LEU A 167 -26.04 -6.28 -12.66
N GLU A 168 -25.01 -7.09 -12.38
CA GLU A 168 -24.49 -7.20 -11.01
C GLU A 168 -24.24 -5.83 -10.42
N ILE A 169 -23.56 -4.98 -11.19
CA ILE A 169 -23.11 -3.69 -10.69
C ILE A 169 -24.29 -2.79 -10.40
N ILE A 170 -25.25 -2.73 -11.32
CA ILE A 170 -26.41 -1.87 -11.08
C ILE A 170 -27.23 -2.38 -9.90
N LYS A 171 -27.40 -3.72 -9.80
CA LYS A 171 -28.16 -4.26 -8.69
C LYS A 171 -27.45 -4.04 -7.35
N SER A 172 -26.12 -3.88 -7.36
CA SER A 172 -25.42 -3.70 -6.10
C SER A 172 -25.72 -2.33 -5.47
N PHE A 173 -26.10 -1.34 -6.27
CA PHE A 173 -26.40 -0.01 -5.75
C PHE A 173 -27.87 0.18 -5.39
N LYS A 174 -28.58 -0.89 -5.06
CA LYS A 174 -29.92 -0.74 -4.55
C LYS A 174 -29.88 -0.09 -3.16
N GLY A 175 -30.82 0.83 -2.93
CA GLY A 175 -30.82 1.59 -1.69
C GLY A 175 -29.80 2.70 -1.62
N TRP A 176 -28.97 2.86 -2.66
CA TRP A 176 -27.97 3.90 -2.73
C TRP A 176 -28.28 4.91 -3.84
N THR A 177 -29.58 5.13 -4.11
CA THR A 177 -29.95 5.99 -5.23
C THR A 177 -29.50 7.43 -5.01
N THR A 178 -29.47 7.90 -3.76
CA THR A 178 -29.06 9.27 -3.48
C THR A 178 -27.60 9.51 -3.87
N TYR A 179 -26.78 8.45 -3.79
CA TYR A 179 -25.40 8.50 -4.23
C TYR A 179 -25.25 8.99 -5.66
N PHE A 180 -26.29 8.85 -6.48
CA PHE A 180 -26.23 9.25 -7.88
C PHE A 180 -26.88 10.61 -8.14
N LYS A 181 -27.47 11.23 -7.11
CA LYS A 181 -28.20 12.48 -7.30
C LYS A 181 -27.39 13.48 -8.13
N GLY A 182 -26.24 13.90 -7.61
CA GLY A 182 -25.39 14.82 -8.35
C GLY A 182 -25.10 14.35 -9.76
N PHE A 183 -24.71 13.09 -9.91
CA PHE A 183 -24.42 12.59 -11.25
C PHE A 183 -25.62 12.79 -12.17
N HIS A 184 -26.82 12.47 -11.69
CA HIS A 184 -28.01 12.68 -12.51
C HIS A 184 -28.19 14.15 -12.84
N GLU A 185 -27.88 15.04 -11.89
CA GLU A 185 -27.90 16.47 -12.19
C GLU A 185 -26.96 16.79 -13.34
N ASN A 186 -25.73 16.25 -13.29
CA ASN A 186 -24.84 16.35 -14.45
C ASN A 186 -25.55 15.94 -15.73
N ARG A 187 -26.21 14.77 -15.70
CA ARG A 187 -26.86 14.25 -16.90
C ARG A 187 -28.04 15.11 -17.34
N LYS A 188 -28.75 15.76 -16.40
CA LYS A 188 -29.81 16.66 -16.83
C LYS A 188 -29.25 17.74 -17.74
N ASN A 189 -28.04 18.21 -17.44
CA ASN A 189 -27.42 19.28 -18.22
C ASN A 189 -27.14 18.87 -19.66
N VAL A 190 -27.22 17.58 -19.98
CA VAL A 190 -27.02 17.13 -21.36
C VAL A 190 -28.25 17.43 -22.22
N TYR A 191 -29.43 17.55 -21.61
CA TYR A 191 -30.66 17.71 -22.39
C TYR A 191 -31.33 19.04 -22.18
N SER A 192 -30.72 19.96 -21.43
CA SER A 192 -31.40 21.18 -21.03
C SER A 192 -31.60 22.12 -22.21
N SER A 193 -32.75 22.78 -22.24
CA SER A 193 -33.06 23.74 -23.29
C SER A 193 -32.49 25.12 -23.00
N ASN A 194 -31.89 25.31 -21.82
CA ASN A 194 -31.21 26.54 -21.49
C ASN A 194 -29.90 26.64 -22.26
N ASP A 195 -29.31 27.83 -22.25
CA ASP A 195 -28.11 28.10 -23.05
C ASP A 195 -26.87 27.72 -22.26
N ILE A 196 -26.72 26.41 -22.05
CA ILE A 196 -25.59 25.83 -21.33
C ILE A 196 -24.83 24.93 -22.28
N PRO A 197 -23.50 25.04 -22.35
CA PRO A 197 -22.74 24.27 -23.36
C PRO A 197 -22.73 22.77 -23.14
N THR A 198 -23.22 22.29 -22.01
CA THR A 198 -23.25 20.85 -21.76
C THR A 198 -24.39 20.15 -22.48
N SER A 199 -25.27 20.88 -23.14
CA SER A 199 -26.49 20.33 -23.72
C SER A 199 -26.29 19.92 -25.17
N ILE A 200 -26.99 18.86 -25.58
CA ILE A 200 -27.00 18.53 -27.00
C ILE A 200 -27.77 19.59 -27.79
N ILE A 201 -28.79 20.20 -27.16
CA ILE A 201 -29.47 21.31 -27.80
C ILE A 201 -28.48 22.40 -28.13
N TYR A 202 -27.66 22.78 -27.14
CA TYR A 202 -26.62 23.78 -27.35
C TYR A 202 -25.63 23.33 -28.41
N ARG A 203 -25.14 22.10 -28.31
CA ARG A 203 -24.12 21.62 -29.24
C ARG A 203 -24.60 21.65 -30.67
N ILE A 204 -25.88 21.37 -30.89
CA ILE A 204 -26.43 21.41 -32.25
C ILE A 204 -26.64 22.85 -32.69
N VAL A 205 -27.42 23.60 -31.92
CA VAL A 205 -27.92 24.90 -32.35
C VAL A 205 -26.92 26.02 -32.09
N ASP A 206 -26.28 26.03 -30.93
CA ASP A 206 -25.37 27.12 -30.59
C ASP A 206 -23.96 26.90 -31.13
N ASP A 207 -23.53 25.65 -31.27
CA ASP A 207 -22.17 25.34 -31.69
C ASP A 207 -22.08 24.91 -33.15
N ASN A 208 -22.75 23.81 -33.50
CA ASN A 208 -22.50 23.17 -34.78
C ASN A 208 -23.27 23.82 -35.93
N LEU A 209 -24.47 24.34 -35.66
CA LEU A 209 -25.24 24.97 -36.73
C LEU A 209 -24.52 26.17 -37.33
N PRO A 210 -23.98 27.10 -36.55
CA PRO A 210 -23.24 28.22 -37.17
C PRO A 210 -22.01 27.76 -37.93
N LYS A 211 -21.32 26.74 -37.41
CA LYS A 211 -20.16 26.22 -38.11
C LYS A 211 -20.55 25.66 -39.47
N PHE A 212 -21.67 24.93 -39.53
CA PHE A 212 -22.10 24.39 -40.82
C PHE A 212 -22.50 25.50 -41.77
N LEU A 213 -23.19 26.53 -41.29
CA LEU A 213 -23.56 27.64 -42.16
C LEU A 213 -22.33 28.38 -42.68
N GLU A 214 -21.34 28.61 -41.79
CA GLU A 214 -20.12 29.27 -42.22
C GLU A 214 -19.40 28.43 -43.26
N ASN A 215 -19.32 27.12 -43.04
CA ASN A 215 -18.70 26.24 -44.01
C ASN A 215 -19.42 26.25 -45.33
N LYS A 216 -20.76 26.34 -45.31
CA LYS A 216 -21.51 26.39 -46.55
C LYS A 216 -21.25 27.69 -47.30
N ALA A 217 -21.22 28.81 -46.58
CA ALA A 217 -20.80 30.07 -47.17
C ALA A 217 -19.43 29.93 -47.82
N LYS A 218 -18.46 29.40 -47.08
CA LYS A 218 -17.12 29.21 -47.59
C LYS A 218 -17.12 28.32 -48.82
N TYR A 219 -17.95 27.28 -48.82
CA TYR A 219 -17.99 26.36 -49.95
C TYR A 219 -18.47 27.06 -51.21
N GLU A 220 -19.56 27.82 -51.11
CA GLU A 220 -20.08 28.49 -52.31
C GLU A 220 -19.15 29.61 -52.76
N SER A 221 -18.60 30.37 -51.81
CA SER A 221 -17.64 31.42 -52.16
C SER A 221 -16.42 30.83 -52.84
N LEU A 222 -15.97 29.67 -52.37
CA LEU A 222 -14.86 28.99 -53.01
C LEU A 222 -15.23 28.51 -54.40
N LYS A 223 -16.46 27.97 -54.56
CA LYS A 223 -16.91 27.53 -55.87
C LYS A 223 -16.89 28.68 -56.87
N ASP A 224 -17.22 29.89 -56.41
CA ASP A 224 -17.16 31.05 -57.29
C ASP A 224 -15.72 31.47 -57.58
N LYS A 225 -14.92 31.66 -56.54
CA LYS A 225 -13.60 32.26 -56.73
C LYS A 225 -12.50 31.25 -57.07
N ALA A 226 -12.70 29.96 -56.78
CA ALA A 226 -11.70 28.94 -57.06
C ALA A 226 -12.41 27.65 -57.46
N PRO A 227 -13.03 27.64 -58.65
CA PRO A 227 -13.78 26.45 -59.08
C PRO A 227 -12.91 25.23 -59.28
N GLU A 228 -11.69 25.42 -59.73
CA GLU A 228 -10.77 24.33 -59.99
C GLU A 228 -10.07 23.83 -58.73
N ALA A 229 -10.52 24.25 -57.55
CA ALA A 229 -9.79 23.93 -56.33
C ALA A 229 -9.90 22.45 -55.97
N ILE A 230 -11.13 21.96 -55.76
CA ILE A 230 -11.35 20.62 -55.25
C ILE A 230 -11.63 19.67 -56.41
N ASN A 231 -11.04 18.47 -56.33
CA ASN A 231 -11.19 17.46 -57.38
C ASN A 231 -12.41 16.59 -57.03
N TYR A 232 -13.56 16.97 -57.58
CA TYR A 232 -14.82 16.34 -57.18
C TYR A 232 -14.83 14.84 -57.49
N GLU A 233 -14.30 14.44 -58.66
CA GLU A 233 -14.23 13.02 -58.99
C GLU A 233 -13.44 12.27 -57.94
N GLN A 234 -12.25 12.78 -57.59
CA GLN A 234 -11.40 12.08 -56.64
C GLN A 234 -12.02 12.04 -55.26
N ILE A 235 -12.64 13.14 -54.82
CA ILE A 235 -13.21 13.15 -53.48
C ILE A 235 -14.44 12.26 -53.41
N LYS A 236 -15.18 12.09 -54.51
CA LYS A 236 -16.28 11.15 -54.48
C LYS A 236 -15.80 9.71 -54.51
N LYS A 237 -14.67 9.44 -55.19
CA LYS A 237 -14.08 8.11 -55.12
C LYS A 237 -13.56 7.80 -53.72
N ASP A 238 -12.85 8.75 -53.12
CA ASP A 238 -12.12 8.51 -51.89
C ASP A 238 -13.03 8.51 -50.67
N LEU A 239 -14.05 9.37 -50.67
CA LEU A 239 -14.85 9.58 -49.47
C LEU A 239 -16.29 9.16 -49.70
N ALA A 240 -16.49 8.16 -50.55
CA ALA A 240 -17.85 7.66 -50.81
C ALA A 240 -18.52 7.22 -49.51
N GLU A 241 -17.76 6.60 -48.62
CA GLU A 241 -18.32 6.04 -47.39
C GLU A 241 -18.90 7.15 -46.52
N GLU A 242 -18.26 8.31 -46.50
CA GLU A 242 -18.71 9.45 -45.71
C GLU A 242 -19.63 10.38 -46.47
N LEU A 243 -19.78 10.18 -47.78
CA LEU A 243 -20.74 10.93 -48.58
C LEU A 243 -22.04 10.17 -48.77
N THR A 244 -22.14 8.98 -48.21
CA THR A 244 -23.36 8.18 -48.30
C THR A 244 -24.33 8.58 -47.20
N PHE A 245 -25.56 8.90 -47.59
CA PHE A 245 -26.62 9.21 -46.65
C PHE A 245 -27.91 8.57 -47.12
N ASP A 246 -28.79 8.26 -46.17
CA ASP A 246 -30.04 7.58 -46.50
C ASP A 246 -31.13 8.55 -46.95
N ILE A 247 -31.07 9.81 -46.54
CA ILE A 247 -32.18 10.74 -46.69
C ILE A 247 -31.64 12.09 -47.13
N ASP A 248 -32.02 12.52 -48.34
CA ASP A 248 -31.74 13.88 -48.81
C ASP A 248 -32.87 14.76 -48.30
N TYR A 249 -32.59 15.54 -47.26
CA TYR A 249 -33.63 16.31 -46.59
C TYR A 249 -34.12 17.50 -47.41
N LYS A 250 -33.45 17.87 -48.50
CA LYS A 250 -33.98 18.92 -49.35
C LYS A 250 -35.11 18.42 -50.22
N THR A 251 -34.91 17.26 -50.83
CA THR A 251 -35.89 16.64 -51.71
C THR A 251 -36.77 15.62 -50.99
N SER A 252 -36.45 15.29 -49.74
CA SER A 252 -37.14 14.29 -48.92
C SER A 252 -37.03 12.88 -49.50
N GLU A 253 -36.07 12.65 -50.39
CA GLU A 253 -35.92 11.34 -51.03
C GLU A 253 -35.22 10.38 -50.10
N VAL A 254 -35.89 9.28 -49.77
CA VAL A 254 -35.29 8.24 -48.93
C VAL A 254 -34.57 7.29 -49.89
N ASN A 255 -33.37 7.70 -50.30
CA ASN A 255 -32.54 6.87 -51.15
C ASN A 255 -31.11 6.93 -50.62
N GLN A 256 -30.49 5.77 -50.48
CA GLN A 256 -29.13 5.69 -49.96
C GLN A 256 -28.14 5.71 -51.12
N ARG A 257 -27.26 6.69 -51.13
CA ARG A 257 -26.37 6.92 -52.26
C ARG A 257 -25.25 7.84 -51.80
N VAL A 258 -24.31 8.09 -52.70
CA VAL A 258 -23.22 9.03 -52.46
C VAL A 258 -23.70 10.43 -52.82
N PHE A 259 -23.57 11.36 -51.88
CA PHE A 259 -24.00 12.72 -52.13
C PHE A 259 -22.93 13.52 -52.84
N SER A 260 -23.36 14.52 -53.60
CA SER A 260 -22.44 15.51 -54.11
C SER A 260 -22.07 16.48 -52.99
N LEU A 261 -20.95 17.19 -53.18
CA LEU A 261 -20.65 18.28 -52.25
C LEU A 261 -21.74 19.34 -52.29
N ASP A 262 -22.37 19.52 -53.45
CA ASP A 262 -23.50 20.43 -53.54
C ASP A 262 -24.62 20.02 -52.61
N GLU A 263 -24.85 18.70 -52.49
CA GLU A 263 -25.91 18.19 -51.64
C GLU A 263 -25.52 18.23 -50.16
N VAL A 264 -24.29 17.83 -49.83
CA VAL A 264 -23.90 17.84 -48.41
C VAL A 264 -23.95 19.23 -47.83
N PHE A 265 -23.88 20.27 -48.66
CA PHE A 265 -23.93 21.64 -48.20
C PHE A 265 -25.27 22.30 -48.47
N GLU A 266 -26.24 21.55 -49.00
CA GLU A 266 -27.61 22.03 -49.00
C GLU A 266 -28.10 22.14 -47.56
N ILE A 267 -28.71 23.27 -47.22
CA ILE A 267 -28.93 23.60 -45.81
C ILE A 267 -29.74 22.51 -45.10
N ALA A 268 -30.74 21.93 -45.77
CA ALA A 268 -31.61 20.97 -45.11
C ALA A 268 -30.83 19.73 -44.69
N ASN A 269 -29.80 19.39 -45.44
CA ASN A 269 -29.03 18.18 -45.18
C ASN A 269 -28.21 18.36 -43.91
N PHE A 270 -28.35 19.54 -43.28
CA PHE A 270 -27.81 19.70 -41.93
C PHE A 270 -28.42 18.68 -40.98
N ASN A 271 -29.64 18.22 -41.27
CA ASN A 271 -30.28 17.16 -40.49
C ASN A 271 -29.43 15.89 -40.45
N ASN A 272 -28.52 15.71 -41.41
CA ASN A 272 -27.68 14.54 -41.44
C ASN A 272 -26.45 14.66 -40.54
N TYR A 273 -26.20 15.83 -39.94
CA TYR A 273 -25.01 16.05 -39.12
C TYR A 273 -25.35 16.38 -37.68
N LEU A 274 -26.42 15.80 -37.15
CA LEU A 274 -26.80 16.08 -35.76
C LEU A 274 -26.18 15.08 -34.78
N ASN A 275 -26.14 13.80 -35.14
CA ASN A 275 -25.55 12.77 -34.29
C ASN A 275 -24.05 12.67 -34.53
N GLN A 276 -23.38 11.84 -33.73
CA GLN A 276 -21.94 11.74 -33.83
C GLN A 276 -21.52 11.09 -35.15
N SER A 277 -22.30 10.13 -35.64
CA SER A 277 -21.94 9.46 -36.88
C SER A 277 -21.91 10.44 -38.06
N GLY A 278 -22.95 11.25 -38.20
CA GLY A 278 -22.96 12.26 -39.25
C GLY A 278 -21.91 13.32 -39.04
N ILE A 279 -21.64 13.69 -37.78
CA ILE A 279 -20.58 14.64 -37.50
C ILE A 279 -19.24 14.11 -38.00
N THR A 280 -18.96 12.84 -37.71
CA THR A 280 -17.70 12.27 -38.18
C THR A 280 -17.66 12.20 -39.69
N LYS A 281 -18.79 11.86 -40.34
CA LYS A 281 -18.83 11.89 -41.79
C LYS A 281 -18.43 13.25 -42.33
N PHE A 282 -19.12 14.30 -41.87
CA PHE A 282 -18.86 15.66 -42.34
C PHE A 282 -17.42 16.08 -42.06
N ASN A 283 -16.92 15.78 -40.87
CA ASN A 283 -15.55 16.13 -40.55
C ASN A 283 -14.54 15.32 -41.36
N THR A 284 -14.93 14.13 -41.83
CA THR A 284 -14.04 13.36 -42.70
C THR A 284 -14.03 13.95 -44.09
N ILE A 285 -15.20 14.40 -44.55
CA ILE A 285 -15.26 15.12 -45.82
C ILE A 285 -14.34 16.33 -45.78
N ILE A 286 -14.25 16.98 -44.62
CA ILE A 286 -13.34 18.12 -44.50
C ILE A 286 -11.89 17.65 -44.42
N GLY A 287 -11.62 16.54 -43.74
CA GLY A 287 -10.26 16.20 -43.41
C GLY A 287 -9.58 15.02 -44.10
N GLY A 288 -10.31 14.21 -44.87
CA GLY A 288 -9.62 13.07 -45.47
C GLY A 288 -9.30 11.99 -44.43
N LYS A 289 -8.56 10.99 -44.89
CA LYS A 289 -8.30 9.83 -44.02
C LYS A 289 -7.17 8.99 -44.60
N PHE A 290 -6.49 8.27 -43.70
CA PHE A 290 -5.52 7.24 -44.08
C PHE A 290 -6.24 5.90 -44.15
N VAL A 291 -5.90 5.10 -45.17
CA VAL A 291 -6.52 3.81 -45.38
C VAL A 291 -5.44 2.74 -45.38
N ASN A 292 -5.62 1.71 -44.56
CA ASN A 292 -4.60 0.71 -44.33
C ASN A 292 -4.16 0.08 -45.65
N GLY A 293 -2.87 0.21 -45.96
CA GLY A 293 -2.30 -0.39 -47.15
C GLY A 293 -2.11 0.56 -48.31
N GLU A 294 -2.69 1.76 -48.24
CA GLU A 294 -2.49 2.78 -49.27
C GLU A 294 -1.41 3.74 -48.81
N ASN A 295 -0.37 3.91 -49.63
CA ASN A 295 0.73 4.76 -49.18
C ASN A 295 0.38 6.24 -49.24
N THR A 296 -0.57 6.63 -50.09
CA THR A 296 -0.98 8.02 -50.20
C THR A 296 -2.26 8.24 -49.42
N LYS A 297 -2.28 9.31 -48.61
CA LYS A 297 -3.44 9.62 -47.80
C LYS A 297 -4.51 10.29 -48.66
N ARG A 298 -5.76 9.89 -48.44
CA ARG A 298 -6.87 10.48 -49.17
C ARG A 298 -7.16 11.89 -48.65
N LYS A 299 -7.47 12.80 -49.58
CA LYS A 299 -7.54 14.21 -49.25
C LYS A 299 -8.97 14.66 -49.00
N GLY A 300 -9.11 15.61 -48.05
CA GLY A 300 -10.38 16.26 -47.79
C GLY A 300 -10.45 17.64 -48.42
N ILE A 301 -11.52 18.36 -48.08
CA ILE A 301 -11.76 19.66 -48.72
C ILE A 301 -10.65 20.64 -48.38
N ASN A 302 -10.29 20.72 -47.10
CA ASN A 302 -9.28 21.68 -46.70
C ASN A 302 -7.95 21.42 -47.37
N GLU A 303 -7.60 20.15 -47.61
CA GLU A 303 -6.33 19.86 -48.25
C GLU A 303 -6.33 20.27 -49.71
N TYR A 304 -7.45 20.09 -50.41
CA TYR A 304 -7.54 20.58 -51.79
C TYR A 304 -7.44 22.09 -51.82
N ILE A 305 -8.09 22.76 -50.86
CA ILE A 305 -8.02 24.22 -50.79
C ILE A 305 -6.57 24.66 -50.61
N ASN A 306 -5.85 24.05 -49.67
CA ASN A 306 -4.48 24.46 -49.41
C ASN A 306 -3.58 24.14 -50.60
N LEU A 307 -3.78 22.98 -51.24
CA LEU A 307 -2.95 22.63 -52.40
C LEU A 307 -3.18 23.59 -53.55
N TYR A 308 -4.43 23.98 -53.80
CA TYR A 308 -4.69 24.94 -54.87
C TYR A 308 -4.11 26.31 -54.52
N SER A 309 -4.20 26.69 -53.25
CA SER A 309 -3.59 27.93 -52.79
C SER A 309 -2.10 27.93 -53.09
N GLN A 310 -1.41 26.84 -52.72
CA GLN A 310 0.00 26.72 -53.02
C GLN A 310 0.25 26.70 -54.53
N GLN A 311 -0.64 26.07 -55.29
CA GLN A 311 -0.44 25.94 -56.73
C GLN A 311 -0.45 27.29 -57.43
N ILE A 312 -1.49 28.10 -57.16
CA ILE A 312 -1.61 29.39 -57.85
C ILE A 312 -1.04 30.54 -57.03
N ASN A 313 -0.42 30.24 -55.88
CA ASN A 313 0.29 31.24 -55.06
C ASN A 313 -0.63 32.36 -54.58
N ASP A 314 -1.78 31.96 -54.04
CA ASP A 314 -2.76 32.90 -53.50
C ASP A 314 -3.07 32.52 -52.06
N LYS A 315 -2.58 33.33 -51.11
CA LYS A 315 -2.85 33.06 -49.71
C LYS A 315 -4.25 33.46 -49.28
N THR A 316 -4.95 34.27 -50.07
CA THR A 316 -6.33 34.62 -49.77
C THR A 316 -7.20 33.38 -49.61
N LEU A 317 -6.87 32.29 -50.31
CA LEU A 317 -7.65 31.08 -50.22
C LEU A 317 -7.65 30.49 -48.81
N LYS A 318 -6.64 30.83 -48.00
CA LYS A 318 -6.67 30.43 -46.59
C LYS A 318 -7.95 30.85 -45.90
N LYS A 319 -8.64 31.87 -46.42
CA LYS A 319 -9.87 32.35 -45.81
C LYS A 319 -10.99 31.32 -45.87
N TYR A 320 -10.96 30.44 -46.87
CA TYR A 320 -12.07 29.51 -47.10
C TYR A 320 -11.87 28.17 -46.40
N LYS A 321 -11.03 28.12 -45.36
CA LYS A 321 -10.78 26.88 -44.67
C LYS A 321 -12.00 26.46 -43.85
N MET A 322 -12.40 25.21 -44.03
CA MET A 322 -13.61 24.72 -43.36
C MET A 322 -13.36 24.50 -41.88
N SER A 323 -14.42 24.63 -41.09
CA SER A 323 -14.37 24.44 -39.65
C SER A 323 -14.97 23.09 -39.28
N VAL A 324 -14.23 22.33 -38.49
CA VAL A 324 -14.70 21.02 -38.02
C VAL A 324 -15.86 21.21 -37.04
N LEU A 325 -16.88 20.36 -37.18
CA LEU A 325 -18.00 20.37 -36.24
C LEU A 325 -17.59 19.73 -34.90
N PHE A 326 -18.10 20.28 -33.81
CA PHE A 326 -17.80 19.73 -32.49
C PHE A 326 -18.53 18.41 -32.27
N LYS A 327 -17.95 17.55 -31.42
CA LYS A 327 -18.50 16.23 -31.17
C LYS A 327 -19.85 16.32 -30.45
N GLN A 328 -20.60 15.22 -30.48
CA GLN A 328 -21.87 15.19 -29.77
C GLN A 328 -21.63 14.84 -28.29
N ILE A 329 -22.56 15.31 -27.45
CA ILE A 329 -22.25 15.56 -26.05
C ILE A 329 -21.84 14.33 -25.23
N LEU A 330 -22.25 13.11 -25.53
CA LEU A 330 -21.74 12.01 -24.73
C LEU A 330 -21.07 10.93 -25.56
N SER A 331 -20.80 11.21 -26.82
CA SER A 331 -20.55 10.17 -27.80
C SER A 331 -19.14 9.61 -27.68
N ASP A 332 -19.03 8.29 -27.77
CA ASP A 332 -17.76 7.67 -28.07
C ASP A 332 -17.38 8.02 -29.51
N THR A 333 -16.11 8.35 -29.70
CA THR A 333 -15.65 8.82 -31.00
C THR A 333 -15.12 7.65 -31.81
N GLU A 334 -15.63 7.51 -33.03
CA GLU A 334 -15.13 6.52 -33.98
C GLU A 334 -14.30 7.25 -35.03
N SER A 335 -13.18 6.64 -35.40
CA SER A 335 -12.30 7.22 -36.41
C SER A 335 -12.50 6.51 -37.74
N LYS A 336 -12.64 7.29 -38.80
CA LYS A 336 -12.69 6.71 -40.14
C LYS A 336 -11.31 6.43 -40.70
N SER A 337 -10.29 7.10 -40.18
CA SER A 337 -8.93 6.88 -40.60
C SER A 337 -8.32 5.69 -39.87
N PHE A 338 -7.18 5.21 -40.38
CA PHE A 338 -6.55 4.04 -39.79
C PHE A 338 -6.06 4.33 -38.37
N VAL A 339 -6.14 3.32 -37.50
CA VAL A 339 -5.70 3.41 -36.11
C VAL A 339 -4.78 2.23 -35.82
N ILE A 340 -3.58 2.53 -35.32
CA ILE A 340 -2.54 1.50 -35.17
C ILE A 340 -2.82 0.65 -33.94
N ASP A 341 -2.24 -0.56 -33.94
CA ASP A 341 -2.32 -1.44 -32.78
C ASP A 341 -1.57 -0.82 -31.59
N LYS A 342 -1.75 -1.44 -30.42
CA LYS A 342 -1.16 -0.94 -29.18
C LYS A 342 -0.35 -2.03 -28.50
N LEU A 343 0.89 -1.70 -28.15
CA LEU A 343 1.67 -2.57 -27.30
C LEU A 343 1.12 -2.54 -25.88
N GLU A 344 1.03 -3.71 -25.26
CA GLU A 344 0.33 -3.83 -23.98
C GLU A 344 1.24 -3.47 -22.80
N ASP A 345 2.43 -4.05 -22.73
CA ASP A 345 3.27 -3.86 -21.56
C ASP A 345 4.74 -3.81 -22.01
N ASP A 346 5.64 -3.83 -21.03
CA ASP A 346 7.07 -3.80 -21.34
C ASP A 346 7.46 -4.95 -22.25
N SER A 347 7.03 -6.16 -21.90
CA SER A 347 7.43 -7.34 -22.65
C SER A 347 7.07 -7.21 -24.12
N ASP A 348 5.91 -6.61 -24.42
CA ASP A 348 5.53 -6.37 -25.81
C ASP A 348 6.58 -5.52 -26.50
N VAL A 349 7.03 -4.44 -25.84
CA VAL A 349 7.98 -3.53 -26.45
C VAL A 349 9.29 -4.25 -26.75
N VAL A 350 9.83 -4.94 -25.75
CA VAL A 350 11.14 -5.56 -25.96
C VAL A 350 11.07 -6.70 -26.97
N THR A 351 10.02 -7.52 -26.91
CA THR A 351 9.93 -8.64 -27.86
C THR A 351 9.73 -8.14 -29.29
N THR A 352 8.91 -7.09 -29.47
CA THR A 352 8.70 -6.57 -30.82
C THR A 352 9.98 -5.95 -31.37
N MET A 353 10.71 -5.21 -30.54
CA MET A 353 12.01 -4.69 -30.97
C MET A 353 12.96 -5.81 -31.38
N GLN A 354 13.10 -6.82 -30.52
CA GLN A 354 14.01 -7.91 -30.82
C GLN A 354 13.61 -8.64 -32.09
N SER A 355 12.31 -8.85 -32.30
CA SER A 355 11.88 -9.48 -33.53
C SER A 355 12.27 -8.64 -34.73
N PHE A 356 12.07 -7.31 -34.65
CA PHE A 356 12.40 -6.45 -35.79
C PHE A 356 13.88 -6.53 -36.12
N TYR A 357 14.74 -6.39 -35.10
CA TYR A 357 16.16 -6.30 -35.39
C TYR A 357 16.79 -7.65 -35.72
N GLU A 358 16.26 -8.75 -35.15
CA GLU A 358 16.67 -10.07 -35.60
C GLU A 358 16.26 -10.31 -37.05
N GLN A 359 15.05 -9.88 -37.41
CA GLN A 359 14.61 -10.01 -38.80
C GLN A 359 15.53 -9.24 -39.74
N ILE A 360 15.89 -8.02 -39.36
CA ILE A 360 16.75 -7.20 -40.22
C ILE A 360 18.16 -7.78 -40.31
N ALA A 361 18.62 -8.42 -39.23
CA ALA A 361 19.97 -8.99 -39.25
C ALA A 361 20.02 -10.24 -40.12
N ALA A 362 19.10 -11.18 -39.90
CA ALA A 362 19.18 -12.47 -40.58
C ALA A 362 18.67 -12.43 -42.02
N PHE A 363 18.09 -11.33 -42.46
CA PHE A 363 17.47 -11.30 -43.78
C PHE A 363 18.50 -11.41 -44.90
N LYS A 364 18.12 -12.09 -45.97
CA LYS A 364 18.93 -12.24 -47.16
C LYS A 364 18.06 -11.99 -48.38
N THR A 365 18.63 -11.33 -49.40
CA THR A 365 17.90 -11.04 -50.62
C THR A 365 17.89 -12.25 -51.53
N VAL A 366 17.27 -12.11 -52.71
CA VAL A 366 17.28 -13.20 -53.69
C VAL A 366 18.72 -13.52 -54.11
N GLU A 367 19.58 -12.49 -54.15
CA GLU A 367 21.00 -12.66 -54.41
C GLU A 367 21.78 -13.12 -53.18
N GLU A 368 21.10 -13.73 -52.21
CA GLU A 368 21.66 -14.29 -50.98
C GLU A 368 22.79 -13.42 -50.41
N LYS A 369 22.41 -12.19 -50.05
CA LYS A 369 23.31 -11.26 -49.37
C LYS A 369 22.52 -10.47 -48.33
N SER A 370 23.23 -10.02 -47.29
CA SER A 370 22.58 -9.29 -46.21
C SER A 370 22.19 -7.90 -46.68
N ILE A 371 21.35 -7.23 -45.89
CA ILE A 371 20.96 -5.87 -46.22
C ILE A 371 22.18 -4.97 -46.28
N LYS A 372 23.04 -5.06 -45.26
CA LYS A 372 24.24 -4.23 -45.21
C LYS A 372 25.13 -4.47 -46.42
N GLU A 373 25.53 -5.73 -46.65
CA GLU A 373 26.39 -6.04 -47.79
C GLU A 373 25.74 -5.65 -49.11
N THR A 374 24.42 -5.88 -49.22
CA THR A 374 23.73 -5.60 -50.47
C THR A 374 23.73 -4.11 -50.80
N LEU A 375 23.27 -3.29 -49.85
CA LEU A 375 23.31 -1.84 -50.05
C LEU A 375 24.73 -1.37 -50.30
N SER A 376 25.71 -1.97 -49.62
CA SER A 376 27.10 -1.59 -49.84
C SER A 376 27.49 -1.80 -51.28
N LEU A 377 27.25 -3.01 -51.81
CA LEU A 377 27.63 -3.30 -53.19
C LEU A 377 26.84 -2.44 -54.17
N LEU A 378 25.55 -2.23 -53.91
CA LEU A 378 24.72 -1.43 -54.79
C LEU A 378 25.27 -0.01 -54.90
N PHE A 379 25.52 0.62 -53.76
CA PHE A 379 25.98 2.01 -53.77
C PHE A 379 27.44 2.12 -54.22
N ASP A 380 28.24 1.05 -54.06
CA ASP A 380 29.60 1.08 -54.58
C ASP A 380 29.62 1.00 -56.08
N ASP A 381 28.78 0.13 -56.66
CA ASP A 381 28.65 0.10 -58.12
C ASP A 381 28.11 1.42 -58.64
N LEU A 382 27.15 2.02 -57.93
CA LEU A 382 26.67 3.35 -58.30
C LEU A 382 27.80 4.37 -58.25
N LYS A 383 28.62 4.33 -57.20
CA LYS A 383 29.76 5.24 -57.08
C LYS A 383 30.74 5.05 -58.23
N ALA A 384 30.90 3.81 -58.71
CA ALA A 384 31.85 3.48 -59.77
C ALA A 384 31.24 3.58 -61.16
N GLN A 385 30.08 4.23 -61.30
CA GLN A 385 29.45 4.50 -62.59
C GLN A 385 29.09 3.24 -63.35
N LYS A 386 28.84 2.13 -62.67
CA LYS A 386 28.56 0.89 -63.36
C LYS A 386 27.08 0.75 -63.75
N LEU A 387 26.23 1.67 -63.32
CA LEU A 387 24.80 1.57 -63.58
C LEU A 387 24.35 2.66 -64.54
N ASP A 388 23.21 2.41 -65.18
CA ASP A 388 22.64 3.33 -66.16
C ASP A 388 21.84 4.40 -65.42
N LEU A 389 22.41 5.61 -65.34
CA LEU A 389 21.78 6.67 -64.55
C LEU A 389 20.48 7.19 -65.15
N SER A 390 20.12 6.76 -66.36
CA SER A 390 18.83 7.09 -66.94
C SER A 390 17.75 6.09 -66.54
N LYS A 391 18.10 5.04 -65.81
CA LYS A 391 17.14 4.04 -65.33
C LYS A 391 17.13 3.93 -63.81
N ILE A 392 17.70 4.92 -63.12
CA ILE A 392 17.64 4.99 -61.67
C ILE A 392 17.13 6.37 -61.30
N TYR A 393 16.17 6.43 -60.38
CA TYR A 393 15.41 7.64 -60.14
C TYR A 393 15.44 8.02 -58.67
N PHE A 394 15.39 9.33 -58.44
CA PHE A 394 15.15 9.95 -57.15
C PHE A 394 13.71 10.43 -57.08
N LYS A 395 13.09 10.25 -55.92
CA LYS A 395 11.77 10.84 -55.70
C LYS A 395 11.89 12.35 -55.66
N ASN A 396 11.03 13.03 -56.41
CA ASN A 396 11.08 14.49 -56.52
C ASN A 396 10.33 15.16 -55.37
N ASP A 397 10.30 14.51 -54.23
CA ASP A 397 9.59 15.04 -53.08
C ASP A 397 10.60 15.58 -52.06
N LYS A 398 10.19 15.64 -50.79
CA LYS A 398 11.03 16.25 -49.76
C LYS A 398 12.37 15.54 -49.62
N SER A 399 12.43 14.27 -50.03
CA SER A 399 13.68 13.52 -49.95
C SER A 399 14.77 14.16 -50.80
N LEU A 400 14.42 14.59 -52.01
CA LEU A 400 15.41 15.23 -52.88
C LEU A 400 15.86 16.57 -52.30
N THR A 401 14.91 17.34 -51.78
CA THR A 401 15.25 18.60 -51.12
C THR A 401 16.17 18.36 -49.92
N ASP A 402 15.85 17.35 -49.12
CA ASP A 402 16.69 16.98 -47.98
C ASP A 402 18.08 16.59 -48.44
N LEU A 403 18.17 15.90 -49.58
CA LEU A 403 19.49 15.57 -50.12
C LEU A 403 20.25 16.82 -50.53
N SER A 404 19.56 17.75 -51.19
CA SER A 404 20.20 18.99 -51.60
C SER A 404 20.74 19.74 -50.38
N GLN A 405 19.94 19.82 -49.32
CA GLN A 405 20.39 20.48 -48.09
C GLN A 405 21.55 19.74 -47.44
N GLN A 406 21.54 18.41 -47.49
CA GLN A 406 22.56 17.63 -46.78
C GLN A 406 23.91 17.72 -47.48
N VAL A 407 23.91 17.73 -48.82
CA VAL A 407 25.15 17.63 -49.58
C VAL A 407 25.62 18.96 -50.16
N PHE A 408 24.73 19.91 -50.43
CA PHE A 408 25.11 21.21 -50.98
C PHE A 408 24.76 22.37 -50.07
N ASP A 409 24.24 22.11 -48.86
CA ASP A 409 23.89 23.11 -47.86
C ASP A 409 22.85 24.11 -48.37
N ASP A 410 22.05 23.71 -49.37
CA ASP A 410 20.97 24.53 -49.89
C ASP A 410 19.92 23.60 -50.47
N TYR A 411 18.70 23.68 -49.94
CA TYR A 411 17.64 22.76 -50.35
C TYR A 411 17.26 22.95 -51.81
N SER A 412 17.49 24.13 -52.36
CA SER A 412 16.96 24.50 -53.66
C SER A 412 17.96 24.30 -54.80
N VAL A 413 19.16 23.78 -54.50
CA VAL A 413 20.19 23.65 -55.53
C VAL A 413 19.76 22.67 -56.60
N ILE A 414 19.41 21.45 -56.21
CA ILE A 414 19.08 20.43 -57.20
C ILE A 414 17.83 20.81 -57.98
N GLY A 415 16.84 21.36 -57.29
CA GLY A 415 15.59 21.70 -57.96
C GLY A 415 15.76 22.80 -58.99
N THR A 416 16.44 23.89 -58.61
CA THR A 416 16.67 24.96 -59.57
C THR A 416 17.62 24.53 -60.67
N ALA A 417 18.56 23.64 -60.37
CA ALA A 417 19.45 23.13 -61.41
C ALA A 417 18.67 22.33 -62.46
N VAL A 418 17.77 21.46 -62.01
CA VAL A 418 16.96 20.68 -62.93
C VAL A 418 15.99 21.57 -63.70
N LEU A 419 15.43 22.59 -63.03
CA LEU A 419 14.53 23.50 -63.74
C LEU A 419 15.28 24.28 -64.82
N GLU A 420 16.49 24.75 -64.51
CA GLU A 420 17.29 25.45 -65.52
C GLU A 420 17.68 24.54 -66.67
N TYR A 421 18.09 23.30 -66.36
CA TYR A 421 18.46 22.38 -67.43
C TYR A 421 17.28 22.07 -68.35
N ILE A 422 16.11 21.76 -67.77
CA ILE A 422 14.95 21.43 -68.58
C ILE A 422 14.46 22.65 -69.35
N THR A 423 14.56 23.84 -68.74
CA THR A 423 14.18 25.06 -69.43
C THR A 423 15.09 25.31 -70.63
N GLN A 424 16.40 25.17 -70.43
CA GLN A 424 17.35 25.39 -71.51
C GLN A 424 17.19 24.33 -72.61
N GLN A 425 16.80 23.11 -72.24
CA GLN A 425 16.66 22.07 -73.26
C GLN A 425 15.37 22.24 -74.06
N ILE A 426 14.25 22.50 -73.39
CA ILE A 426 12.97 22.57 -74.09
C ILE A 426 12.88 23.84 -74.93
N ALA A 427 13.42 24.96 -74.44
CA ALA A 427 13.34 26.23 -75.17
C ALA A 427 14.62 27.02 -74.94
N PRO A 428 15.64 26.83 -75.78
CA PRO A 428 16.86 27.64 -75.64
C PRO A 428 16.60 29.13 -75.87
N LYS A 429 15.83 29.46 -76.91
CA LYS A 429 15.35 30.82 -77.08
C LYS A 429 14.23 31.09 -76.08
N ASN A 430 14.06 32.37 -75.76
CA ASN A 430 13.02 32.81 -74.82
C ASN A 430 13.11 32.05 -73.49
N LEU A 431 14.31 32.06 -72.91
CA LEU A 431 14.51 31.40 -71.62
C LEU A 431 13.70 32.07 -70.53
N ASP A 432 13.65 33.40 -70.54
CA ASP A 432 12.92 34.13 -69.52
C ASP A 432 11.40 33.95 -69.68
N ASN A 433 10.92 33.88 -70.92
CA ASN A 433 9.50 33.72 -71.21
C ASN A 433 9.26 32.47 -72.05
N PRO A 434 8.92 31.35 -71.44
CA PRO A 434 8.58 30.15 -72.23
C PRO A 434 7.21 30.32 -72.88
N SER A 435 6.97 29.52 -73.91
CA SER A 435 5.70 29.61 -74.62
C SER A 435 4.60 28.93 -73.81
N LYS A 436 3.36 29.07 -74.32
CA LYS A 436 2.20 28.52 -73.61
C LYS A 436 2.22 27.00 -73.57
N LYS A 437 2.71 26.36 -74.64
CA LYS A 437 2.87 24.92 -74.66
C LYS A 437 4.17 24.49 -73.97
N GLU A 438 5.24 25.28 -74.16
CA GLU A 438 6.51 24.96 -73.50
C GLU A 438 6.41 25.11 -72.00
N GLN A 439 5.55 26.00 -71.50
CA GLN A 439 5.42 26.13 -70.05
C GLN A 439 4.81 24.87 -69.44
N GLU A 440 3.74 24.35 -70.05
CA GLU A 440 3.15 23.11 -69.57
C GLU A 440 4.12 21.94 -69.71
N LEU A 441 4.86 21.89 -70.81
CA LEU A 441 5.85 20.82 -70.99
C LEU A 441 6.97 20.92 -69.96
N ILE A 442 7.48 22.13 -69.72
CA ILE A 442 8.49 22.36 -68.69
C ILE A 442 7.99 21.85 -67.35
N ALA A 443 6.83 22.36 -66.91
CA ALA A 443 6.32 21.99 -65.60
C ALA A 443 6.05 20.49 -65.51
N LYS A 444 5.56 19.89 -66.60
CA LYS A 444 5.31 18.44 -66.55
C LYS A 444 6.61 17.67 -66.46
N LYS A 445 7.70 18.20 -67.03
CA LYS A 445 8.98 17.50 -66.99
C LYS A 445 9.71 17.68 -65.66
N THR A 446 9.36 18.68 -64.86
CA THR A 446 10.03 18.91 -63.57
C THR A 446 9.04 18.86 -62.42
N GLU A 447 8.20 19.89 -62.26
CA GLU A 447 7.31 19.96 -61.10
C GLU A 447 6.36 18.76 -61.05
N LYS A 448 5.75 18.41 -62.19
CA LYS A 448 4.78 17.32 -62.22
C LYS A 448 5.43 15.95 -62.16
N ALA A 449 6.67 15.82 -62.62
CA ALA A 449 7.35 14.53 -62.60
C ALA A 449 7.52 14.03 -61.17
N LYS A 450 6.94 12.86 -60.88
CA LYS A 450 7.10 12.24 -59.56
C LYS A 450 8.56 11.94 -59.27
N TYR A 451 9.29 11.48 -60.28
CA TYR A 451 10.66 11.03 -60.12
C TYR A 451 11.54 11.68 -61.17
N LEU A 452 12.84 11.79 -60.85
CA LEU A 452 13.83 12.33 -61.76
C LEU A 452 14.98 11.34 -61.86
N SER A 453 15.48 11.13 -63.07
CA SER A 453 16.60 10.20 -63.24
C SER A 453 17.90 10.81 -62.69
N LEU A 454 18.80 9.94 -62.25
CA LEU A 454 20.14 10.40 -61.89
C LEU A 454 20.84 11.03 -63.07
N GLU A 455 20.55 10.54 -64.28
CA GLU A 455 21.06 11.16 -65.50
C GLU A 455 20.66 12.63 -65.56
N THR A 456 19.37 12.90 -65.38
CA THR A 456 18.89 14.27 -65.40
C THR A 456 19.57 15.12 -64.34
N ILE A 457 19.69 14.59 -63.12
CA ILE A 457 20.34 15.33 -62.04
C ILE A 457 21.78 15.65 -62.40
N LYS A 458 22.51 14.67 -62.91
CA LYS A 458 23.92 14.86 -63.19
C LYS A 458 24.14 15.91 -64.28
N LEU A 459 23.38 15.80 -65.37
CA LEU A 459 23.53 16.77 -66.45
C LEU A 459 23.08 18.17 -66.01
N ALA A 460 22.01 18.25 -65.22
CA ALA A 460 21.55 19.53 -64.71
C ALA A 460 22.60 20.17 -63.82
N LEU A 461 23.24 19.37 -62.95
CA LEU A 461 24.28 19.91 -62.07
C LEU A 461 25.49 20.38 -62.86
N GLU A 462 25.86 19.62 -63.91
CA GLU A 462 27.01 20.02 -64.71
C GLU A 462 26.74 21.32 -65.46
N GLU A 463 25.52 21.49 -65.98
CA GLU A 463 25.17 22.77 -66.60
C GLU A 463 25.01 23.87 -65.56
N PHE A 464 24.69 23.50 -64.33
CA PHE A 464 24.49 24.48 -63.26
C PHE A 464 25.82 25.06 -62.79
N ASN A 465 26.86 24.22 -62.77
CA ASN A 465 28.15 24.69 -62.27
C ASN A 465 28.78 25.74 -63.16
N LYS A 466 28.45 25.73 -64.46
CA LYS A 466 29.04 26.70 -65.38
C LYS A 466 28.75 28.13 -64.95
N HIS A 467 27.50 28.41 -64.58
CA HIS A 467 27.13 29.75 -64.14
C HIS A 467 27.25 29.94 -62.64
N ARG A 468 27.80 28.96 -61.92
CA ARG A 468 28.07 29.08 -60.50
C ARG A 468 29.55 29.42 -60.28
N ASP A 469 29.83 30.07 -59.15
CA ASP A 469 31.19 30.49 -58.86
C ASP A 469 32.08 29.29 -58.55
N ILE A 470 33.38 29.56 -58.44
CA ILE A 470 34.35 28.49 -58.25
C ILE A 470 34.35 27.99 -56.81
N ASP A 471 34.22 28.91 -55.85
CA ASP A 471 34.25 28.52 -54.45
C ASP A 471 33.03 27.72 -54.04
N LYS A 472 31.90 27.89 -54.74
CA LYS A 472 30.63 27.28 -54.36
C LYS A 472 29.98 26.63 -55.58
N GLN A 473 30.40 25.42 -55.92
CA GLN A 473 29.70 24.67 -56.96
C GLN A 473 29.53 23.22 -56.51
N CYS A 474 28.48 22.60 -57.05
CA CYS A 474 27.90 21.38 -56.50
C CYS A 474 28.07 20.23 -57.48
N ARG A 475 28.80 19.20 -57.07
CA ARG A 475 29.20 18.13 -57.97
C ARG A 475 28.44 16.85 -57.65
N PHE A 476 28.01 16.16 -58.71
CA PHE A 476 27.23 14.92 -58.58
C PHE A 476 27.99 13.86 -57.78
N GLU A 477 29.32 13.87 -57.88
CA GLU A 477 30.14 12.96 -57.10
C GLU A 477 29.88 13.10 -55.60
N GLU A 478 29.51 14.29 -55.15
CA GLU A 478 29.19 14.48 -53.73
C GLU A 478 27.93 13.71 -53.34
N ILE A 479 26.92 13.69 -54.20
CA ILE A 479 25.71 12.92 -53.95
C ILE A 479 26.05 11.43 -53.92
N LEU A 480 26.82 10.98 -54.92
CA LEU A 480 27.23 9.58 -54.93
C LEU A 480 28.00 9.21 -53.66
N ALA A 481 28.86 10.13 -53.19
CA ALA A 481 29.65 9.88 -52.00
C ALA A 481 28.76 9.79 -50.76
N ASN A 482 27.76 10.69 -50.66
CA ASN A 482 26.81 10.58 -49.56
C ASN A 482 26.14 9.22 -49.54
N PHE A 483 25.73 8.73 -50.71
CA PHE A 483 25.08 7.42 -50.71
C PHE A 483 26.05 6.29 -50.39
N ALA A 484 27.32 6.43 -50.79
CA ALA A 484 28.29 5.37 -50.52
C ALA A 484 28.63 5.24 -49.04
N ALA A 485 28.40 6.29 -48.25
CA ALA A 485 28.69 6.22 -46.82
C ALA A 485 27.54 5.62 -46.02
N ILE A 486 26.40 5.35 -46.64
CA ILE A 486 25.23 4.90 -45.89
C ILE A 486 25.44 3.54 -45.22
N PRO A 487 26.05 2.53 -45.87
CA PRO A 487 26.21 1.23 -45.21
C PRO A 487 26.86 1.30 -43.83
N MET A 488 27.81 2.22 -43.63
CA MET A 488 28.47 2.33 -42.32
C MET A 488 27.46 2.46 -41.19
N ILE A 489 26.33 3.11 -41.45
CA ILE A 489 25.29 3.30 -40.45
C ILE A 489 24.94 1.98 -39.78
N PHE A 490 24.80 0.92 -40.59
CA PHE A 490 24.49 -0.40 -40.04
C PHE A 490 25.43 -0.76 -38.89
N ASP A 491 26.74 -0.68 -39.14
CA ASP A 491 27.72 -1.01 -38.12
C ASP A 491 27.45 -0.24 -36.83
N GLU A 492 27.17 1.07 -36.96
CA GLU A 492 26.88 1.88 -35.77
C GLU A 492 25.72 1.28 -35.00
N ILE A 493 24.61 1.00 -35.70
CA ILE A 493 23.46 0.34 -35.09
C ILE A 493 23.90 -0.84 -34.25
N ALA A 494 24.79 -1.67 -34.81
CA ALA A 494 25.25 -2.88 -34.13
C ALA A 494 25.63 -2.61 -32.69
N GLN A 495 26.43 -1.56 -32.46
CA GLN A 495 26.87 -1.23 -31.11
C GLN A 495 25.68 -1.18 -30.17
N ASN A 496 24.72 -0.30 -30.48
CA ASN A 496 23.56 -0.12 -29.62
C ASN A 496 22.92 -1.46 -29.30
N LYS A 497 22.75 -2.31 -30.31
CA LYS A 497 22.07 -3.59 -30.12
C LYS A 497 22.64 -4.33 -28.92
N ASP A 498 23.98 -4.45 -28.85
CA ASP A 498 24.58 -5.22 -27.77
C ASP A 498 24.23 -4.60 -26.42
N ASN A 499 24.39 -3.28 -26.31
CA ASN A 499 23.94 -2.58 -25.11
C ASN A 499 22.49 -2.94 -24.81
N LEU A 500 21.62 -2.77 -25.82
CA LEU A 500 20.21 -3.05 -25.65
C LEU A 500 19.96 -4.50 -25.26
N ALA A 501 20.87 -5.39 -25.64
CA ALA A 501 20.82 -6.77 -25.18
C ALA A 501 20.50 -6.82 -23.70
N GLN A 502 21.37 -6.21 -22.90
CA GLN A 502 21.15 -6.19 -21.46
C GLN A 502 19.80 -5.56 -21.14
N ILE A 503 19.51 -4.39 -21.74
CA ILE A 503 18.26 -3.69 -21.47
C ILE A 503 17.08 -4.62 -21.69
N SER A 504 17.15 -5.44 -22.74
CA SER A 504 16.03 -6.34 -23.05
C SER A 504 15.72 -7.23 -21.86
N ILE A 505 16.74 -7.90 -21.31
CA ILE A 505 16.52 -8.81 -20.19
C ILE A 505 15.88 -8.09 -19.03
N LYS A 506 16.20 -6.80 -18.86
CA LYS A 506 15.67 -6.06 -17.71
C LYS A 506 14.15 -5.98 -17.77
N TYR A 507 13.58 -5.87 -18.98
CA TYR A 507 12.15 -5.63 -19.13
C TYR A 507 11.44 -6.80 -19.81
N GLN A 508 12.08 -7.97 -19.86
CA GLN A 508 11.49 -9.13 -20.51
C GLN A 508 10.30 -9.71 -19.73
N ASN A 509 10.13 -9.32 -18.46
CA ASN A 509 8.94 -9.72 -17.71
C ASN A 509 7.70 -9.02 -18.26
N GLN A 510 6.56 -9.71 -18.18
CA GLN A 510 5.33 -9.22 -18.78
C GLN A 510 4.42 -8.60 -17.74
N GLY A 511 3.61 -7.63 -18.21
CA GLY A 511 2.65 -6.95 -17.38
C GLY A 511 3.21 -5.92 -16.45
N LYS A 512 4.48 -5.54 -16.61
CA LYS A 512 5.14 -4.71 -15.60
C LYS A 512 4.98 -3.21 -15.86
N LYS A 513 5.05 -2.78 -17.12
CA LYS A 513 4.95 -1.35 -17.47
C LYS A 513 5.97 -0.49 -16.74
N ASP A 514 7.18 -1.03 -16.48
CA ASP A 514 8.21 -0.25 -15.80
C ASP A 514 8.84 0.79 -16.69
N LEU A 515 8.65 0.71 -18.01
CA LEU A 515 9.24 1.70 -18.91
C LEU A 515 8.54 3.05 -18.82
N LEU A 516 7.33 3.11 -18.24
CA LEU A 516 6.65 4.38 -18.03
C LEU A 516 7.19 5.12 -16.81
N GLN A 517 7.87 4.43 -15.90
CA GLN A 517 8.44 5.06 -14.72
C GLN A 517 9.60 5.97 -15.10
N ALA A 518 9.83 7.01 -14.29
CA ALA A 518 10.95 7.90 -14.54
C ALA A 518 12.28 7.20 -14.31
N SER A 519 12.32 6.19 -13.43
CA SER A 519 13.56 5.48 -13.17
C SER A 519 14.10 4.78 -14.41
N ALA A 520 13.27 4.58 -15.43
CA ALA A 520 13.68 3.94 -16.67
C ALA A 520 14.21 4.91 -17.71
N GLU A 521 14.19 6.22 -17.42
CA GLU A 521 14.60 7.24 -18.38
C GLU A 521 15.87 6.85 -19.14
N ASP A 522 16.94 6.60 -18.39
CA ASP A 522 18.23 6.25 -19.00
C ASP A 522 18.05 5.14 -20.02
N ASP A 523 17.43 4.02 -19.61
CA ASP A 523 17.25 2.91 -20.54
C ASP A 523 16.42 3.33 -21.74
N VAL A 524 15.32 4.07 -21.50
CA VAL A 524 14.51 4.56 -22.61
C VAL A 524 15.37 5.39 -23.56
N LYS A 525 16.22 6.25 -22.99
CA LYS A 525 17.11 7.08 -23.80
C LYS A 525 17.92 6.24 -24.77
N ALA A 526 18.27 5.01 -24.39
CA ALA A 526 18.96 4.12 -25.33
C ALA A 526 17.99 3.62 -26.39
N ILE A 527 16.86 3.07 -25.96
CA ILE A 527 15.88 2.50 -26.90
C ILE A 527 15.57 3.51 -28.00
N LYS A 528 15.07 4.68 -27.60
CA LYS A 528 14.74 5.72 -28.57
C LYS A 528 15.89 5.95 -29.54
N ASP A 529 17.11 6.08 -29.00
CA ASP A 529 18.27 6.32 -29.86
C ASP A 529 18.34 5.29 -30.97
N LEU A 530 18.33 4.01 -30.61
CA LEU A 530 18.37 2.98 -31.64
C LEU A 530 17.26 3.21 -32.67
N LEU A 531 16.03 3.37 -32.19
CA LEU A 531 14.92 3.61 -33.10
C LEU A 531 15.21 4.81 -33.98
N ASP A 532 15.59 5.94 -33.36
CA ASP A 532 15.88 7.15 -34.13
C ASP A 532 16.92 6.86 -35.21
N GLN A 533 18.00 6.17 -34.83
CA GLN A 533 19.03 5.83 -35.80
C GLN A 533 18.41 5.11 -36.98
N THR A 534 17.70 4.01 -36.70
CA THR A 534 17.07 3.24 -37.76
C THR A 534 16.21 4.17 -38.62
N ASN A 535 15.39 4.98 -37.95
CA ASN A 535 14.48 5.86 -38.67
C ASN A 535 15.25 6.71 -39.67
N ASN A 536 16.37 7.30 -39.24
CA ASN A 536 17.14 8.16 -40.13
C ASN A 536 17.62 7.38 -41.34
N LEU A 537 18.18 6.19 -41.11
CA LEU A 537 18.58 5.33 -42.23
C LEU A 537 17.44 5.20 -43.22
N LEU A 538 16.24 4.89 -42.71
CA LEU A 538 15.08 4.72 -43.57
C LEU A 538 14.92 5.91 -44.49
N HIS A 539 14.95 7.12 -43.93
CA HIS A 539 14.73 8.31 -44.74
C HIS A 539 15.84 8.48 -45.77
N LYS A 540 17.08 8.20 -45.38
CA LYS A 540 18.18 8.32 -46.34
C LYS A 540 18.01 7.36 -47.50
N LEU A 541 17.35 6.23 -47.27
CA LEU A 541 17.06 5.30 -48.35
C LEU A 541 15.74 5.62 -49.03
N LYS A 542 14.87 6.39 -48.37
CA LYS A 542 13.51 6.60 -48.88
C LYS A 542 13.52 7.25 -50.26
N ILE A 543 14.58 7.99 -50.59
CA ILE A 543 14.62 8.74 -51.85
C ILE A 543 14.61 7.83 -53.06
N PHE A 544 15.04 6.58 -52.91
CA PHE A 544 15.00 5.61 -54.00
C PHE A 544 13.69 4.87 -54.11
N HIS A 545 12.94 4.75 -53.02
CA HIS A 545 11.76 3.92 -53.02
C HIS A 545 10.70 4.44 -53.98
N ILE A 546 10.05 3.51 -54.67
CA ILE A 546 8.97 3.81 -55.61
C ILE A 546 7.65 3.45 -54.95
N SER A 547 6.70 4.37 -54.97
CA SER A 547 5.42 4.20 -54.28
C SER A 547 4.44 3.37 -55.10
N GLN A 548 3.15 3.55 -54.84
CA GLN A 548 2.10 2.72 -55.44
C GLN A 548 1.63 3.33 -56.77
N SER A 549 2.54 3.30 -57.75
CA SER A 549 2.20 3.63 -59.13
C SER A 549 1.94 2.38 -59.97
N GLU A 550 1.75 1.23 -59.32
CA GLU A 550 1.55 -0.05 -59.98
C GLU A 550 0.08 -0.44 -60.04
N ILE A 555 4.22 4.89 -65.47
CA ILE A 555 5.26 3.91 -65.15
C ILE A 555 6.55 4.25 -65.92
N LEU A 556 7.69 4.06 -65.26
CA LEU A 556 8.99 4.42 -65.82
C LEU A 556 9.88 3.18 -65.96
N ASP A 557 10.70 3.17 -67.01
CA ASP A 557 11.59 2.05 -67.22
C ASP A 557 12.84 2.20 -66.36
N LYS A 558 13.22 1.12 -65.69
CA LYS A 558 14.19 1.17 -64.62
C LYS A 558 15.06 -0.08 -64.65
N ASP A 559 16.26 0.03 -64.09
CA ASP A 559 17.14 -1.12 -63.89
C ASP A 559 16.47 -2.07 -62.91
N GLU A 560 15.85 -3.13 -63.46
CA GLU A 560 14.95 -3.98 -62.69
C GLU A 560 15.67 -4.78 -61.63
N HIS A 561 16.93 -5.15 -61.86
CA HIS A 561 17.70 -5.86 -60.83
C HIS A 561 18.00 -4.95 -59.66
N PHE A 562 18.52 -3.75 -59.94
CA PHE A 562 18.73 -2.75 -58.92
C PHE A 562 17.50 -2.60 -58.04
N TYR A 563 16.34 -2.38 -58.66
CA TYR A 563 15.13 -2.10 -57.91
C TYR A 563 14.56 -3.33 -57.21
N LEU A 564 14.65 -4.51 -57.82
CA LEU A 564 14.25 -5.72 -57.10
C LEU A 564 15.00 -5.84 -55.80
N VAL A 565 16.33 -5.74 -55.87
CA VAL A 565 17.16 -5.93 -54.69
C VAL A 565 16.93 -4.80 -53.68
N PHE A 566 16.93 -3.56 -54.16
CA PHE A 566 16.72 -2.43 -53.27
C PHE A 566 15.37 -2.51 -52.57
N GLU A 567 14.31 -2.85 -53.30
CA GLU A 567 12.98 -2.85 -52.71
C GLU A 567 12.81 -4.01 -51.75
N GLU A 568 13.46 -5.15 -52.01
CA GLU A 568 13.52 -6.19 -50.98
C GLU A 568 14.08 -5.62 -49.67
N CYS A 569 15.23 -4.93 -49.77
CA CYS A 569 15.85 -4.38 -48.57
C CYS A 569 14.97 -3.31 -47.91
N TYR A 570 14.41 -2.42 -48.72
CA TYR A 570 13.65 -1.30 -48.17
C TYR A 570 12.35 -1.79 -47.55
N PHE A 571 11.68 -2.76 -48.17
CA PHE A 571 10.49 -3.33 -47.58
C PHE A 571 10.80 -3.94 -46.22
N GLU A 572 11.91 -4.67 -46.11
CA GLU A 572 12.25 -5.21 -44.79
C GLU A 572 12.53 -4.10 -43.78
N LEU A 573 13.25 -3.06 -44.19
CA LEU A 573 13.58 -2.00 -43.24
C LEU A 573 12.37 -1.17 -42.85
N ALA A 574 11.37 -1.05 -43.72
CA ALA A 574 10.30 -0.09 -43.53
C ALA A 574 9.35 -0.47 -42.39
N ASN A 575 9.52 -1.64 -41.77
CA ASN A 575 8.70 -1.97 -40.62
C ASN A 575 9.03 -1.12 -39.39
N ILE A 576 10.01 -0.22 -39.50
CA ILE A 576 10.37 0.62 -38.37
C ILE A 576 9.33 1.72 -38.14
N VAL A 577 8.63 2.15 -39.20
CA VAL A 577 7.59 3.15 -39.01
C VAL A 577 6.52 2.66 -38.04
N PRO A 578 5.86 1.51 -38.25
CA PRO A 578 4.89 1.05 -37.26
C PRO A 578 5.50 0.78 -35.90
N LEU A 579 6.65 0.12 -35.87
CA LEU A 579 7.30 -0.19 -34.60
C LEU A 579 7.59 1.08 -33.82
N TYR A 580 8.07 2.12 -34.51
CA TYR A 580 8.36 3.39 -33.86
C TYR A 580 7.10 4.00 -33.28
N ASN A 581 6.01 4.04 -34.06
CA ASN A 581 4.77 4.61 -33.53
C ASN A 581 4.26 3.81 -32.34
N LYS A 582 4.33 2.48 -32.40
CA LYS A 582 3.83 1.65 -31.30
C LYS A 582 4.61 1.92 -30.03
N ILE A 583 5.94 1.93 -30.13
CA ILE A 583 6.77 2.11 -28.94
C ILE A 583 6.60 3.51 -28.37
N ARG A 584 6.51 4.53 -29.24
CA ARG A 584 6.28 5.88 -28.74
C ARG A 584 4.93 5.97 -28.03
N ASN A 585 3.89 5.40 -28.64
CA ASN A 585 2.56 5.44 -28.04
C ASN A 585 2.56 4.75 -26.68
N TYR A 586 3.39 3.72 -26.52
CA TYR A 586 3.45 3.06 -25.23
C TYR A 586 4.21 3.89 -24.19
N ILE A 587 5.45 4.25 -24.52
CA ILE A 587 6.36 4.81 -23.52
C ILE A 587 5.90 6.19 -23.04
N THR A 588 5.33 6.99 -23.94
CA THR A 588 4.91 8.35 -23.61
C THR A 588 3.75 8.39 -22.60
N GLN A 589 3.09 7.25 -22.35
CA GLN A 589 2.01 7.21 -21.39
C GLN A 589 2.50 7.61 -20.01
N LYS A 590 1.65 8.35 -19.27
CA LYS A 590 2.12 8.53 -17.90
C LYS A 590 1.67 7.37 -17.03
N PRO A 591 2.56 6.89 -16.14
CA PRO A 591 2.22 5.68 -15.37
C PRO A 591 1.03 5.90 -14.47
N TYR A 592 0.35 4.79 -14.16
CA TYR A 592 -0.85 4.86 -13.34
C TYR A 592 -0.51 5.33 -11.93
N SER A 593 -1.29 6.28 -11.44
CA SER A 593 -1.19 6.76 -10.07
C SER A 593 -2.52 6.55 -9.36
N ASP A 594 -2.47 6.10 -8.11
CA ASP A 594 -3.67 6.02 -7.30
C ASP A 594 -4.23 7.41 -7.05
N GLU A 595 -5.56 7.48 -6.94
CA GLU A 595 -6.23 8.70 -6.55
C GLU A 595 -6.91 8.48 -5.20
N LYS A 596 -7.18 9.57 -4.50
CA LYS A 596 -7.99 9.47 -3.29
C LYS A 596 -9.39 9.01 -3.65
N PHE A 597 -10.05 8.33 -2.72
CA PHE A 597 -11.41 7.90 -2.95
C PHE A 597 -12.31 8.36 -1.81
N LYS A 598 -13.60 8.43 -2.11
CA LYS A 598 -14.58 8.90 -1.16
C LYS A 598 -14.83 7.85 -0.09
N LEU A 599 -14.86 8.29 1.16
CA LEU A 599 -15.25 7.47 2.29
C LEU A 599 -16.71 7.75 2.65
N ASN A 600 -17.48 6.68 2.87
CA ASN A 600 -18.88 6.82 3.20
C ASN A 600 -19.27 6.24 4.55
N PHE A 601 -18.48 5.32 5.11
CA PHE A 601 -18.79 4.70 6.40
C PHE A 601 -20.18 4.08 6.41
N GLU A 602 -20.52 3.38 5.30
CA GLU A 602 -21.78 2.66 5.16
C GLU A 602 -22.99 3.60 5.15
N ASN A 603 -22.82 4.82 4.66
CA ASN A 603 -23.88 5.82 4.68
C ASN A 603 -23.94 6.55 3.35
N SER A 604 -25.05 6.36 2.62
CA SER A 604 -25.22 7.08 1.35
C SER A 604 -25.38 8.58 1.54
N THR A 605 -25.66 9.03 2.75
CA THR A 605 -25.89 10.44 3.05
C THR A 605 -24.97 10.92 4.18
N LEU A 606 -23.65 10.71 4.02
CA LEU A 606 -22.73 10.80 5.14
C LEU A 606 -22.64 12.21 5.72
N ALA A 607 -22.64 13.24 4.89
CA ALA A 607 -22.61 14.56 5.50
C ALA A 607 -23.59 15.51 4.84
N ASN A 608 -24.74 15.00 4.40
CA ASN A 608 -25.66 15.83 3.63
C ASN A 608 -26.37 16.88 4.47
N GLY A 609 -26.23 16.85 5.80
CA GLY A 609 -26.89 17.83 6.63
C GLY A 609 -26.56 17.71 8.10
N TRP A 610 -26.15 18.81 8.71
CA TRP A 610 -25.68 18.75 10.08
C TRP A 610 -26.77 18.92 11.13
N ASP A 611 -28.01 19.18 10.72
CA ASP A 611 -29.08 19.47 11.67
C ASP A 611 -29.26 18.32 12.65
N LYS A 612 -29.50 18.67 13.92
CA LYS A 612 -29.70 17.65 14.95
C LYS A 612 -30.72 16.61 14.51
N ASN A 613 -31.86 17.05 13.98
CA ASN A 613 -32.91 16.12 13.52
C ASN A 613 -32.39 15.13 12.49
N LYS A 614 -31.36 15.50 11.74
CA LYS A 614 -30.82 14.63 10.70
C LYS A 614 -29.65 13.78 11.18
N GLU A 615 -29.16 14.00 12.40
CA GLU A 615 -27.98 13.28 12.90
C GLU A 615 -28.04 11.77 12.72
N PRO A 616 -29.08 11.05 13.17
CA PRO A 616 -29.09 9.59 12.98
C PRO A 616 -29.12 9.17 11.53
N ASP A 617 -29.55 10.04 10.62
CA ASP A 617 -29.63 9.71 9.21
C ASP A 617 -28.36 10.07 8.45
N ASN A 618 -27.58 11.03 8.95
CA ASN A 618 -26.33 11.43 8.32
C ASN A 618 -25.10 11.07 9.11
N THR A 619 -25.22 10.83 10.42
CA THR A 619 -24.21 10.20 11.28
C THR A 619 -22.92 11.00 11.42
N ALA A 620 -22.90 12.28 11.04
CA ALA A 620 -21.70 13.12 11.14
C ALA A 620 -21.93 14.19 12.21
N ILE A 621 -21.04 14.24 13.19
CA ILE A 621 -21.17 15.12 14.34
C ILE A 621 -19.85 15.85 14.56
N LEU A 622 -19.91 17.05 15.15
CA LEU A 622 -18.73 17.86 15.41
C LEU A 622 -18.56 18.13 16.90
N PHE A 623 -17.31 18.01 17.37
CA PHE A 623 -16.98 18.22 18.77
C PHE A 623 -15.87 19.24 18.89
N ILE A 624 -15.83 19.96 20.00
CA ILE A 624 -14.74 20.88 20.32
C ILE A 624 -14.20 20.52 21.70
N LYS A 625 -12.89 20.32 21.79
CA LYS A 625 -12.24 20.07 23.07
C LYS A 625 -11.04 21.00 23.18
N ASP A 626 -11.08 21.90 24.14
CA ASP A 626 -10.03 22.92 24.37
C ASP A 626 -9.91 23.75 23.10
N ASP A 627 -8.77 23.75 22.41
CA ASP A 627 -8.61 24.51 21.18
C ASP A 627 -8.65 23.63 19.95
N LYS A 628 -9.08 22.37 20.07
CA LYS A 628 -9.07 21.42 18.96
C LYS A 628 -10.50 21.07 18.52
N TYR A 629 -10.63 20.75 17.23
CA TYR A 629 -11.92 20.43 16.62
C TYR A 629 -11.92 18.99 16.13
N TYR A 630 -13.06 18.33 16.24
CA TYR A 630 -13.15 16.90 15.99
C TYR A 630 -14.36 16.61 15.12
N LEU A 631 -14.18 15.71 14.15
CA LEU A 631 -15.25 15.12 13.38
C LEU A 631 -15.50 13.70 13.86
N GLY A 632 -16.75 13.36 14.13
CA GLY A 632 -17.13 12.04 14.57
C GLY A 632 -18.17 11.46 13.62
N VAL A 633 -18.00 10.19 13.27
CA VAL A 633 -18.92 9.47 12.40
C VAL A 633 -19.47 8.29 13.18
N MET A 634 -20.78 8.25 13.35
CA MET A 634 -21.40 7.17 14.09
C MET A 634 -21.48 5.92 13.21
N ASN A 635 -21.21 4.77 13.82
CA ASN A 635 -21.45 3.50 13.15
C ASN A 635 -22.91 3.42 12.71
N LYS A 636 -23.12 3.00 11.47
CA LYS A 636 -24.47 2.94 10.93
C LYS A 636 -25.40 2.17 11.88
N LYS A 637 -24.94 1.02 12.37
CA LYS A 637 -25.75 0.22 13.28
C LYS A 637 -25.99 0.90 14.62
N ASN A 638 -25.16 1.87 15.00
CA ASN A 638 -25.26 2.53 16.31
C ASN A 638 -25.37 4.04 16.11
N ASN A 639 -26.45 4.50 15.49
CA ASN A 639 -26.61 5.92 15.20
C ASN A 639 -27.44 6.66 16.25
N LYS A 640 -27.89 5.97 17.29
CA LYS A 640 -28.58 6.62 18.40
C LYS A 640 -27.64 6.99 19.53
N ILE A 641 -26.33 6.93 19.30
CA ILE A 641 -25.34 7.26 20.31
C ILE A 641 -25.58 8.62 20.91
N PHE A 642 -26.06 9.56 20.12
CA PHE A 642 -26.21 10.94 20.59
C PHE A 642 -27.65 11.43 20.50
N ASP A 643 -28.61 10.52 20.68
CA ASP A 643 -30.00 10.92 20.87
C ASP A 643 -30.13 11.71 22.17
N ASP A 644 -31.31 12.31 22.37
CA ASP A 644 -31.48 13.20 23.51
C ASP A 644 -31.28 12.46 24.84
N LYS A 645 -31.71 11.20 24.90
CA LYS A 645 -31.52 10.41 26.12
C LYS A 645 -30.05 10.34 26.50
N ALA A 646 -29.19 9.97 25.55
CA ALA A 646 -27.76 9.79 25.84
C ALA A 646 -27.10 11.11 26.18
N ILE A 647 -27.54 12.21 25.56
CA ILE A 647 -26.95 13.51 25.86
C ILE A 647 -27.32 13.93 27.29
N LYS A 648 -28.58 13.75 27.67
CA LYS A 648 -28.98 14.06 29.05
C LYS A 648 -28.25 13.17 30.05
N GLU A 649 -28.04 11.89 29.70
CA GLU A 649 -27.46 10.95 30.66
C GLU A 649 -25.95 11.15 30.82
N ASN A 650 -25.29 11.73 29.83
CA ASN A 650 -23.84 11.79 29.80
C ASN A 650 -23.32 13.23 29.74
N LYS A 651 -24.03 14.15 30.40
CA LYS A 651 -23.53 15.51 30.53
C LYS A 651 -22.22 15.49 31.31
N GLY A 652 -21.15 16.00 30.70
CA GLY A 652 -19.85 15.98 31.33
C GLY A 652 -18.90 17.01 30.73
N GLU A 653 -17.74 17.17 31.39
CA GLU A 653 -16.78 18.21 31.05
C GLU A 653 -16.01 17.93 29.76
N GLY A 654 -15.82 16.68 29.39
CA GLY A 654 -14.88 16.32 28.32
C GLY A 654 -14.99 17.02 26.97
N TYR A 655 -16.03 16.74 26.20
CA TYR A 655 -16.13 17.25 24.83
C TYR A 655 -17.33 18.17 24.68
N LYS A 656 -17.22 19.11 23.75
CA LYS A 656 -18.32 20.02 23.45
C LYS A 656 -18.90 19.64 22.09
N LYS A 657 -20.03 18.93 22.11
CA LYS A 657 -20.70 18.54 20.88
C LYS A 657 -21.45 19.74 20.30
N ILE A 658 -21.26 19.98 19.00
CA ILE A 658 -21.99 21.03 18.32
C ILE A 658 -23.42 20.56 18.06
N VAL A 659 -24.39 21.40 18.39
CA VAL A 659 -25.78 21.19 18.04
C VAL A 659 -26.14 22.24 16.99
N TYR A 660 -26.60 21.77 15.84
CA TYR A 660 -26.72 22.55 14.61
C TYR A 660 -28.19 22.65 14.25
N LYS A 661 -28.69 23.88 14.09
CA LYS A 661 -30.09 24.09 13.73
C LYS A 661 -30.16 25.01 12.52
N LEU A 662 -30.88 24.58 11.50
CA LEU A 662 -30.96 25.30 10.24
C LEU A 662 -32.36 25.20 9.66
N LEU A 663 -32.93 26.34 9.26
CA LEU A 663 -34.23 26.40 8.58
C LEU A 663 -34.02 26.89 7.15
N PRO A 664 -33.72 26.01 6.20
CA PRO A 664 -33.40 26.43 4.84
C PRO A 664 -34.61 26.46 3.91
N GLY A 665 -34.50 27.33 2.91
CA GLY A 665 -35.50 27.42 1.86
C GLY A 665 -36.86 27.73 2.42
N ALA A 666 -36.97 28.85 3.14
CA ALA A 666 -38.18 29.18 3.89
C ALA A 666 -39.43 29.15 3.01
N ASN A 667 -39.31 29.58 1.75
CA ASN A 667 -40.49 29.68 0.90
C ASN A 667 -41.12 28.32 0.63
N LYS A 668 -40.32 27.25 0.63
CA LYS A 668 -40.87 25.90 0.53
C LYS A 668 -41.09 25.25 1.89
N MET A 669 -40.28 25.61 2.89
CA MET A 669 -40.26 24.90 4.16
C MET A 669 -41.43 25.31 5.05
N LEU A 670 -41.68 26.62 5.18
CA LEU A 670 -42.74 27.06 6.09
C LEU A 670 -44.11 26.52 5.68
N PRO A 671 -44.60 26.76 4.46
CA PRO A 671 -45.92 26.22 4.10
C PRO A 671 -45.96 24.70 4.06
N LYS A 672 -44.82 24.03 3.89
CA LYS A 672 -44.80 22.58 3.98
C LYS A 672 -45.11 22.11 5.41
N VAL A 673 -44.68 22.86 6.41
CA VAL A 673 -44.92 22.48 7.80
C VAL A 673 -46.26 22.98 8.30
N PHE A 674 -46.70 24.16 7.84
CA PHE A 674 -47.87 24.80 8.44
C PHE A 674 -49.18 24.31 7.84
N PHE A 675 -49.21 24.09 6.52
CA PHE A 675 -50.42 23.63 5.85
C PHE A 675 -50.43 22.13 5.60
N SER A 676 -49.40 21.41 6.06
CA SER A 676 -49.42 19.97 6.00
C SER A 676 -50.62 19.44 6.77
N ALA A 677 -51.29 18.43 6.20
CA ALA A 677 -52.48 17.88 6.85
C ALA A 677 -52.16 17.36 8.25
N LYS A 678 -50.91 16.94 8.50
CA LYS A 678 -50.55 16.43 9.81
C LYS A 678 -50.70 17.49 10.89
N SER A 679 -50.32 18.72 10.60
CA SER A 679 -50.30 19.76 11.62
C SER A 679 -51.09 21.01 11.27
N ILE A 680 -51.85 21.01 10.16
CA ILE A 680 -52.58 22.22 9.79
C ILE A 680 -53.57 22.61 10.87
N LYS A 681 -54.09 21.64 11.63
CA LYS A 681 -54.99 21.99 12.72
C LYS A 681 -54.24 22.65 13.87
N PHE A 682 -52.96 22.29 14.05
CA PHE A 682 -52.16 22.80 15.16
C PHE A 682 -51.97 24.31 15.03
N TYR A 683 -51.24 24.74 14.00
CA TYR A 683 -51.14 26.17 13.69
C TYR A 683 -52.45 26.59 13.04
N ASN A 684 -53.45 26.86 13.87
CA ASN A 684 -54.80 27.07 13.35
C ASN A 684 -54.84 28.21 12.34
N PRO A 685 -55.01 27.91 11.05
CA PRO A 685 -55.07 28.98 10.06
C PRO A 685 -56.52 29.42 9.84
N SER A 686 -56.76 30.73 9.86
CA SER A 686 -58.10 31.24 9.63
C SER A 686 -58.49 31.03 8.17
N GLU A 687 -59.81 31.11 7.92
CA GLU A 687 -60.30 30.98 6.56
C GLU A 687 -59.72 32.07 5.65
N ASP A 688 -59.40 33.23 6.22
CA ASP A 688 -58.77 34.29 5.43
C ASP A 688 -57.34 33.94 5.07
N ILE A 689 -56.59 33.33 5.99
CA ILE A 689 -55.23 32.90 5.67
C ILE A 689 -55.25 31.80 4.62
N LEU A 690 -56.24 30.91 4.71
CA LEU A 690 -56.39 29.89 3.68
C LEU A 690 -56.78 30.51 2.34
N ARG A 691 -57.56 31.60 2.35
CA ARG A 691 -57.86 32.29 1.11
C ARG A 691 -56.62 32.96 0.53
N ILE A 692 -55.74 33.47 1.39
CA ILE A 692 -54.46 34.03 0.92
C ILE A 692 -53.61 32.93 0.30
N ARG A 693 -53.64 31.74 0.88
CA ARG A 693 -52.80 30.65 0.37
C ARG A 693 -53.38 30.08 -0.92
N ASN A 694 -54.69 29.96 -1.00
CA ASN A 694 -55.37 29.27 -2.09
C ASN A 694 -55.16 30.01 -3.40
N HIS A 695 -55.70 31.22 -3.51
CA HIS A 695 -55.25 32.13 -4.56
C HIS A 695 -54.01 32.83 -4.05
N SER A 696 -52.92 32.77 -4.81
CA SER A 696 -51.63 33.27 -4.33
C SER A 696 -51.58 34.81 -4.33
N THR A 697 -52.44 35.41 -3.48
CA THR A 697 -52.51 36.86 -3.39
C THR A 697 -51.32 37.46 -2.65
N HIS A 698 -50.52 36.63 -1.98
CA HIS A 698 -49.33 37.10 -1.28
C HIS A 698 -48.10 37.18 -2.17
N THR A 699 -48.19 36.69 -3.41
CA THR A 699 -47.07 36.71 -4.34
C THR A 699 -47.52 37.30 -5.66
N LYS A 700 -46.56 37.81 -6.44
CA LYS A 700 -46.91 38.37 -7.73
C LYS A 700 -47.05 37.26 -8.78
N ASN A 701 -46.21 36.24 -8.70
CA ASN A 701 -46.18 35.22 -9.73
C ASN A 701 -46.19 33.81 -9.16
N GLY A 702 -46.69 33.63 -7.94
CA GLY A 702 -46.76 32.32 -7.33
C GLY A 702 -47.90 31.48 -7.87
N SER A 703 -47.85 30.17 -7.60
CA SER A 703 -48.89 29.32 -8.15
C SER A 703 -50.04 29.14 -7.15
N PRO A 704 -51.28 29.17 -7.62
CA PRO A 704 -52.44 28.95 -6.74
C PRO A 704 -52.65 27.49 -6.39
N GLN A 705 -53.27 27.27 -5.24
CA GLN A 705 -53.49 25.94 -4.70
C GLN A 705 -54.78 25.32 -5.24
N LYS A 706 -54.78 23.99 -5.40
CA LYS A 706 -55.98 23.23 -5.73
C LYS A 706 -56.70 23.78 -6.96
N GLY A 707 -55.92 24.22 -7.95
CA GLY A 707 -56.48 24.75 -9.18
C GLY A 707 -57.46 25.89 -9.00
N TYR A 708 -57.10 26.91 -8.23
CA TYR A 708 -57.91 28.11 -8.16
C TYR A 708 -57.37 29.16 -9.11
N GLU A 709 -58.16 30.20 -9.33
CA GLU A 709 -57.73 31.32 -10.17
C GLU A 709 -56.76 32.21 -9.39
N LYS A 710 -55.64 32.56 -10.01
CA LYS A 710 -54.67 33.45 -9.37
C LYS A 710 -55.24 34.86 -9.28
N PHE A 711 -55.21 35.43 -8.08
CA PHE A 711 -55.70 36.79 -7.84
C PHE A 711 -54.52 37.75 -7.77
N GLU A 712 -54.77 38.99 -8.20
CA GLU A 712 -53.70 39.97 -8.24
C GLU A 712 -53.08 40.15 -6.86
N PHE A 713 -51.77 40.34 -6.82
CA PHE A 713 -51.04 40.53 -5.57
C PHE A 713 -51.62 41.70 -4.79
N ASN A 714 -51.68 41.53 -3.47
CA ASN A 714 -52.19 42.56 -2.57
C ASN A 714 -51.28 42.64 -1.36
N ILE A 715 -50.66 43.80 -1.13
CA ILE A 715 -49.64 43.91 -0.09
C ILE A 715 -50.23 43.69 1.30
N GLU A 716 -51.52 44.02 1.49
CA GLU A 716 -52.15 43.78 2.78
C GLU A 716 -52.32 42.29 3.03
N ASP A 717 -52.76 41.54 2.01
CA ASP A 717 -52.79 40.08 2.09
C ASP A 717 -51.42 39.52 2.41
N CYS A 718 -50.40 40.01 1.72
CA CYS A 718 -49.02 39.54 1.94
C CYS A 718 -48.59 39.77 3.37
N ARG A 719 -48.89 40.94 3.93
CA ARG A 719 -48.47 41.23 5.29
C ARG A 719 -49.24 40.41 6.32
N LYS A 720 -50.54 40.19 6.09
CA LYS A 720 -51.28 39.30 6.98
C LYS A 720 -50.73 37.89 6.93
N PHE A 721 -50.37 37.41 5.73
CA PHE A 721 -49.77 36.09 5.59
C PHE A 721 -48.44 36.02 6.33
N ILE A 722 -47.63 37.09 6.23
CA ILE A 722 -46.38 37.16 6.98
C ILE A 722 -46.65 37.06 8.48
N ASP A 723 -47.72 37.71 8.95
CA ASP A 723 -48.03 37.64 10.37
C ASP A 723 -48.46 36.23 10.78
N PHE A 724 -49.19 35.55 9.91
CA PHE A 724 -49.54 34.15 10.22
C PHE A 724 -48.28 33.29 10.29
N TYR A 725 -47.33 33.53 9.39
CA TYR A 725 -46.05 32.82 9.45
C TYR A 725 -45.33 33.11 10.76
N LYS A 726 -45.39 34.35 11.24
CA LYS A 726 -44.73 34.68 12.51
C LYS A 726 -45.39 33.95 13.67
N GLN A 727 -46.72 34.05 13.77
CA GLN A 727 -47.45 33.33 14.81
C GLN A 727 -47.10 31.85 14.80
N SER A 728 -47.10 31.25 13.60
CA SER A 728 -46.85 29.83 13.49
C SER A 728 -45.42 29.48 13.88
N ILE A 729 -44.46 30.33 13.51
CA ILE A 729 -43.08 30.08 13.91
C ILE A 729 -42.96 30.09 15.42
N SER A 730 -43.69 31.00 16.08
CA SER A 730 -43.64 31.04 17.54
C SER A 730 -44.34 29.83 18.17
N LYS A 731 -45.41 29.32 17.54
CA LYS A 731 -46.02 28.07 17.98
C LYS A 731 -45.13 26.85 17.73
N HIS A 732 -44.22 26.94 16.76
CA HIS A 732 -43.45 25.77 16.36
C HIS A 732 -42.55 25.29 17.50
N PRO A 733 -42.45 23.96 17.71
CA PRO A 733 -41.59 23.45 18.79
C PRO A 733 -40.13 23.83 18.66
N GLU A 734 -39.51 23.45 17.54
CA GLU A 734 -38.06 23.63 17.39
C GLU A 734 -37.69 25.04 16.91
N TRP A 735 -38.53 25.66 16.09
CA TRP A 735 -38.15 26.94 15.49
C TRP A 735 -38.24 28.08 16.49
N LYS A 736 -39.09 27.95 17.52
CA LYS A 736 -39.23 28.98 18.53
C LYS A 736 -37.91 29.32 19.19
N ASP A 737 -36.98 28.37 19.23
CA ASP A 737 -35.69 28.57 19.88
C ASP A 737 -34.70 29.35 19.03
N PHE A 738 -35.02 29.68 17.79
CA PHE A 738 -34.12 30.51 16.99
C PHE A 738 -34.01 31.92 17.53
N GLY A 739 -34.98 32.36 18.34
CA GLY A 739 -34.97 33.72 18.86
C GLY A 739 -35.08 34.72 17.75
N PHE A 740 -36.03 34.52 16.86
CA PHE A 740 -36.20 35.43 15.72
C PHE A 740 -36.46 36.85 16.21
N ARG A 741 -35.87 37.80 15.49
CA ARG A 741 -36.07 39.23 15.71
C ARG A 741 -36.41 39.87 14.37
N PHE A 742 -37.63 39.62 13.88
CA PHE A 742 -38.03 40.15 12.58
C PHE A 742 -38.26 41.65 12.68
N SER A 743 -38.10 42.32 11.54
CA SER A 743 -38.54 43.71 11.46
C SER A 743 -40.08 43.76 11.48
N ASP A 744 -40.60 44.96 11.69
CA ASP A 744 -42.06 45.12 11.73
C ASP A 744 -42.68 44.70 10.40
N THR A 745 -43.85 44.06 10.48
CA THR A 745 -44.50 43.55 9.27
C THR A 745 -44.76 44.67 8.26
N GLN A 746 -45.00 45.88 8.75
CA GLN A 746 -45.22 47.01 7.85
C GLN A 746 -43.98 47.39 7.07
N ARG A 747 -42.80 46.94 7.51
CA ARG A 747 -41.58 47.25 6.75
C ARG A 747 -41.48 46.41 5.49
N TYR A 748 -42.09 45.23 5.47
CA TYR A 748 -41.96 44.34 4.33
C TYR A 748 -42.78 44.83 3.15
N ASN A 749 -42.18 44.79 1.96
CA ASN A 749 -42.87 45.09 0.72
C ASN A 749 -43.05 43.86 -0.17
N SER A 750 -42.41 42.74 0.19
CA SER A 750 -42.49 41.51 -0.58
C SER A 750 -42.38 40.34 0.39
N ILE A 751 -42.97 39.20 0.01
CA ILE A 751 -42.85 38.01 0.85
C ILE A 751 -41.41 37.52 0.88
N ASP A 752 -40.65 37.75 -0.20
CA ASP A 752 -39.27 37.30 -0.28
C ASP A 752 -38.39 37.98 0.75
N GLU A 753 -38.69 39.23 1.09
CA GLU A 753 -37.92 39.91 2.12
C GLU A 753 -38.07 39.19 3.47
N PHE A 754 -39.31 38.86 3.83
CA PHE A 754 -39.54 38.13 5.06
C PHE A 754 -38.86 36.76 5.02
N TYR A 755 -38.97 36.06 3.87
CA TYR A 755 -38.30 34.76 3.75
C TYR A 755 -36.80 34.91 3.97
N ARG A 756 -36.21 35.99 3.46
CA ARG A 756 -34.78 36.19 3.61
C ARG A 756 -34.42 36.45 5.06
N GLU A 757 -35.26 37.20 5.78
CA GLU A 757 -35.01 37.39 7.21
C GLU A 757 -35.09 36.07 7.95
N VAL A 758 -36.07 35.23 7.60
CA VAL A 758 -36.20 33.92 8.23
C VAL A 758 -34.92 33.11 8.02
N GLU A 759 -34.48 33.03 6.77
CA GLU A 759 -33.30 32.23 6.46
C GLU A 759 -32.03 32.80 7.07
N ASN A 760 -31.93 34.13 7.14
CA ASN A 760 -30.79 34.76 7.78
C ASN A 760 -30.69 34.37 9.24
N GLN A 761 -31.78 34.55 9.99
CA GLN A 761 -31.76 34.28 11.41
C GLN A 761 -31.90 32.80 11.75
N GLY A 762 -32.26 31.96 10.78
CA GLY A 762 -32.56 30.57 11.06
C GLY A 762 -31.39 29.62 11.02
N TYR A 763 -30.22 30.07 11.47
CA TYR A 763 -29.04 29.22 11.57
C TYR A 763 -28.41 29.47 12.92
N LYS A 764 -28.35 28.44 13.76
CA LYS A 764 -27.90 28.58 15.14
C LYS A 764 -27.07 27.38 15.53
N LEU A 765 -25.86 27.64 16.00
CA LEU A 765 -25.03 26.63 16.64
C LEU A 765 -25.09 26.83 18.14
N THR A 766 -25.26 25.74 18.86
CA THR A 766 -25.11 25.71 20.30
C THR A 766 -24.23 24.52 20.65
N PHE A 767 -23.98 24.31 21.93
CA PHE A 767 -23.09 23.23 22.33
C PHE A 767 -23.68 22.48 23.52
N GLU A 768 -23.36 21.19 23.59
CA GLU A 768 -23.71 20.35 24.72
C GLU A 768 -22.45 19.72 25.26
N ASN A 769 -22.29 19.76 26.57
CA ASN A 769 -21.12 19.16 27.21
C ASN A 769 -21.34 17.66 27.40
N ILE A 770 -20.29 16.88 27.17
CA ILE A 770 -20.39 15.43 27.16
C ILE A 770 -19.18 14.83 27.86
N SER A 771 -19.42 13.86 28.76
CA SER A 771 -18.35 13.21 29.50
C SER A 771 -17.28 12.68 28.57
N GLU A 772 -16.03 12.98 28.88
CA GLU A 772 -14.92 12.39 28.13
C GLU A 772 -14.98 10.88 28.23
N SER A 773 -15.37 10.36 29.39
CA SER A 773 -15.49 8.92 29.56
C SER A 773 -16.44 8.32 28.53
N TYR A 774 -17.54 9.01 28.24
CA TYR A 774 -18.52 8.48 27.30
C TYR A 774 -17.97 8.47 25.88
N ILE A 775 -17.31 9.55 25.47
CA ILE A 775 -16.71 9.60 24.15
C ILE A 775 -15.65 8.51 24.01
N ASP A 776 -14.85 8.31 25.06
CA ASP A 776 -13.81 7.29 25.02
C ASP A 776 -14.42 5.90 24.91
N SER A 777 -15.47 5.64 25.69
CA SER A 777 -16.14 4.35 25.61
C SER A 777 -16.68 4.10 24.21
N VAL A 778 -17.36 5.10 23.65
CA VAL A 778 -18.04 4.87 22.39
C VAL A 778 -17.04 4.78 21.24
N VAL A 779 -15.88 5.43 21.38
CA VAL A 779 -14.85 5.31 20.34
C VAL A 779 -14.05 4.02 20.51
N ASN A 780 -14.01 3.48 21.72
CA ASN A 780 -13.31 2.23 21.96
C ASN A 780 -14.13 1.05 21.45
N GLN A 781 -15.42 1.02 21.79
CA GLN A 781 -16.29 -0.07 21.36
C GLN A 781 -16.42 -0.16 19.85
N GLY A 782 -16.07 0.90 19.13
CA GLY A 782 -16.27 0.92 17.71
C GLY A 782 -17.59 1.46 17.26
N LYS A 783 -18.33 2.12 18.15
CA LYS A 783 -19.61 2.70 17.78
C LYS A 783 -19.44 4.10 17.21
N LEU A 784 -18.32 4.76 17.51
CA LEU A 784 -18.00 6.08 17.00
C LEU A 784 -16.60 6.06 16.43
N TYR A 785 -16.43 6.66 15.25
CA TYR A 785 -15.13 6.87 14.62
C TYR A 785 -14.79 8.34 14.77
N LEU A 786 -13.68 8.62 15.47
CA LEU A 786 -13.35 9.98 15.87
C LEU A 786 -12.05 10.43 15.22
N PHE A 787 -12.05 11.65 14.68
CA PHE A 787 -10.90 12.23 14.01
C PHE A 787 -10.73 13.66 14.49
N GLN A 788 -9.48 14.08 14.67
CA GLN A 788 -9.16 15.48 14.88
C GLN A 788 -9.04 16.16 13.52
N ILE A 789 -9.73 17.28 13.36
CA ILE A 789 -9.61 18.13 12.19
C ILE A 789 -8.33 18.94 12.33
N TYR A 790 -7.39 18.77 11.40
CA TYR A 790 -6.03 19.22 11.63
C TYR A 790 -5.43 19.88 10.39
N ASN A 791 -4.68 20.96 10.63
CA ASN A 791 -3.63 21.42 9.75
C ASN A 791 -2.44 21.78 10.63
N LYS A 792 -1.40 22.40 10.07
CA LYS A 792 -0.21 22.67 10.88
C LYS A 792 -0.46 23.72 11.96
N ASP A 793 -1.55 24.50 11.86
CA ASP A 793 -1.81 25.54 12.87
C ASP A 793 -2.29 24.97 14.20
N PHE A 794 -2.88 23.79 14.21
CA PHE A 794 -3.31 23.18 15.46
C PHE A 794 -2.21 22.42 16.15
N SER A 795 -0.99 22.45 15.61
CA SER A 795 0.15 21.92 16.33
C SER A 795 0.40 22.76 17.58
N ALA A 796 0.84 22.09 18.65
CA ALA A 796 1.15 22.82 19.87
C ALA A 796 2.31 23.77 19.66
N TYR A 797 3.11 23.56 18.61
CA TYR A 797 4.32 24.35 18.37
C TYR A 797 4.13 25.38 17.26
N SER A 798 2.89 25.70 16.90
CA SER A 798 2.62 26.61 15.79
C SER A 798 3.26 27.96 16.02
N LYS A 799 2.77 28.70 17.03
CA LYS A 799 3.37 29.95 17.48
C LYS A 799 3.64 30.90 16.31
N GLY A 800 2.58 31.31 15.65
CA GLY A 800 2.72 32.24 14.55
C GLY A 800 1.37 32.58 13.96
N ARG A 801 1.41 33.43 12.93
CA ARG A 801 0.18 33.78 12.24
C ARG A 801 -0.39 32.54 11.55
N PRO A 802 -1.70 32.34 11.60
CA PRO A 802 -2.31 31.16 11.00
C PRO A 802 -2.69 31.37 9.53
N ASN A 803 -3.06 30.27 8.89
CA ASN A 803 -3.63 30.29 7.54
C ASN A 803 -5.00 30.94 7.54
N LEU A 804 -5.31 31.64 6.44
CA LEU A 804 -6.63 32.24 6.30
C LEU A 804 -7.73 31.21 6.50
N HIS A 805 -7.53 30.01 5.94
CA HIS A 805 -8.53 28.96 6.07
C HIS A 805 -8.71 28.53 7.52
N THR A 806 -7.61 28.46 8.27
CA THR A 806 -7.71 28.21 9.69
C THR A 806 -8.57 29.25 10.39
N LEU A 807 -8.39 30.52 10.02
CA LEU A 807 -9.18 31.58 10.61
C LEU A 807 -10.66 31.45 10.26
N TYR A 808 -10.98 31.13 9.00
CA TYR A 808 -12.37 30.94 8.60
C TYR A 808 -13.02 29.81 9.39
N TRP A 809 -12.33 28.66 9.47
CA TRP A 809 -12.84 27.53 10.23
C TRP A 809 -13.11 27.93 11.68
N LYS A 810 -12.13 28.54 12.34
CA LYS A 810 -12.33 28.95 13.74
C LYS A 810 -13.48 29.95 13.87
N ALA A 811 -13.64 30.84 12.89
CA ALA A 811 -14.72 31.82 12.97
C ALA A 811 -16.08 31.14 12.86
N LEU A 812 -16.14 29.97 12.23
CA LEU A 812 -17.42 29.25 12.17
C LEU A 812 -18.06 29.11 13.54
N PHE A 813 -17.25 28.97 14.60
CA PHE A 813 -17.75 28.69 15.94
C PHE A 813 -17.43 29.80 16.95
N ASP A 814 -16.86 30.91 16.50
CA ASP A 814 -16.48 32.01 17.38
C ASP A 814 -17.72 32.71 17.91
N GLU A 815 -17.70 32.98 19.23
CA GLU A 815 -18.75 33.74 19.89
C GLU A 815 -19.15 34.99 19.09
N ARG A 816 -18.14 35.76 18.66
CA ARG A 816 -18.38 36.99 17.93
C ARG A 816 -19.07 36.74 16.61
N ASN A 817 -18.76 35.62 15.95
CA ASN A 817 -19.46 35.26 14.72
C ASN A 817 -20.85 34.70 15.01
N LEU A 818 -21.00 33.91 16.07
CA LEU A 818 -22.29 33.30 16.35
C LEU A 818 -23.34 34.32 16.73
N GLN A 819 -22.95 35.44 17.34
CA GLN A 819 -23.97 36.44 17.70
C GLN A 819 -24.55 37.14 16.48
N ASP A 820 -23.82 37.17 15.37
CA ASP A 820 -24.32 37.75 14.10
C ASP A 820 -23.54 37.05 12.99
N VAL A 821 -24.17 36.04 12.38
CA VAL A 821 -23.42 35.08 11.58
C VAL A 821 -22.93 35.71 10.29
N VAL A 822 -21.62 35.64 10.07
CA VAL A 822 -21.05 35.82 8.75
C VAL A 822 -20.51 34.50 8.19
N TYR A 823 -20.01 33.59 9.03
CA TYR A 823 -19.48 32.30 8.59
C TYR A 823 -20.49 31.21 8.94
N LYS A 824 -21.08 30.59 7.92
CA LYS A 824 -22.06 29.54 8.12
C LYS A 824 -21.50 28.21 7.62
N LEU A 825 -21.68 27.16 8.42
CA LEU A 825 -21.27 25.81 8.02
C LEU A 825 -22.38 25.15 7.21
N ASN A 826 -22.03 24.63 6.03
CA ASN A 826 -22.99 24.00 5.12
C ASN A 826 -22.94 22.49 5.22
N GLY A 827 -23.93 21.86 4.62
CA GLY A 827 -23.98 20.41 4.51
C GLY A 827 -23.32 19.91 3.24
N GLU A 828 -23.36 18.59 3.07
CA GLU A 828 -22.74 17.87 1.96
C GLU A 828 -21.22 18.06 1.94
N ALA A 829 -20.62 17.84 3.12
CA ALA A 829 -19.18 17.73 3.26
C ALA A 829 -18.72 16.35 2.80
N GLU A 830 -17.42 16.19 2.64
CA GLU A 830 -16.90 14.96 2.08
C GLU A 830 -15.66 14.49 2.82
N LEU A 831 -15.51 13.17 2.90
CA LEU A 831 -14.38 12.53 3.53
C LEU A 831 -13.64 11.72 2.47
N PHE A 832 -12.31 11.81 2.46
CA PHE A 832 -11.52 11.12 1.47
C PHE A 832 -10.41 10.33 2.14
N TYR A 833 -9.94 9.32 1.41
CA TYR A 833 -8.80 8.53 1.83
C TYR A 833 -7.78 8.56 0.71
N ARG A 834 -6.52 8.84 1.06
CA ARG A 834 -5.43 8.94 0.10
C ARG A 834 -4.35 7.97 0.48
N LYS A 835 -4.10 6.98 -0.38
CA LYS A 835 -3.06 6.01 -0.12
C LYS A 835 -1.68 6.64 -0.31
N GLN A 836 -0.72 6.13 0.45
CA GLN A 836 0.66 6.58 0.32
C GLN A 836 1.16 6.40 -1.11
N SER A 837 1.84 7.41 -1.63
CA SER A 837 2.22 7.45 -3.04
C SER A 837 3.73 7.51 -3.29
N ILE A 838 4.54 7.85 -2.30
CA ILE A 838 6.00 7.83 -2.48
C ILE A 838 6.64 7.16 -1.27
N PRO A 839 7.81 6.54 -1.46
CA PRO A 839 8.46 5.86 -0.35
C PRO A 839 9.00 6.85 0.68
N LYS A 840 8.87 6.48 1.95
CA LYS A 840 9.36 7.32 3.04
C LYS A 840 10.87 7.32 3.04
N LYS A 841 11.47 8.31 2.39
CA LYS A 841 12.92 8.47 2.35
C LYS A 841 13.31 9.55 3.34
N ILE A 842 14.09 9.18 4.34
CA ILE A 842 14.56 10.11 5.36
C ILE A 842 15.68 10.96 4.75
N THR A 843 15.32 12.15 4.24
CA THR A 843 16.23 12.92 3.39
C THR A 843 17.32 13.64 4.20
N HIS A 844 16.98 14.12 5.40
CA HIS A 844 17.91 14.89 6.22
C HIS A 844 17.90 14.32 7.63
N PRO A 845 18.69 13.27 7.88
CA PRO A 845 18.64 12.61 9.18
C PRO A 845 19.05 13.55 10.31
N ALA A 846 18.62 13.20 11.51
CA ALA A 846 18.72 14.10 12.65
C ALA A 846 20.17 14.39 13.01
N LYS A 847 20.38 15.54 13.63
CA LYS A 847 21.68 15.95 14.16
C LYS A 847 22.75 15.93 13.07
N GLU A 848 22.36 16.32 11.86
CA GLU A 848 23.29 16.48 10.76
C GLU A 848 23.11 17.86 10.14
N ALA A 849 24.20 18.43 9.65
CA ALA A 849 24.16 19.76 9.10
C ALA A 849 23.42 19.78 7.77
N ILE A 850 22.61 20.81 7.55
CA ILE A 850 21.86 20.99 6.32
C ILE A 850 22.19 22.35 5.74
N ALA A 851 22.43 22.39 4.44
CA ALA A 851 22.82 23.62 3.77
C ALA A 851 21.64 24.58 3.66
N ASN A 852 21.87 25.85 3.98
CA ASN A 852 20.86 26.90 3.86
C ASN A 852 21.00 27.62 2.52
N LYS A 853 19.86 28.02 1.96
CA LYS A 853 19.88 28.70 0.68
C LYS A 853 20.24 30.18 0.82
N ASN A 854 19.88 30.79 1.94
CA ASN A 854 20.26 32.17 2.22
C ASN A 854 21.76 32.27 2.57
N LYS A 859 22.75 32.40 9.55
CA LYS A 859 23.24 31.04 9.67
C LYS A 859 23.51 30.44 8.30
N LYS A 860 24.64 29.73 8.19
CA LYS A 860 24.98 29.05 6.96
C LYS A 860 24.47 27.62 6.92
N GLU A 861 24.32 27.00 8.10
CA GLU A 861 23.81 25.63 8.19
C GLU A 861 22.85 25.54 9.38
N SER A 862 21.95 24.57 9.29
CA SER A 862 20.99 24.30 10.36
C SER A 862 21.04 22.84 10.75
N VAL A 863 20.70 22.57 12.01
CA VAL A 863 20.63 21.21 12.54
C VAL A 863 19.35 21.08 13.35
N PHE A 864 18.82 19.85 13.39
CA PHE A 864 17.59 19.57 14.13
C PHE A 864 17.78 18.28 14.91
N GLU A 865 17.13 18.21 16.07
CA GLU A 865 17.14 16.98 16.87
C GLU A 865 16.42 15.84 16.18
N TYR A 866 15.56 16.13 15.21
CA TYR A 866 14.69 15.15 14.57
C TYR A 866 15.00 15.07 13.08
N ASP A 867 14.53 13.99 12.47
CA ASP A 867 14.75 13.80 11.04
C ASP A 867 13.85 14.74 10.24
N LEU A 868 14.17 14.87 8.95
CA LEU A 868 13.35 15.64 8.02
C LEU A 868 13.19 14.82 6.75
N ILE A 869 11.94 14.47 6.44
CA ILE A 869 11.62 13.58 5.33
C ILE A 869 11.01 14.43 4.23
N LYS A 870 11.49 14.24 3.00
CA LYS A 870 10.95 15.01 1.89
C LYS A 870 9.55 14.53 1.56
N ASP A 871 8.63 15.47 1.39
CA ASP A 871 7.23 15.17 1.08
C ASP A 871 6.67 14.16 2.07
N LYS A 872 6.85 14.46 3.36
CA LYS A 872 6.36 13.58 4.41
C LYS A 872 4.87 13.28 4.24
N ARG A 873 4.09 14.30 3.88
CA ARG A 873 2.65 14.15 3.73
C ARG A 873 2.25 13.06 2.74
N PHE A 874 3.11 12.70 1.78
CA PHE A 874 2.80 11.69 0.79
C PHE A 874 3.44 10.35 1.11
N THR A 875 4.00 10.16 2.30
CA THR A 875 4.69 8.93 2.63
C THR A 875 3.88 8.05 3.59
N GLU A 876 2.59 8.33 3.73
CA GLU A 876 1.71 7.52 4.57
C GLU A 876 0.28 7.74 4.13
N ASP A 877 -0.57 6.75 4.44
CA ASP A 877 -1.99 6.87 4.15
C ASP A 877 -2.63 7.91 5.05
N LYS A 878 -3.54 8.71 4.47
CA LYS A 878 -4.14 9.79 5.25
C LYS A 878 -5.62 9.96 4.93
N PHE A 879 -6.38 10.42 5.93
CA PHE A 879 -7.77 10.82 5.78
C PHE A 879 -7.85 12.33 5.59
N PHE A 880 -8.86 12.76 4.84
CA PHE A 880 -9.04 14.18 4.57
C PHE A 880 -10.51 14.55 4.67
N PHE A 881 -10.74 15.85 4.87
CA PHE A 881 -12.07 16.41 5.10
C PHE A 881 -12.21 17.66 4.25
N HIS A 882 -13.12 17.61 3.27
CA HIS A 882 -13.51 18.78 2.49
C HIS A 882 -14.82 19.30 3.05
N CYS A 883 -14.80 20.54 3.54
CA CYS A 883 -15.93 21.08 4.28
C CYS A 883 -16.43 22.37 3.65
N PRO A 884 -17.67 22.44 3.19
CA PRO A 884 -18.16 23.66 2.54
C PRO A 884 -18.79 24.64 3.51
N ILE A 885 -18.47 25.92 3.32
CA ILE A 885 -19.02 27.00 4.13
C ILE A 885 -19.51 28.12 3.23
N THR A 886 -20.38 28.95 3.79
CA THR A 886 -20.83 30.18 3.17
C THR A 886 -20.32 31.36 3.98
N ILE A 887 -19.83 32.38 3.28
CA ILE A 887 -19.29 33.57 3.92
C ILE A 887 -20.15 34.77 3.54
N ASN A 888 -20.30 35.70 4.50
CA ASN A 888 -21.25 36.80 4.42
C ASN A 888 -22.66 36.25 4.24
N PHE A 889 -23.05 35.42 5.21
CA PHE A 889 -24.23 34.59 5.06
C PHE A 889 -25.52 35.40 5.08
N LYS A 890 -25.55 36.49 5.86
CA LYS A 890 -26.78 37.24 6.01
C LYS A 890 -27.00 38.24 4.88
N SER A 891 -25.94 38.78 4.30
CA SER A 891 -26.09 39.59 3.11
C SER A 891 -26.33 38.69 1.91
N SER A 892 -26.86 39.29 0.84
CA SER A 892 -27.12 38.57 -0.40
C SER A 892 -26.21 39.10 -1.51
N GLY A 893 -26.12 38.32 -2.58
CA GLY A 893 -25.40 38.74 -3.76
C GLY A 893 -25.97 40.01 -4.37
N ALA A 894 -25.11 40.99 -4.63
CA ALA A 894 -25.53 42.30 -5.11
C ALA A 894 -25.33 42.35 -6.63
N ASN A 895 -26.44 42.56 -7.35
CA ASN A 895 -26.35 42.72 -8.80
C ASN A 895 -25.69 44.05 -9.16
N LYS A 896 -25.95 45.08 -8.37
CA LYS A 896 -25.49 46.43 -8.65
C LYS A 896 -24.17 46.76 -7.96
N PHE A 897 -23.26 45.78 -7.89
CA PHE A 897 -21.98 45.98 -7.21
C PHE A 897 -21.08 46.95 -7.98
N ASN A 898 -21.03 46.81 -9.30
CA ASN A 898 -20.21 47.72 -10.10
C ASN A 898 -20.71 49.15 -9.96
N ASP A 899 -22.03 49.35 -9.88
CA ASP A 899 -22.56 50.70 -9.78
C ASP A 899 -22.16 51.34 -8.46
N GLU A 900 -22.17 50.57 -7.37
CA GLU A 900 -21.75 51.11 -6.08
C GLU A 900 -20.27 51.45 -6.09
N ILE A 901 -19.45 50.58 -6.70
CA ILE A 901 -18.02 50.88 -6.81
C ILE A 901 -17.80 52.19 -7.58
N ASN A 902 -18.56 52.36 -8.67
CA ASN A 902 -18.41 53.59 -9.46
C ASN A 902 -18.86 54.82 -8.68
N LEU A 903 -19.93 54.70 -7.89
CA LEU A 903 -20.36 55.82 -7.06
C LEU A 903 -19.27 56.20 -6.07
N LEU A 904 -18.71 55.21 -5.38
CA LEU A 904 -17.62 55.51 -4.45
C LEU A 904 -16.46 56.18 -5.16
N LEU A 905 -16.10 55.68 -6.34
CA LEU A 905 -14.97 56.26 -7.07
C LEU A 905 -15.26 57.69 -7.50
N LYS A 906 -16.51 57.97 -7.90
CA LYS A 906 -16.87 59.33 -8.26
C LYS A 906 -16.76 60.27 -7.06
N GLU A 907 -17.14 59.80 -5.88
CA GLU A 907 -17.08 60.68 -4.71
C GLU A 907 -15.66 61.01 -4.31
N LYS A 908 -14.76 60.03 -4.32
CA LYS A 908 -13.41 60.20 -3.79
C LYS A 908 -12.35 60.05 -4.89
N ALA A 909 -12.64 60.62 -6.07
CA ALA A 909 -11.78 60.41 -7.22
C ALA A 909 -10.39 61.02 -7.03
N ASN A 910 -10.27 62.03 -6.17
CA ASN A 910 -8.97 62.66 -5.98
C ASN A 910 -7.98 61.75 -5.26
N ASP A 911 -8.49 60.85 -4.40
CA ASP A 911 -7.63 59.93 -3.67
C ASP A 911 -7.23 58.71 -4.49
N VAL A 912 -7.75 58.58 -5.70
CA VAL A 912 -7.64 57.33 -6.45
C VAL A 912 -6.33 57.28 -7.21
N HIS A 913 -5.75 56.08 -7.29
CA HIS A 913 -4.60 55.77 -8.11
C HIS A 913 -4.95 54.65 -9.09
N ILE A 914 -4.08 54.48 -10.09
CA ILE A 914 -4.26 53.50 -11.15
C ILE A 914 -3.11 52.52 -11.07
N LEU A 915 -3.39 51.27 -10.71
CA LEU A 915 -2.41 50.20 -10.79
C LEU A 915 -2.64 49.47 -12.10
N SER A 916 -1.84 49.77 -13.11
CA SER A 916 -1.96 49.14 -14.42
C SER A 916 -0.92 48.05 -14.57
N ILE A 917 -1.32 46.93 -15.19
CA ILE A 917 -0.41 45.80 -15.33
C ILE A 917 -0.39 45.30 -16.77
N ASP A 918 0.80 45.17 -17.33
CA ASP A 918 0.99 44.65 -18.68
C ASP A 918 1.84 43.39 -18.63
N ARG A 919 1.84 42.66 -19.73
CA ARG A 919 2.65 41.47 -19.89
C ARG A 919 3.69 41.72 -20.97
N GLY A 920 4.71 40.86 -20.99
CA GLY A 920 5.74 40.98 -21.99
C GLY A 920 6.47 39.66 -22.14
N GLU A 921 7.22 39.55 -23.25
CA GLU A 921 8.07 38.39 -23.44
C GLU A 921 9.17 38.36 -22.37
N ARG A 922 9.73 39.52 -22.05
CA ARG A 922 10.79 39.60 -21.06
C ARG A 922 10.29 39.70 -19.63
N HIS A 923 9.08 40.21 -19.44
CA HIS A 923 8.51 40.37 -18.10
C HIS A 923 7.21 39.58 -18.03
N LEU A 924 7.16 38.60 -17.12
CA LEU A 924 5.92 37.89 -16.85
C LEU A 924 4.77 38.86 -16.62
N ALA A 925 5.00 39.86 -15.78
CA ALA A 925 4.05 40.95 -15.59
C ALA A 925 4.80 42.14 -15.04
N TYR A 926 4.31 43.34 -15.38
CA TYR A 926 4.99 44.58 -15.08
C TYR A 926 3.94 45.61 -14.69
N TYR A 927 4.13 46.28 -13.55
CA TYR A 927 3.11 47.19 -13.05
C TYR A 927 3.58 48.63 -13.07
N THR A 928 2.59 49.51 -13.11
CA THR A 928 2.79 50.96 -13.16
C THR A 928 1.71 51.59 -12.28
N LEU A 929 2.14 52.29 -11.23
CA LEU A 929 1.24 53.03 -10.37
C LEU A 929 1.19 54.47 -10.86
N VAL A 930 0.01 54.94 -11.22
CA VAL A 930 -0.18 56.27 -11.78
C VAL A 930 -1.09 57.08 -10.86
N ASP A 931 -0.74 58.35 -10.66
CA ASP A 931 -1.55 59.26 -9.86
C ASP A 931 -2.62 59.92 -10.74
N GLY A 932 -3.57 60.59 -10.07
CA GLY A 932 -4.69 61.22 -10.75
C GLY A 932 -4.30 62.21 -11.83
N LYS A 933 -3.05 62.66 -11.84
CA LYS A 933 -2.59 63.60 -12.86
C LYS A 933 -1.91 62.91 -14.03
N GLY A 934 -1.59 61.61 -13.92
CA GLY A 934 -0.90 60.91 -14.98
C GLY A 934 0.58 60.71 -14.77
N ASN A 935 1.11 61.10 -13.61
CA ASN A 935 2.52 60.87 -13.29
C ASN A 935 2.72 59.47 -12.74
N ILE A 936 3.90 58.91 -12.98
CA ILE A 936 4.24 57.58 -12.48
C ILE A 936 4.83 57.71 -11.08
N ILE A 937 4.20 57.03 -10.12
CA ILE A 937 4.67 57.01 -8.74
C ILE A 937 5.55 55.80 -8.48
N LYS A 938 5.20 54.65 -9.06
CA LYS A 938 5.94 53.41 -8.89
C LYS A 938 5.90 52.62 -10.19
N GLN A 939 6.97 51.86 -10.43
CA GLN A 939 6.99 50.92 -11.55
C GLN A 939 8.07 49.89 -11.31
N ASP A 940 7.72 48.62 -11.46
CA ASP A 940 8.68 47.55 -11.30
C ASP A 940 8.15 46.31 -12.02
N THR A 941 9.06 45.37 -12.29
CA THR A 941 8.67 44.10 -12.86
C THR A 941 8.20 43.15 -11.77
N PHE A 942 7.36 42.20 -12.14
CA PHE A 942 6.97 41.14 -11.22
C PHE A 942 7.78 39.88 -11.41
N ASN A 943 8.85 39.93 -12.21
CA ASN A 943 9.69 38.76 -12.39
C ASN A 943 10.38 38.36 -11.10
N ILE A 944 10.75 39.33 -10.27
CA ILE A 944 11.42 39.10 -8.99
C ILE A 944 10.41 39.41 -7.91
N ILE A 945 10.07 38.40 -7.11
CA ILE A 945 9.01 38.59 -6.12
C ILE A 945 9.50 38.05 -4.79
N GLY A 946 10.81 37.77 -4.69
CA GLY A 946 11.37 37.41 -3.42
C GLY A 946 11.69 38.65 -2.64
N ASN A 947 10.90 38.95 -1.62
CA ASN A 947 11.13 40.15 -0.81
C ASN A 947 12.21 39.91 0.23
N ASP A 948 12.72 41.00 0.79
CA ASP A 948 13.77 40.98 1.81
C ASP A 948 15.05 40.25 1.41
N ARG A 949 15.50 39.32 2.25
CA ARG A 949 16.83 38.75 2.03
C ARG A 949 16.85 37.82 0.82
N MET A 950 15.79 37.03 0.62
CA MET A 950 15.76 36.05 -0.46
C MET A 950 14.99 36.61 -1.65
N LYS A 951 15.60 36.55 -2.82
CA LYS A 951 14.96 36.99 -4.05
C LYS A 951 14.89 35.82 -5.02
N THR A 952 13.73 35.61 -5.60
CA THR A 952 13.50 34.54 -6.56
C THR A 952 13.02 35.12 -7.87
N ASN A 953 13.58 34.61 -8.97
CA ASN A 953 13.24 35.08 -10.32
C ASN A 953 12.33 34.04 -10.97
N TYR A 954 11.02 34.18 -10.76
CA TYR A 954 10.10 33.20 -11.30
C TYR A 954 10.04 33.22 -12.83
N HIS A 955 10.50 34.29 -13.46
CA HIS A 955 10.58 34.26 -14.92
C HIS A 955 11.57 33.19 -15.37
N ASP A 956 12.76 33.16 -14.76
CA ASP A 956 13.74 32.15 -15.13
C ASP A 956 13.24 30.75 -14.76
N LYS A 957 12.61 30.62 -13.59
CA LYS A 957 12.07 29.33 -13.19
C LYS A 957 11.07 28.81 -14.22
N LEU A 958 10.11 29.65 -14.61
CA LEU A 958 9.08 29.23 -15.54
C LEU A 958 9.65 28.95 -16.92
N ALA A 959 10.60 29.78 -17.37
CA ALA A 959 11.22 29.53 -18.67
C ALA A 959 12.00 28.22 -18.67
N ALA A 960 12.67 27.92 -17.56
CA ALA A 960 13.38 26.65 -17.45
C ALA A 960 12.42 25.47 -17.48
N ILE A 961 11.29 25.60 -16.78
CA ILE A 961 10.30 24.52 -16.79
C ILE A 961 9.76 24.31 -18.20
N GLU A 962 9.53 25.40 -18.93
CA GLU A 962 9.03 25.27 -20.30
C GLU A 962 10.03 24.55 -21.18
N LYS A 963 11.30 24.96 -21.10
CA LYS A 963 12.35 24.27 -21.86
C LYS A 963 12.42 22.80 -21.47
N ASP A 964 12.26 22.50 -20.17
CA ASP A 964 12.30 21.13 -19.72
C ASP A 964 11.16 20.31 -20.29
N ARG A 965 9.95 20.89 -20.35
CA ARG A 965 8.81 20.18 -20.89
C ARG A 965 8.99 19.91 -22.38
N ASP A 966 9.52 20.89 -23.12
CA ASP A 966 9.80 20.67 -24.53
C ASP A 966 10.80 19.52 -24.72
N SER A 967 11.91 19.58 -23.99
CA SER A 967 12.88 18.50 -24.01
C SER A 967 12.22 17.16 -23.67
N ALA A 968 11.28 17.16 -22.73
CA ALA A 968 10.68 15.91 -22.29
C ALA A 968 9.77 15.33 -23.37
N ARG A 969 8.88 16.15 -23.92
CA ARG A 969 8.02 15.71 -25.01
C ARG A 969 8.84 15.15 -26.17
N LYS A 970 9.98 15.77 -26.45
CA LYS A 970 10.82 15.26 -27.54
C LYS A 970 11.50 13.95 -27.16
N ASP A 971 11.89 13.80 -25.90
CA ASP A 971 12.70 12.67 -25.48
C ASP A 971 11.89 11.57 -24.80
N TRP A 972 10.55 11.65 -24.86
CA TRP A 972 9.66 10.66 -24.27
C TRP A 972 9.79 10.59 -22.76
N LYS A 973 10.26 11.66 -22.13
CA LYS A 973 10.36 11.72 -20.68
C LYS A 973 9.07 12.28 -20.08
N LYS A 974 8.93 12.09 -18.76
CA LYS A 974 7.75 12.60 -18.06
C LYS A 974 7.71 14.13 -18.18
N ILE A 975 6.54 14.65 -18.53
CA ILE A 975 6.34 16.10 -18.61
C ILE A 975 6.00 16.61 -17.22
N ASN A 976 6.85 17.47 -16.68
CA ASN A 976 6.65 17.99 -15.34
C ASN A 976 5.61 19.11 -15.35
N ASN A 977 4.95 19.29 -14.22
CA ASN A 977 3.88 20.27 -14.14
C ASN A 977 4.43 21.68 -14.09
N ILE A 978 3.89 22.56 -14.94
CA ILE A 978 4.17 23.98 -14.85
C ILE A 978 3.07 24.75 -14.12
N LYS A 979 1.90 24.14 -13.91
CA LYS A 979 0.75 24.87 -13.37
C LYS A 979 0.95 25.22 -11.90
N GLU A 980 1.47 24.27 -11.10
CA GLU A 980 1.68 24.52 -9.68
C GLU A 980 2.69 25.63 -9.45
N MET A 981 3.74 25.68 -10.27
CA MET A 981 4.70 26.78 -10.18
C MET A 981 4.05 28.12 -10.45
N LYS A 982 3.19 28.18 -11.47
CA LYS A 982 2.52 29.44 -11.79
C LYS A 982 1.58 29.86 -10.67
N GLU A 983 0.92 28.89 -10.02
CA GLU A 983 0.00 29.25 -8.94
C GLU A 983 0.74 29.70 -7.70
N GLY A 984 1.80 29.00 -7.33
CA GLY A 984 2.61 29.42 -6.20
C GLY A 984 3.26 30.78 -6.44
N TYR A 985 3.65 31.06 -7.68
CA TYR A 985 4.27 32.35 -7.98
C TYR A 985 3.24 33.47 -7.97
N LEU A 986 2.07 33.23 -8.55
CA LEU A 986 1.04 34.25 -8.60
C LEU A 986 0.44 34.56 -7.24
N SER A 987 0.47 33.62 -6.30
CA SER A 987 -0.02 33.95 -4.97
C SER A 987 0.69 35.17 -4.41
N GLN A 988 2.02 35.22 -4.58
CA GLN A 988 2.80 36.37 -4.09
C GLN A 988 2.42 37.66 -4.83
N VAL A 989 2.26 37.59 -6.15
CA VAL A 989 1.91 38.77 -6.93
C VAL A 989 0.55 39.31 -6.51
N VAL A 990 -0.43 38.41 -6.36
CA VAL A 990 -1.75 38.80 -5.87
C VAL A 990 -1.65 39.46 -4.51
N HIS A 991 -0.83 38.89 -3.62
CA HIS A 991 -0.65 39.49 -2.31
C HIS A 991 -0.14 40.92 -2.41
N GLU A 992 0.94 41.12 -3.18
CA GLU A 992 1.48 42.46 -3.37
C GLU A 992 0.46 43.42 -3.98
N ILE A 993 -0.33 42.93 -4.94
CA ILE A 993 -1.27 43.81 -5.64
C ILE A 993 -2.40 44.23 -4.72
N ALA A 994 -2.89 43.31 -3.88
CA ALA A 994 -3.88 43.68 -2.87
C ALA A 994 -3.33 44.74 -1.93
N LYS A 995 -2.11 44.51 -1.42
CA LYS A 995 -1.48 45.50 -0.55
C LYS A 995 -1.42 46.87 -1.21
N LEU A 996 -0.98 46.91 -2.47
CA LEU A 996 -0.88 48.19 -3.17
C LEU A 996 -2.26 48.83 -3.33
N VAL A 997 -3.25 48.04 -3.77
CA VAL A 997 -4.60 48.55 -3.99
C VAL A 997 -5.10 49.28 -2.76
N ILE A 998 -4.83 48.72 -1.58
CA ILE A 998 -5.40 49.36 -0.40
C ILE A 998 -4.52 50.47 0.14
N GLU A 999 -3.20 50.32 0.05
CA GLU A 999 -2.28 51.36 0.52
C GLU A 999 -2.40 52.63 -0.31
N TYR A 1000 -2.79 52.54 -1.59
CA TYR A 1000 -2.84 53.70 -2.46
C TYR A 1000 -4.23 54.00 -3.01
N ASN A 1001 -5.28 53.41 -2.44
CA ASN A 1001 -6.66 53.68 -2.87
C ASN A 1001 -6.81 53.47 -4.38
N ALA A 1002 -6.26 52.36 -4.86
CA ALA A 1002 -6.06 52.15 -6.29
C ALA A 1002 -7.20 51.34 -6.91
N ILE A 1003 -7.30 51.47 -8.23
CA ILE A 1003 -8.08 50.59 -9.06
C ILE A 1003 -7.11 49.89 -10.02
N VAL A 1004 -7.36 48.63 -10.30
CA VAL A 1004 -6.47 47.85 -11.14
C VAL A 1004 -6.98 47.86 -12.57
N VAL A 1005 -6.06 47.89 -13.53
CA VAL A 1005 -6.39 47.97 -14.96
C VAL A 1005 -5.54 46.96 -15.72
N PHE A 1006 -6.20 46.16 -16.55
CA PHE A 1006 -5.57 45.23 -17.47
C PHE A 1006 -5.96 45.59 -18.90
N GLN A 1007 -5.45 44.84 -19.86
CA GLN A 1007 -5.77 45.06 -21.26
C GLN A 1007 -6.54 43.86 -21.81
N ASP A 1008 -7.49 44.14 -22.69
CA ASP A 1008 -8.12 43.10 -23.47
C ASP A 1008 -7.08 42.40 -24.34
N LEU A 1009 -7.27 41.11 -24.56
CA LEU A 1009 -6.30 40.31 -25.31
C LEU A 1009 -5.96 40.88 -26.69
N ARG A 1015 -9.16 33.93 -26.72
CA ARG A 1015 -9.08 33.89 -25.25
C ARG A 1015 -8.74 32.48 -24.75
N GLY A 1016 -7.76 32.40 -23.86
CA GLY A 1016 -7.32 31.13 -23.29
C GLY A 1016 -6.45 30.29 -24.19
N ARG A 1017 -5.95 30.86 -25.29
CA ARG A 1017 -5.11 30.17 -26.28
C ARG A 1017 -3.83 30.97 -26.47
N PHE A 1018 -2.89 30.88 -25.52
CA PHE A 1018 -1.64 31.63 -25.60
C PHE A 1018 -0.47 30.81 -26.15
N LYS A 1019 -0.43 29.50 -25.88
CA LYS A 1019 0.57 28.53 -26.33
C LYS A 1019 2.01 28.95 -26.02
N VAL A 1020 2.20 30.01 -25.23
CA VAL A 1020 3.48 30.32 -24.62
C VAL A 1020 3.33 29.91 -23.16
N GLU A 1021 3.81 28.72 -22.82
CA GLU A 1021 3.59 28.14 -21.50
C GLU A 1021 4.10 29.03 -20.37
N LYS A 1022 4.98 29.98 -20.69
CA LYS A 1022 5.52 30.90 -19.69
C LYS A 1022 4.50 31.96 -19.30
N GLN A 1023 3.52 32.24 -20.16
CA GLN A 1023 2.65 33.40 -19.97
C GLN A 1023 1.66 33.15 -18.83
N VAL A 1024 1.39 34.20 -18.05
CA VAL A 1024 0.73 34.07 -16.76
C VAL A 1024 -0.34 35.14 -16.58
N TYR A 1025 -0.69 35.83 -17.67
CA TYR A 1025 -1.51 37.04 -17.53
C TYR A 1025 -2.95 36.69 -17.13
N GLN A 1026 -3.58 35.79 -17.88
CA GLN A 1026 -4.97 35.48 -17.61
C GLN A 1026 -5.13 34.80 -16.25
N LYS A 1027 -4.19 33.92 -15.90
CA LYS A 1027 -4.21 33.28 -14.60
C LYS A 1027 -4.11 34.30 -13.48
N LEU A 1028 -3.26 35.32 -13.67
CA LEU A 1028 -3.13 36.38 -12.67
C LEU A 1028 -4.44 37.15 -12.52
N GLU A 1029 -5.08 37.47 -13.64
CA GLU A 1029 -6.39 38.12 -13.57
C GLU A 1029 -7.37 37.28 -12.75
N LYS A 1030 -7.45 35.98 -13.06
CA LYS A 1030 -8.44 35.13 -12.38
C LYS A 1030 -8.14 35.02 -10.88
N MET A 1031 -6.87 34.80 -10.52
CA MET A 1031 -6.52 34.68 -9.12
C MET A 1031 -6.76 35.98 -8.37
N LEU A 1032 -6.49 37.13 -9.02
CA LEU A 1032 -6.71 38.41 -8.37
C LEU A 1032 -8.19 38.67 -8.15
N ILE A 1033 -9.03 38.39 -9.16
CA ILE A 1033 -10.48 38.50 -8.97
C ILE A 1033 -10.90 37.69 -7.75
N GLU A 1034 -10.48 36.41 -7.72
CA GLU A 1034 -10.87 35.54 -6.62
C GLU A 1034 -10.44 36.11 -5.28
N LYS A 1035 -9.19 36.57 -5.18
CA LYS A 1035 -8.71 37.11 -3.91
C LYS A 1035 -9.51 38.33 -3.49
N LEU A 1036 -9.73 39.26 -4.42
CA LEU A 1036 -10.48 40.46 -4.10
C LEU A 1036 -11.95 40.22 -3.89
N ASN A 1037 -12.45 38.99 -4.09
CA ASN A 1037 -13.82 38.68 -3.69
C ASN A 1037 -13.99 38.70 -2.18
N TYR A 1038 -12.92 38.42 -1.43
CA TYR A 1038 -13.04 38.35 0.04
C TYR A 1038 -11.63 38.55 0.62
N LEU A 1039 -11.30 39.81 0.88
CA LEU A 1039 -9.92 40.21 1.21
C LEU A 1039 -9.80 40.40 2.72
N VAL A 1040 -9.06 39.51 3.37
CA VAL A 1040 -8.79 39.56 4.80
C VAL A 1040 -7.30 39.78 4.99
N PHE A 1041 -6.95 40.71 5.89
CA PHE A 1041 -5.58 40.89 6.34
C PHE A 1041 -5.46 40.27 7.72
N LYS A 1042 -4.57 39.30 7.87
CA LYS A 1042 -4.44 38.58 9.14
C LYS A 1042 -4.05 39.52 10.29
N ASP A 1043 -3.45 40.66 9.99
CA ASP A 1043 -3.00 41.56 11.06
C ASP A 1043 -4.10 42.49 11.55
N ASN A 1044 -5.25 42.54 10.88
CA ASN A 1044 -6.30 43.44 11.30
C ASN A 1044 -7.05 42.86 12.49
N GLU A 1045 -7.92 43.68 13.07
CA GLU A 1045 -8.68 43.29 14.24
C GLU A 1045 -9.90 42.48 13.80
N PHE A 1046 -10.31 41.55 14.68
CA PHE A 1046 -11.30 40.55 14.32
C PHE A 1046 -12.62 41.18 13.89
N ASP A 1047 -12.99 42.30 14.50
CA ASP A 1047 -14.27 42.94 14.22
C ASP A 1047 -14.10 44.29 13.50
N LYS A 1048 -12.91 44.60 13.01
CA LYS A 1048 -12.67 45.85 12.30
C LYS A 1048 -12.52 45.57 10.81
N THR A 1049 -12.62 46.63 10.00
CA THR A 1049 -12.62 46.43 8.55
C THR A 1049 -11.28 45.88 8.09
N GLY A 1050 -11.32 44.83 7.28
CA GLY A 1050 -10.13 44.10 6.91
C GLY A 1050 -9.84 42.89 7.77
N GLY A 1051 -10.59 42.71 8.87
CA GLY A 1051 -10.46 41.52 9.69
C GLY A 1051 -11.37 40.39 9.23
N VAL A 1052 -11.40 39.33 10.05
CA VAL A 1052 -12.10 38.11 9.67
C VAL A 1052 -13.59 38.38 9.46
N LEU A 1053 -14.21 39.11 10.39
CA LEU A 1053 -15.65 39.34 10.29
C LEU A 1053 -15.99 40.35 9.21
N ARG A 1054 -15.05 41.23 8.84
CA ARG A 1054 -15.37 42.39 8.00
C ARG A 1054 -14.31 42.53 6.89
N ALA A 1055 -14.37 41.60 5.93
CA ALA A 1055 -13.39 41.53 4.86
C ALA A 1055 -13.75 42.49 3.74
N TYR A 1056 -12.72 43.00 3.07
CA TYR A 1056 -12.94 43.81 1.88
C TYR A 1056 -13.54 42.95 0.78
N GLN A 1057 -14.49 43.53 0.06
CA GLN A 1057 -14.97 42.96 -1.20
C GLN A 1057 -14.86 44.05 -2.25
N LEU A 1058 -13.88 43.90 -3.15
CA LEU A 1058 -13.56 44.93 -4.12
C LEU A 1058 -13.79 44.49 -5.56
N THR A 1059 -14.28 43.27 -5.78
CA THR A 1059 -14.58 42.78 -7.13
C THR A 1059 -15.93 42.10 -7.12
N ALA A 1060 -16.52 41.99 -8.31
CA ALA A 1060 -17.77 41.29 -8.50
C ALA A 1060 -17.54 39.79 -8.46
N PRO A 1061 -18.61 39.00 -8.27
CA PRO A 1061 -18.43 37.55 -8.05
C PRO A 1061 -17.75 36.79 -9.19
N PHE A 1062 -17.87 37.24 -10.44
CA PHE A 1062 -17.29 36.50 -11.57
C PHE A 1062 -17.82 35.07 -11.65
N GLU A 1063 -18.97 34.88 -12.29
CA GLU A 1063 -19.40 33.51 -12.55
C GLU A 1063 -18.66 32.93 -13.74
N THR A 1064 -18.58 33.69 -14.83
CA THR A 1064 -17.85 33.28 -16.02
C THR A 1064 -17.13 34.48 -16.61
N PHE A 1065 -16.27 34.19 -17.59
CA PHE A 1065 -15.69 35.22 -18.42
C PHE A 1065 -16.65 35.63 -19.52
N LYS A 1066 -17.46 34.69 -20.02
CA LYS A 1066 -18.45 35.02 -21.03
C LYS A 1066 -19.42 36.08 -20.53
N LYS A 1067 -19.87 35.97 -19.28
CA LYS A 1067 -20.75 36.98 -18.72
C LYS A 1067 -20.01 38.27 -18.42
N MET A 1068 -18.77 38.17 -17.95
CA MET A 1068 -18.07 39.33 -17.42
C MET A 1068 -17.76 40.35 -18.52
N GLY A 1069 -18.14 41.60 -18.27
CA GLY A 1069 -17.81 42.70 -19.14
C GLY A 1069 -16.41 43.22 -18.86
N LYS A 1070 -16.23 44.52 -19.09
CA LYS A 1070 -14.93 45.16 -18.95
C LYS A 1070 -14.71 45.75 -17.56
N GLN A 1071 -15.61 45.47 -16.61
CA GLN A 1071 -15.43 45.91 -15.23
C GLN A 1071 -15.97 44.86 -14.28
N THR A 1072 -15.12 44.38 -13.38
CA THR A 1072 -15.57 43.65 -12.20
C THR A 1072 -15.04 44.38 -10.97
N GLY A 1073 -15.94 45.05 -10.25
CA GLY A 1073 -15.53 45.81 -9.09
C GLY A 1073 -14.53 46.88 -9.47
N ILE A 1074 -13.32 46.79 -8.89
CA ILE A 1074 -12.27 47.78 -9.13
C ILE A 1074 -11.31 47.37 -10.23
N ILE A 1075 -11.57 46.26 -10.90
CA ILE A 1075 -10.70 45.78 -11.96
C ILE A 1075 -11.35 46.17 -13.28
N TYR A 1076 -10.64 46.97 -14.08
CA TYR A 1076 -11.14 47.45 -15.36
C TYR A 1076 -10.26 46.89 -16.48
N TYR A 1077 -10.85 46.84 -17.67
CA TYR A 1077 -10.16 46.37 -18.86
C TYR A 1077 -10.19 47.45 -19.94
N VAL A 1078 -9.02 47.74 -20.50
CA VAL A 1078 -8.93 48.74 -21.56
C VAL A 1078 -8.44 48.05 -22.82
N PRO A 1079 -8.74 48.57 -24.00
CA PRO A 1079 -8.28 47.92 -25.24
C PRO A 1079 -6.76 47.98 -25.35
N ALA A 1080 -6.16 46.85 -25.71
CA ALA A 1080 -4.71 46.77 -25.81
C ALA A 1080 -4.14 47.57 -26.96
N GLY A 1081 -4.97 48.22 -27.76
CA GLY A 1081 -4.48 48.92 -28.93
C GLY A 1081 -3.57 50.08 -28.60
N PHE A 1082 -2.38 50.08 -29.20
CA PHE A 1082 -1.42 51.18 -29.07
C PHE A 1082 -1.08 51.50 -27.62
N THR A 1083 -0.97 50.48 -26.78
CA THR A 1083 -0.55 50.75 -25.40
C THR A 1083 0.96 50.74 -25.24
N SER A 1084 1.68 49.95 -26.04
CA SER A 1084 3.13 49.89 -25.94
C SER A 1084 3.88 50.47 -27.12
N LYS A 1085 3.24 50.66 -28.27
CA LYS A 1085 3.88 51.25 -29.44
C LYS A 1085 3.46 52.71 -29.61
N ILE A 1086 3.86 53.53 -28.63
CA ILE A 1086 3.45 54.92 -28.57
C ILE A 1086 4.48 55.67 -27.73
N CYS A 1087 4.62 56.98 -27.99
CA CYS A 1087 5.66 57.78 -27.32
C CYS A 1087 5.15 58.27 -25.97
N PRO A 1088 5.92 58.09 -24.89
CA PRO A 1088 5.46 58.56 -23.58
C PRO A 1088 5.47 60.07 -23.44
N VAL A 1089 6.19 60.77 -24.29
CA VAL A 1089 6.34 62.22 -24.18
C VAL A 1089 5.42 62.95 -25.13
N THR A 1090 5.46 62.59 -26.42
CA THR A 1090 4.66 63.29 -27.41
C THR A 1090 3.33 62.61 -27.68
N GLY A 1091 3.21 61.33 -27.37
CA GLY A 1091 2.03 60.58 -27.74
C GLY A 1091 1.96 60.16 -29.19
N PHE A 1092 3.03 60.33 -29.95
CA PHE A 1092 3.01 59.95 -31.36
C PHE A 1092 2.84 58.45 -31.51
N VAL A 1093 2.00 58.07 -32.46
CA VAL A 1093 1.72 56.68 -32.73
C VAL A 1093 1.76 56.45 -34.24
N ASN A 1094 2.27 55.29 -34.65
CA ASN A 1094 2.47 55.00 -36.06
C ASN A 1094 1.18 54.43 -36.64
N GLN A 1095 0.33 55.30 -37.17
CA GLN A 1095 -0.83 54.84 -37.93
C GLN A 1095 -0.67 55.08 -39.42
N LEU A 1096 0.47 55.58 -39.85
CA LEU A 1096 0.90 55.42 -41.23
C LEU A 1096 1.37 53.98 -41.37
N TYR A 1097 0.68 53.19 -42.17
CA TYR A 1097 1.21 51.85 -42.32
C TYR A 1097 1.86 51.74 -43.68
N PRO A 1098 3.16 51.93 -43.80
CA PRO A 1098 3.79 51.89 -45.12
C PRO A 1098 4.24 50.50 -45.51
N LYS A 1099 3.61 49.95 -46.53
CA LYS A 1099 4.00 48.68 -47.13
C LYS A 1099 4.26 48.93 -48.60
N TYR A 1100 5.17 48.17 -49.19
CA TYR A 1100 5.44 48.34 -50.61
C TYR A 1100 4.51 47.43 -51.40
N GLU A 1101 3.61 48.04 -52.16
CA GLU A 1101 2.76 47.31 -53.11
C GLU A 1101 3.23 47.59 -54.53
N SER A 1102 3.08 48.84 -54.99
CA SER A 1102 3.41 49.21 -56.34
C SER A 1102 4.15 50.53 -56.35
N VAL A 1103 4.85 50.78 -57.46
CA VAL A 1103 5.52 52.07 -57.63
C VAL A 1103 4.49 53.20 -57.62
N SER A 1104 3.39 53.01 -58.34
CA SER A 1104 2.34 54.02 -58.34
C SER A 1104 1.77 54.19 -56.94
N LYS A 1105 1.52 53.09 -56.23
CA LYS A 1105 0.97 53.19 -54.89
C LYS A 1105 1.94 53.88 -53.93
N SER A 1106 3.23 53.56 -54.02
CA SER A 1106 4.19 54.12 -53.07
C SER A 1106 4.46 55.60 -53.37
N GLN A 1107 4.48 55.99 -54.64
CA GLN A 1107 4.64 57.41 -54.91
C GLN A 1107 3.38 58.19 -54.56
N GLU A 1108 2.20 57.59 -54.77
CA GLU A 1108 0.96 58.17 -54.26
C GLU A 1108 1.05 58.39 -52.76
N PHE A 1109 1.60 57.42 -52.03
CA PHE A 1109 1.76 57.55 -50.59
C PHE A 1109 2.72 58.68 -50.23
N PHE A 1110 3.90 58.70 -50.85
CA PHE A 1110 4.92 59.67 -50.48
C PHE A 1110 4.56 61.08 -50.90
N SER A 1111 3.66 61.27 -51.86
CA SER A 1111 3.21 62.61 -52.20
C SER A 1111 2.24 63.19 -51.19
N LYS A 1112 1.70 62.36 -50.28
CA LYS A 1112 0.78 62.83 -49.24
C LYS A 1112 1.48 63.51 -48.08
N PHE A 1113 2.79 63.42 -47.98
CA PHE A 1113 3.51 64.15 -46.96
C PHE A 1113 3.51 65.64 -47.26
N ASP A 1114 3.84 66.44 -46.24
CA ASP A 1114 4.00 67.87 -46.46
C ASP A 1114 5.38 68.20 -46.98
N LYS A 1115 6.43 67.64 -46.37
CA LYS A 1115 7.77 67.83 -46.89
C LYS A 1115 8.65 66.66 -46.46
N ILE A 1116 9.75 66.47 -47.17
CA ILE A 1116 10.70 65.42 -46.89
C ILE A 1116 12.08 66.00 -47.18
N CYS A 1117 12.88 66.23 -46.15
CA CYS A 1117 14.15 66.90 -46.37
C CYS A 1117 15.22 66.33 -45.44
N TYR A 1118 16.40 66.90 -45.56
CA TYR A 1118 17.54 66.60 -44.69
C TYR A 1118 17.85 67.84 -43.88
N ASN A 1119 18.10 67.66 -42.58
CA ASN A 1119 18.47 68.74 -41.69
C ASN A 1119 19.97 68.65 -41.45
N LEU A 1120 20.69 69.71 -41.85
CA LEU A 1120 22.12 69.78 -41.64
C LEU A 1120 22.44 70.10 -40.18
N ASP A 1121 21.79 71.12 -39.63
CA ASP A 1121 22.07 71.57 -38.27
C ASP A 1121 21.90 70.46 -37.25
N LYS A 1122 21.14 69.42 -37.58
CA LYS A 1122 20.95 68.27 -36.70
C LYS A 1122 21.40 66.96 -37.32
N GLY A 1123 21.75 66.95 -38.60
CA GLY A 1123 22.32 65.77 -39.23
C GLY A 1123 21.40 64.58 -39.36
N TYR A 1124 20.13 64.81 -39.73
CA TYR A 1124 19.19 63.70 -39.88
C TYR A 1124 18.04 64.11 -40.79
N PHE A 1125 17.31 63.12 -41.28
CA PHE A 1125 16.23 63.36 -42.23
C PHE A 1125 14.90 63.60 -41.53
N GLU A 1126 14.10 64.50 -42.09
CA GLU A 1126 12.82 64.89 -41.50
C GLU A 1126 11.70 64.64 -42.51
N PHE A 1127 10.71 63.83 -42.10
CA PHE A 1127 9.48 63.61 -42.86
C PHE A 1127 8.38 64.34 -42.13
N SER A 1128 7.82 65.39 -42.72
CA SER A 1128 6.73 66.15 -42.10
C SER A 1128 5.44 65.90 -42.86
N PHE A 1129 4.36 65.69 -42.12
CA PHE A 1129 3.07 65.33 -42.72
C PHE A 1129 1.95 65.71 -41.76
N ASP A 1130 0.72 65.58 -42.26
CA ASP A 1130 -0.49 65.72 -41.47
C ASP A 1130 -1.30 64.45 -41.64
N TYR A 1131 -1.75 63.87 -40.53
CA TYR A 1131 -2.50 62.62 -40.60
C TYR A 1131 -3.84 62.78 -41.29
N LYS A 1132 -4.34 64.01 -41.42
CA LYS A 1132 -5.59 64.21 -42.15
C LYS A 1132 -5.43 63.86 -43.63
N ASN A 1133 -4.23 63.99 -44.17
CA ASN A 1133 -3.98 63.69 -45.58
C ASN A 1133 -4.02 62.21 -45.88
N PHE A 1134 -4.08 61.36 -44.87
CA PHE A 1134 -4.07 59.92 -45.07
C PHE A 1134 -5.48 59.36 -44.84
N GLY A 1135 -5.61 58.04 -45.04
CA GLY A 1135 -6.89 57.36 -45.02
C GLY A 1135 -7.92 57.75 -43.98
N ASP A 1136 -7.61 57.57 -42.71
CA ASP A 1136 -8.58 57.82 -41.66
C ASP A 1136 -8.08 58.91 -40.71
N LYS A 1137 -9.04 59.66 -40.17
CA LYS A 1137 -8.76 60.72 -39.22
C LYS A 1137 -8.82 60.24 -37.77
N ALA A 1138 -8.74 58.92 -37.55
CA ALA A 1138 -8.74 58.39 -36.19
C ALA A 1138 -7.59 58.98 -35.38
N ALA A 1139 -6.37 58.82 -35.89
CA ALA A 1139 -5.24 59.63 -35.46
C ALA A 1139 -5.20 60.88 -36.33
N LYS A 1140 -5.01 62.03 -35.69
CA LYS A 1140 -4.98 63.29 -36.41
C LYS A 1140 -3.85 64.13 -35.86
N GLY A 1141 -3.53 65.21 -36.56
CA GLY A 1141 -2.49 66.12 -36.16
C GLY A 1141 -1.31 66.09 -37.12
N LYS A 1142 -0.43 67.07 -36.93
CA LYS A 1142 0.73 67.24 -37.77
C LYS A 1142 1.95 66.71 -37.03
N TRP A 1143 2.77 65.95 -37.73
CA TRP A 1143 3.94 65.35 -37.10
C TRP A 1143 5.13 65.43 -38.05
N THR A 1144 6.31 65.58 -37.46
CA THR A 1144 7.57 65.46 -38.20
C THR A 1144 8.38 64.35 -37.54
N ILE A 1145 8.74 63.34 -38.32
CA ILE A 1145 9.50 62.20 -37.82
C ILE A 1145 10.93 62.29 -38.34
N ALA A 1146 11.87 61.79 -37.55
CA ALA A 1146 13.29 61.98 -37.82
C ALA A 1146 14.01 60.64 -37.83
N SER A 1147 15.07 60.57 -38.63
CA SER A 1147 15.96 59.40 -38.64
C SER A 1147 16.95 59.40 -37.50
N PHE A 1148 16.61 60.05 -36.40
CA PHE A 1148 17.52 60.16 -35.27
C PHE A 1148 17.69 58.82 -34.57
N GLY A 1149 18.94 58.48 -34.26
CA GLY A 1149 19.24 57.30 -33.49
C GLY A 1149 19.37 56.05 -34.34
N SER A 1150 19.97 55.03 -33.74
CA SER A 1150 20.07 53.74 -34.39
C SER A 1150 18.86 52.89 -34.01
N ARG A 1151 18.71 51.75 -34.70
CA ARG A 1151 17.63 50.81 -34.46
C ARG A 1151 18.18 49.39 -34.42
N LEU A 1152 17.41 48.50 -33.80
CA LEU A 1152 17.75 47.08 -33.73
C LEU A 1152 16.70 46.27 -34.46
N ILE A 1153 17.15 45.40 -35.35
CA ILE A 1153 16.25 44.60 -36.19
C ILE A 1153 16.45 43.14 -35.85
N ASN A 1154 15.35 42.43 -35.62
CA ASN A 1154 15.38 40.99 -35.36
C ASN A 1154 15.15 40.23 -36.66
N PHE A 1155 16.12 39.39 -37.04
CA PHE A 1155 16.07 38.63 -38.28
C PHE A 1155 16.54 37.21 -37.99
N ARG A 1156 16.41 36.33 -38.98
CA ARG A 1156 16.84 34.95 -38.81
C ARG A 1156 17.72 34.46 -39.95
N TRP A 1164 16.87 33.40 -33.44
CA TRP A 1164 16.96 34.69 -34.12
C TRP A 1164 18.33 35.32 -33.89
N ASP A 1165 18.56 36.44 -34.56
CA ASP A 1165 19.76 37.26 -34.37
C ASP A 1165 19.34 38.70 -34.56
N THR A 1166 20.10 39.62 -33.98
CA THR A 1166 19.73 41.03 -34.05
C THR A 1166 20.83 41.82 -34.74
N ARG A 1167 20.43 42.95 -35.31
CA ARG A 1167 21.29 43.74 -36.18
C ARG A 1167 21.11 45.21 -35.86
N GLU A 1168 22.22 45.94 -35.76
CA GLU A 1168 22.19 47.39 -35.60
C GLU A 1168 22.06 48.03 -36.96
N VAL A 1169 21.04 48.87 -37.12
CA VAL A 1169 20.76 49.52 -38.38
C VAL A 1169 20.71 51.02 -38.16
N TYR A 1170 21.47 51.77 -38.95
CA TYR A 1170 21.46 53.21 -38.84
C TYR A 1170 20.63 53.78 -39.96
N PRO A 1171 19.41 54.27 -39.68
CA PRO A 1171 18.53 54.68 -40.79
C PRO A 1171 19.00 55.92 -41.51
N THR A 1172 19.65 56.85 -40.82
CA THR A 1172 20.14 58.05 -41.49
C THR A 1172 21.17 57.69 -42.56
N LYS A 1173 22.09 56.78 -42.24
CA LYS A 1173 23.12 56.41 -43.21
C LYS A 1173 22.54 55.58 -44.35
N GLU A 1174 21.54 54.74 -44.06
CA GLU A 1174 20.89 53.99 -45.13
C GLU A 1174 20.15 54.92 -46.08
N LEU A 1175 19.48 55.94 -45.53
CA LEU A 1175 18.83 56.94 -46.38
C LEU A 1175 19.85 57.69 -47.22
N GLU A 1176 21.01 58.00 -46.63
CA GLU A 1176 22.09 58.65 -47.38
C GLU A 1176 22.54 57.78 -48.55
N LYS A 1177 22.74 56.49 -48.29
CA LYS A 1177 23.20 55.59 -49.34
C LYS A 1177 22.17 55.47 -50.45
N LEU A 1178 20.88 55.37 -50.09
CA LEU A 1178 19.85 55.24 -51.11
C LEU A 1178 19.72 56.51 -51.95
N LEU A 1179 19.91 57.68 -51.33
CA LEU A 1179 19.83 58.92 -52.10
C LEU A 1179 21.07 59.14 -52.96
N LYS A 1180 22.24 58.68 -52.51
CA LYS A 1180 23.43 58.76 -53.35
C LYS A 1180 23.34 57.80 -54.52
N ASP A 1181 22.79 56.59 -54.29
CA ASP A 1181 22.72 55.59 -55.33
C ASP A 1181 21.86 56.06 -56.50
N TYR A 1182 20.80 56.82 -56.22
CA TYR A 1182 19.95 57.42 -57.24
C TYR A 1182 20.29 58.89 -57.47
N SER A 1183 21.37 59.38 -56.86
CA SER A 1183 21.91 60.71 -57.14
C SER A 1183 20.89 61.82 -56.90
N ILE A 1184 20.11 61.67 -55.84
CA ILE A 1184 19.22 62.73 -55.38
C ILE A 1184 19.98 63.55 -54.36
N GLU A 1185 20.04 64.87 -54.56
CA GLU A 1185 20.88 65.73 -53.74
C GLU A 1185 20.13 66.19 -52.49
N TYR A 1186 20.73 65.94 -51.34
CA TYR A 1186 20.17 66.31 -50.06
C TYR A 1186 21.15 67.07 -49.18
N GLY A 1187 22.44 67.05 -49.54
CA GLY A 1187 23.53 67.51 -48.70
C GLY A 1187 23.49 68.98 -48.33
N HIS A 1188 22.68 69.80 -49.00
CA HIS A 1188 22.58 71.21 -48.67
C HIS A 1188 21.28 71.54 -47.95
N GLY A 1189 20.52 70.53 -47.51
CA GLY A 1189 19.28 70.76 -46.80
C GLY A 1189 18.05 70.89 -47.67
N GLU A 1190 18.12 70.46 -48.92
CA GLU A 1190 17.03 70.66 -49.86
C GLU A 1190 15.90 69.67 -49.59
N CYS A 1191 14.68 70.09 -49.88
CA CYS A 1191 13.51 69.23 -49.74
C CYS A 1191 13.41 68.32 -50.97
N ILE A 1192 13.42 67.02 -50.74
CA ILE A 1192 13.56 66.04 -51.82
C ILE A 1192 12.26 65.27 -52.07
N LYS A 1193 11.12 65.82 -51.62
CA LYS A 1193 9.86 65.08 -51.73
C LYS A 1193 9.44 64.91 -53.18
N ALA A 1194 9.53 65.97 -53.98
CA ALA A 1194 9.18 65.87 -55.38
C ALA A 1194 10.05 64.87 -56.10
N ALA A 1195 11.37 64.90 -55.81
CA ALA A 1195 12.30 63.95 -56.40
C ALA A 1195 12.00 62.53 -55.97
N ILE A 1196 11.50 62.35 -54.75
CA ILE A 1196 11.10 61.01 -54.33
C ILE A 1196 9.89 60.54 -55.12
N CYS A 1197 8.89 61.40 -55.24
CA CYS A 1197 7.65 60.99 -55.90
C CYS A 1197 7.85 60.78 -57.39
N GLY A 1198 8.87 61.41 -57.97
CA GLY A 1198 9.12 61.25 -59.38
C GLY A 1198 9.90 60.00 -59.75
N GLU A 1199 10.61 59.40 -58.80
CA GLU A 1199 11.36 58.19 -59.09
C GLU A 1199 10.45 57.08 -59.57
N SER A 1200 10.99 56.20 -60.40
CA SER A 1200 10.20 55.17 -61.08
C SER A 1200 10.64 53.75 -60.75
N ASP A 1201 11.70 53.57 -59.99
CA ASP A 1201 12.26 52.25 -59.73
C ASP A 1201 11.53 51.59 -58.57
N LYS A 1202 11.24 50.29 -58.72
CA LYS A 1202 10.64 49.52 -57.64
C LYS A 1202 11.55 49.46 -56.43
N LYS A 1203 12.85 49.22 -56.67
CA LYS A 1203 13.80 49.04 -55.57
C LYS A 1203 13.92 50.31 -54.73
N PHE A 1204 13.83 51.47 -55.37
CA PHE A 1204 13.94 52.73 -54.64
C PHE A 1204 12.83 52.84 -53.60
N PHE A 1205 11.58 52.61 -54.02
CA PHE A 1205 10.47 52.73 -53.09
C PHE A 1205 10.49 51.61 -52.06
N ALA A 1206 10.93 50.42 -52.43
CA ALA A 1206 11.00 49.33 -51.47
C ALA A 1206 11.98 49.65 -50.34
N LYS A 1207 13.20 50.07 -50.69
CA LYS A 1207 14.18 50.38 -49.65
C LYS A 1207 13.78 51.62 -48.86
N LEU A 1208 13.16 52.61 -49.51
CA LEU A 1208 12.71 53.80 -48.80
C LEU A 1208 11.64 53.45 -47.76
N THR A 1209 10.66 52.63 -48.16
CA THR A 1209 9.63 52.21 -47.21
C THR A 1209 10.21 51.35 -46.10
N SER A 1210 11.17 50.48 -46.41
CA SER A 1210 11.81 49.69 -45.37
C SER A 1210 12.49 50.58 -44.34
N VAL A 1211 13.25 51.57 -44.82
CA VAL A 1211 13.92 52.49 -43.90
C VAL A 1211 12.89 53.29 -43.11
N LEU A 1212 11.79 53.69 -43.74
CA LEU A 1212 10.78 54.44 -43.02
C LEU A 1212 10.13 53.60 -41.93
N ASN A 1213 9.91 52.32 -42.20
CA ASN A 1213 9.42 51.42 -41.16
C ASN A 1213 10.42 51.31 -40.02
N THR A 1214 11.69 51.12 -40.36
CA THR A 1214 12.72 51.03 -39.32
C THR A 1214 12.76 52.30 -38.47
N ILE A 1215 12.56 53.46 -39.09
CA ILE A 1215 12.52 54.72 -38.33
C ILE A 1215 11.39 54.71 -37.32
N LEU A 1216 10.26 54.11 -37.69
CA LEU A 1216 9.08 54.09 -36.85
C LEU A 1216 9.09 52.97 -35.82
N GLN A 1217 10.02 52.03 -35.91
CA GLN A 1217 10.13 50.97 -34.89
C GLN A 1217 10.64 51.52 -33.57
N MET A 1218 9.73 51.90 -32.68
CA MET A 1218 10.16 52.44 -31.41
C MET A 1218 10.62 51.36 -30.44
N ARG A 1219 9.97 50.20 -30.44
CA ARG A 1219 10.43 49.10 -29.59
C ARG A 1219 11.61 48.42 -30.26
N ASN A 1220 12.78 48.53 -29.65
CA ASN A 1220 14.00 47.94 -30.19
C ASN A 1220 14.60 47.04 -29.13
N SER A 1221 14.91 45.80 -29.51
CA SER A 1221 15.37 44.82 -28.54
C SER A 1221 16.29 43.82 -29.22
N LYS A 1222 17.29 43.35 -28.46
CA LYS A 1222 18.10 42.23 -28.87
C LYS A 1222 17.63 40.99 -28.12
N THR A 1223 17.19 39.99 -28.87
CA THR A 1223 16.66 38.77 -28.27
C THR A 1223 17.80 37.97 -27.61
N GLY A 1224 17.51 37.44 -26.42
CA GLY A 1224 18.51 36.73 -25.65
C GLY A 1224 19.30 37.59 -24.69
N THR A 1225 18.93 38.87 -24.52
CA THR A 1225 19.61 39.77 -23.60
C THR A 1225 18.57 40.63 -22.89
N GLU A 1226 19.07 41.55 -22.06
CA GLU A 1226 18.21 42.34 -21.18
C GLU A 1226 17.53 43.49 -21.91
N LEU A 1227 18.16 44.03 -22.95
CA LEU A 1227 17.73 45.31 -23.50
C LEU A 1227 16.46 45.15 -24.34
N ASP A 1228 15.43 45.91 -23.98
CA ASP A 1228 14.16 46.00 -24.69
C ASP A 1228 13.70 47.44 -24.51
N TYR A 1229 14.30 48.36 -25.25
CA TYR A 1229 14.09 49.78 -25.00
C TYR A 1229 13.14 50.39 -26.03
N LEU A 1230 12.83 51.66 -25.83
CA LEU A 1230 11.90 52.39 -26.67
C LEU A 1230 12.48 53.76 -26.98
N ILE A 1231 12.70 54.04 -28.27
CA ILE A 1231 13.19 55.34 -28.73
C ILE A 1231 12.13 55.97 -29.62
N SER A 1232 11.84 57.26 -29.37
CA SER A 1232 10.82 57.92 -30.16
C SER A 1232 11.43 58.52 -31.43
N PRO A 1233 10.72 58.47 -32.55
CA PRO A 1233 11.18 59.16 -33.76
C PRO A 1233 10.73 60.61 -33.85
N VAL A 1234 10.05 61.11 -32.83
CA VAL A 1234 9.56 62.49 -32.78
C VAL A 1234 10.25 63.19 -31.64
N ALA A 1235 10.80 64.38 -31.91
CA ALA A 1235 11.48 65.14 -30.88
C ALA A 1235 10.50 65.97 -30.07
N ASP A 1236 10.89 66.28 -28.83
CA ASP A 1236 10.05 67.04 -27.93
C ASP A 1236 10.26 68.54 -28.14
N VAL A 1237 9.65 69.36 -27.28
CA VAL A 1237 9.74 70.81 -27.44
C VAL A 1237 11.18 71.27 -27.31
N ASN A 1238 11.98 70.59 -26.51
CA ASN A 1238 13.38 70.94 -26.33
C ASN A 1238 14.29 70.32 -27.36
N GLY A 1239 13.74 69.52 -28.28
CA GLY A 1239 14.50 68.92 -29.34
C GLY A 1239 15.09 67.55 -29.04
N ASN A 1240 14.84 67.01 -27.86
CA ASN A 1240 15.34 65.71 -27.48
C ASN A 1240 14.36 64.62 -27.88
N PHE A 1241 14.90 63.43 -28.14
CA PHE A 1241 14.10 62.27 -28.47
C PHE A 1241 14.07 61.32 -27.29
N PHE A 1242 12.88 60.91 -26.89
CA PHE A 1242 12.75 60.03 -25.74
C PHE A 1242 13.44 58.70 -25.99
N ASP A 1243 14.23 58.27 -25.01
CA ASP A 1243 14.87 56.96 -25.01
C ASP A 1243 14.73 56.40 -23.60
N SER A 1244 14.16 55.19 -23.49
CA SER A 1244 13.95 54.61 -22.16
C SER A 1244 15.25 54.30 -21.44
N ARG A 1245 16.37 54.19 -22.17
CA ARG A 1245 17.64 53.88 -21.52
C ARG A 1245 18.07 55.00 -20.58
N GLN A 1246 17.88 56.25 -21.00
CA GLN A 1246 18.17 57.41 -20.16
C GLN A 1246 16.86 58.18 -19.96
N ALA A 1247 16.01 57.64 -19.09
CA ALA A 1247 14.72 58.27 -18.85
C ALA A 1247 14.55 58.59 -17.37
N PRO A 1248 13.90 59.71 -17.03
CA PRO A 1248 13.76 60.08 -15.60
C PRO A 1248 12.95 59.08 -14.80
N LYS A 1249 12.87 59.31 -13.48
CA LYS A 1249 12.18 58.37 -12.59
C LYS A 1249 10.70 58.26 -12.91
N ASN A 1250 10.06 59.39 -13.25
CA ASN A 1250 8.65 59.44 -13.55
C ASN A 1250 8.30 58.91 -14.94
N MET A 1251 9.29 58.43 -15.71
CA MET A 1251 9.06 58.00 -17.07
C MET A 1251 9.34 56.51 -17.22
N PRO A 1252 8.67 55.83 -18.15
CA PRO A 1252 8.84 54.38 -18.28
C PRO A 1252 10.25 54.00 -18.70
N GLN A 1253 10.92 53.22 -17.85
CA GLN A 1253 12.30 52.81 -18.09
C GLN A 1253 12.43 51.72 -19.14
N ASP A 1254 11.33 51.27 -19.73
CA ASP A 1254 11.30 50.01 -20.46
C ASP A 1254 10.12 50.05 -21.41
N ALA A 1255 10.21 49.24 -22.47
CA ALA A 1255 9.10 49.15 -23.42
C ALA A 1255 7.85 48.55 -22.76
N ASP A 1256 8.03 47.45 -22.03
CA ASP A 1256 6.90 46.88 -21.30
C ASP A 1256 6.39 47.83 -20.24
N ALA A 1257 7.30 48.59 -19.61
CA ALA A 1257 6.87 49.64 -18.71
C ALA A 1257 6.03 50.69 -19.43
N ASN A 1258 6.41 51.01 -20.66
CA ASN A 1258 5.62 51.94 -21.45
C ASN A 1258 4.21 51.39 -21.69
N GLY A 1259 4.13 50.11 -22.03
CA GLY A 1259 2.82 49.49 -22.18
C GLY A 1259 1.99 49.59 -20.92
N ALA A 1260 2.61 49.29 -19.77
CA ALA A 1260 1.90 49.41 -18.50
C ALA A 1260 1.42 50.83 -18.27
N TYR A 1261 2.28 51.81 -18.52
CA TYR A 1261 1.94 53.20 -18.26
C TYR A 1261 0.77 53.66 -19.13
N HIS A 1262 0.72 53.19 -20.38
CA HIS A 1262 -0.38 53.64 -21.23
C HIS A 1262 -1.66 52.88 -20.96
N ILE A 1263 -1.57 51.62 -20.54
CA ILE A 1263 -2.75 50.97 -19.97
C ILE A 1263 -3.27 51.78 -18.80
N GLY A 1264 -2.36 52.32 -18.00
CA GLY A 1264 -2.77 53.16 -16.88
C GLY A 1264 -3.40 54.46 -17.31
N LEU A 1265 -2.94 55.04 -18.42
CA LEU A 1265 -3.56 56.27 -18.90
C LEU A 1265 -4.96 56.01 -19.43
N LYS A 1266 -5.18 54.85 -20.07
CA LYS A 1266 -6.54 54.49 -20.44
C LYS A 1266 -7.42 54.32 -19.21
N GLY A 1267 -6.88 53.69 -18.16
CA GLY A 1267 -7.59 53.63 -16.90
C GLY A 1267 -7.87 55.00 -16.30
N LEU A 1268 -6.98 55.95 -16.51
CA LEU A 1268 -7.21 57.31 -16.02
C LEU A 1268 -8.36 57.96 -16.79
N MET A 1269 -8.43 57.72 -18.10
CA MET A 1269 -9.60 58.17 -18.86
C MET A 1269 -10.88 57.58 -18.26
N LEU A 1270 -10.84 56.30 -17.89
CA LEU A 1270 -12.00 55.67 -17.27
C LEU A 1270 -12.36 56.34 -15.95
N LEU A 1271 -11.35 56.61 -15.12
CA LEU A 1271 -11.61 57.31 -13.86
C LEU A 1271 -12.26 58.65 -14.13
N GLY A 1272 -11.81 59.35 -15.18
CA GLY A 1272 -12.42 60.62 -15.53
C GLY A 1272 -13.88 60.47 -15.90
N ARG A 1273 -14.20 59.47 -16.72
CA ARG A 1273 -15.60 59.25 -17.09
C ARG A 1273 -16.44 58.86 -15.88
N ILE A 1274 -15.85 58.18 -14.90
CA ILE A 1274 -16.56 57.88 -13.65
C ILE A 1274 -16.84 59.15 -12.87
N LYS A 1275 -15.84 60.02 -12.74
CA LYS A 1275 -15.96 61.22 -11.92
C LYS A 1275 -17.01 62.18 -12.49
N ASN A 1276 -17.07 62.30 -13.82
CA ASN A 1276 -17.94 63.27 -14.48
C ASN A 1276 -19.32 62.72 -14.80
N ASN A 1277 -19.66 61.53 -14.33
CA ASN A 1277 -20.93 60.93 -14.68
C ASN A 1277 -21.96 61.10 -13.56
N LYS A 1281 -25.31 57.88 -14.90
CA LYS A 1281 -26.28 57.46 -15.89
C LYS A 1281 -25.62 57.16 -17.23
N LYS A 1282 -25.82 55.94 -17.72
CA LYS A 1282 -25.35 55.52 -19.04
C LYS A 1282 -23.85 55.71 -19.22
N LEU A 1283 -23.08 55.33 -18.20
CA LEU A 1283 -21.62 55.45 -18.26
C LEU A 1283 -21.03 54.31 -19.08
N ASN A 1284 -20.27 54.65 -20.12
CA ASN A 1284 -19.61 53.65 -20.95
C ASN A 1284 -18.11 53.68 -20.71
N LEU A 1285 -17.53 52.49 -20.58
CA LEU A 1285 -16.09 52.31 -20.42
C LEU A 1285 -15.44 51.87 -21.72
N VAL A 1286 -16.13 52.07 -22.84
CA VAL A 1286 -15.55 51.81 -24.15
C VAL A 1286 -14.68 53.00 -24.54
N ILE A 1287 -13.40 52.74 -24.79
CA ILE A 1287 -12.43 53.77 -25.13
C ILE A 1287 -12.07 53.59 -26.61
N LYS A 1288 -12.47 54.57 -27.43
CA LYS A 1288 -12.12 54.53 -28.84
C LYS A 1288 -10.73 55.13 -29.04
N ASN A 1289 -10.05 54.69 -30.11
CA ASN A 1289 -8.68 55.13 -30.36
C ASN A 1289 -8.60 56.63 -30.52
N GLU A 1290 -9.62 57.25 -31.13
CA GLU A 1290 -9.59 58.70 -31.34
C GLU A 1290 -9.48 59.44 -30.00
N GLU A 1291 -10.36 59.13 -29.06
CA GLU A 1291 -10.33 59.81 -27.76
C GLU A 1291 -9.05 59.48 -27.00
N TYR A 1292 -8.55 58.26 -27.13
CA TYR A 1292 -7.30 57.89 -26.47
C TYR A 1292 -6.14 58.74 -26.99
N PHE A 1293 -6.03 58.84 -28.32
CA PHE A 1293 -4.97 59.66 -28.90
C PHE A 1293 -5.11 61.11 -28.45
N GLU A 1294 -6.31 61.66 -28.57
CA GLU A 1294 -6.52 63.05 -28.14
C GLU A 1294 -6.04 63.24 -26.71
N PHE A 1295 -6.46 62.35 -25.81
CA PHE A 1295 -6.10 62.45 -24.40
C PHE A 1295 -4.58 62.43 -24.22
N VAL A 1296 -3.92 61.41 -24.76
CA VAL A 1296 -2.49 61.20 -24.45
C VAL A 1296 -1.63 62.27 -25.10
N GLN A 1297 -1.79 62.50 -26.40
CA GLN A 1297 -0.89 63.38 -27.13
C GLN A 1297 -1.35 64.83 -27.16
N ASN A 1298 -2.45 65.17 -26.49
CA ASN A 1298 -2.94 66.53 -26.57
C ASN A 1298 -1.95 67.51 -25.97
N ARG A 1299 -1.45 67.23 -24.76
CA ARG A 1299 -0.59 68.16 -24.05
C ARG A 1299 0.48 67.41 -23.28
N ASN A 1300 1.33 68.18 -22.59
CA ASN A 1300 2.44 67.66 -21.79
C ASN A 1300 3.41 66.81 -22.60
N ALA D 2 23.94 -53.13 -3.82
CA ALA D 2 24.69 -51.88 -3.70
C ALA D 2 24.61 -51.33 -2.28
N SER D 3 23.37 -51.12 -1.82
CA SER D 3 23.08 -50.64 -0.48
C SER D 3 22.22 -51.68 0.24
N ILE D 4 22.47 -51.86 1.53
CA ILE D 4 21.64 -52.78 2.30
C ILE D 4 20.20 -52.28 2.38
N TYR D 5 19.99 -50.97 2.24
CA TYR D 5 18.67 -50.36 2.31
C TYR D 5 17.95 -50.31 0.98
N GLN D 6 18.55 -50.82 -0.10
CA GLN D 6 17.95 -50.69 -1.42
C GLN D 6 16.61 -51.40 -1.53
N GLU D 7 16.31 -52.29 -0.58
CA GLU D 7 15.00 -52.95 -0.53
C GLU D 7 13.93 -52.08 0.11
N PHE D 8 14.31 -51.07 0.89
CA PHE D 8 13.34 -50.24 1.62
C PHE D 8 12.92 -49.08 0.75
N VAL D 9 12.00 -49.38 -0.17
CA VAL D 9 11.58 -48.45 -1.21
C VAL D 9 10.08 -48.66 -1.44
N ASN D 10 9.33 -47.57 -1.52
CA ASN D 10 7.88 -47.63 -1.71
C ASN D 10 7.22 -48.50 -0.63
N LYS D 11 7.62 -48.25 0.62
CA LYS D 11 7.09 -48.99 1.75
C LYS D 11 5.75 -48.44 2.25
N TYR D 12 5.66 -47.12 2.48
CA TYR D 12 4.43 -46.54 3.00
C TYR D 12 4.17 -45.17 2.37
N SER D 13 2.92 -44.75 2.44
CA SER D 13 2.45 -43.51 1.83
C SER D 13 2.47 -42.36 2.82
N LEU D 14 2.64 -41.14 2.29
CA LEU D 14 2.66 -39.97 3.17
C LEU D 14 2.08 -38.77 2.44
N SER D 15 1.60 -37.80 3.21
CA SER D 15 1.02 -36.59 2.66
C SER D 15 2.05 -35.46 2.71
N LYS D 16 2.02 -34.61 1.69
CA LYS D 16 3.03 -33.60 1.50
C LYS D 16 2.40 -32.42 0.77
N THR D 17 2.98 -31.24 0.93
CA THR D 17 2.39 -30.04 0.36
C THR D 17 3.48 -29.22 -0.32
N LEU D 18 3.24 -28.80 -1.56
CA LEU D 18 4.21 -28.01 -2.29
C LEU D 18 3.73 -26.55 -2.34
N ARG D 19 4.68 -25.63 -2.29
CA ARG D 19 4.38 -24.21 -2.37
C ARG D 19 5.05 -23.61 -3.59
N PHE D 20 4.31 -22.75 -4.30
CA PHE D 20 4.83 -22.07 -5.47
C PHE D 20 4.32 -20.64 -5.48
N GLU D 21 5.01 -19.78 -6.23
CA GLU D 21 4.44 -18.49 -6.58
C GLU D 21 3.57 -18.63 -7.82
N LEU D 22 2.54 -17.80 -7.91
CA LEU D 22 1.69 -17.73 -9.09
C LEU D 22 1.94 -16.40 -9.79
N ILE D 23 2.49 -16.45 -11.00
CA ILE D 23 2.79 -15.25 -11.76
C ILE D 23 1.61 -14.95 -12.68
N PRO D 24 0.91 -13.82 -12.52
CA PRO D 24 -0.18 -13.49 -13.45
C PRO D 24 0.29 -13.48 -14.89
N GLN D 25 -0.61 -13.85 -15.81
CA GLN D 25 -0.29 -14.01 -17.22
C GLN D 25 -1.16 -13.07 -18.06
N GLY D 26 -0.52 -12.19 -18.82
CA GLY D 26 -1.25 -11.24 -19.65
C GLY D 26 -2.23 -10.37 -18.87
N LYS D 27 -3.48 -10.38 -19.30
CA LYS D 27 -4.47 -9.45 -18.78
C LYS D 27 -5.16 -9.93 -17.50
N THR D 28 -4.63 -10.97 -16.84
CA THR D 28 -5.27 -11.44 -15.61
C THR D 28 -5.28 -10.35 -14.54
N LEU D 29 -4.09 -9.87 -14.17
CA LEU D 29 -3.96 -8.94 -13.06
C LEU D 29 -4.90 -7.75 -13.22
N GLU D 30 -4.80 -7.06 -14.35
CA GLU D 30 -5.72 -6.00 -14.73
C GLU D 30 -7.15 -6.39 -14.40
N ASN D 31 -7.61 -7.45 -15.06
CA ASN D 31 -8.98 -7.91 -14.88
C ASN D 31 -9.29 -8.16 -13.40
N ILE D 32 -8.38 -8.82 -12.69
CA ILE D 32 -8.56 -9.05 -11.25
C ILE D 32 -8.81 -7.72 -10.55
N LYS D 33 -7.87 -6.79 -10.70
CA LYS D 33 -8.01 -5.50 -10.04
C LYS D 33 -9.20 -4.72 -10.57
N ALA D 34 -9.64 -5.00 -11.81
CA ALA D 34 -10.82 -4.33 -12.31
C ALA D 34 -12.05 -4.80 -11.57
N ARG D 35 -12.15 -6.10 -11.27
CA ARG D 35 -13.29 -6.60 -10.54
C ARG D 35 -13.20 -6.32 -9.05
N GLY D 36 -12.00 -6.15 -8.51
CA GLY D 36 -11.85 -5.95 -7.08
C GLY D 36 -11.81 -7.24 -6.29
N LEU D 37 -11.34 -8.32 -6.90
CA LEU D 37 -11.37 -9.63 -6.24
C LEU D 37 -10.47 -9.68 -5.02
N ILE D 38 -9.33 -8.98 -5.06
CA ILE D 38 -8.39 -9.03 -3.95
C ILE D 38 -8.94 -8.28 -2.75
N LEU D 39 -9.59 -7.13 -3.00
CA LEU D 39 -10.28 -6.42 -1.92
C LEU D 39 -11.37 -7.29 -1.31
N ASP D 40 -12.17 -7.94 -2.16
CA ASP D 40 -13.22 -8.82 -1.68
C ASP D 40 -12.65 -9.88 -0.76
N ASP D 41 -11.60 -10.58 -1.19
CA ASP D 41 -11.12 -11.69 -0.39
C ASP D 41 -10.38 -11.25 0.86
N GLU D 42 -9.78 -10.04 0.87
CA GLU D 42 -9.16 -9.54 2.09
C GLU D 42 -10.20 -9.19 3.14
N LYS D 43 -11.21 -8.40 2.75
CA LYS D 43 -12.32 -8.14 3.66
C LYS D 43 -13.00 -9.44 4.07
N ARG D 44 -13.01 -10.44 3.18
CA ARG D 44 -13.64 -11.71 3.50
C ARG D 44 -12.86 -12.47 4.55
N ALA D 45 -11.53 -12.39 4.49
CA ALA D 45 -10.73 -12.99 5.56
C ALA D 45 -11.03 -12.33 6.89
N LYS D 46 -11.14 -11.00 6.91
CA LYS D 46 -11.52 -10.32 8.15
C LYS D 46 -12.87 -10.82 8.66
N ASP D 47 -13.87 -10.85 7.77
CA ASP D 47 -15.22 -11.28 8.14
C ASP D 47 -15.23 -12.73 8.61
N TYR D 48 -14.41 -13.58 7.99
CA TYR D 48 -14.35 -14.98 8.37
C TYR D 48 -13.78 -15.15 9.77
N LYS D 49 -12.75 -14.35 10.11
CA LYS D 49 -12.23 -14.35 11.48
C LYS D 49 -13.31 -13.97 12.48
N LYS D 50 -14.00 -12.84 12.22
CA LYS D 50 -15.08 -12.41 13.11
C LYS D 50 -16.16 -13.48 13.25
N ALA D 51 -16.52 -14.12 12.13
CA ALA D 51 -17.60 -15.12 12.17
C ALA D 51 -17.19 -16.34 12.98
N LYS D 52 -15.94 -16.78 12.84
CA LYS D 52 -15.47 -17.89 13.66
C LYS D 52 -15.53 -17.52 15.14
N GLN D 53 -15.22 -16.27 15.48
CA GLN D 53 -15.30 -15.86 16.89
C GLN D 53 -16.74 -15.84 17.39
N ILE D 54 -17.69 -15.44 16.54
CA ILE D 54 -19.10 -15.48 16.93
C ILE D 54 -19.56 -16.92 17.20
N ILE D 55 -19.24 -17.81 16.26
CA ILE D 55 -19.55 -19.23 16.46
C ILE D 55 -18.94 -19.74 17.77
N ASP D 56 -17.70 -19.31 18.05
CA ASP D 56 -17.05 -19.73 19.30
C ASP D 56 -17.80 -19.23 20.52
N LYS D 57 -18.37 -18.02 20.45
CA LYS D 57 -19.21 -17.54 21.55
C LYS D 57 -20.39 -18.48 21.77
N TYR D 58 -21.05 -18.85 20.68
CA TYR D 58 -22.16 -19.80 20.78
C TYR D 58 -21.71 -21.12 21.39
N HIS D 59 -20.52 -21.59 21.00
CA HIS D 59 -19.97 -22.80 21.57
C HIS D 59 -19.71 -22.65 23.07
N GLN D 60 -19.25 -21.47 23.49
CA GLN D 60 -18.98 -21.25 24.90
C GLN D 60 -20.26 -21.36 25.71
N PHE D 61 -21.33 -20.72 25.23
CA PHE D 61 -22.60 -20.84 25.94
C PHE D 61 -23.10 -22.27 25.95
N PHE D 62 -22.91 -23.00 24.85
CA PHE D 62 -23.32 -24.40 24.81
C PHE D 62 -22.59 -25.24 25.84
N ILE D 63 -21.27 -25.04 25.95
CA ILE D 63 -20.48 -25.83 26.90
C ILE D 63 -20.88 -25.49 28.33
N GLU D 64 -21.06 -24.19 28.62
CA GLU D 64 -21.49 -23.80 29.96
C GLU D 64 -22.83 -24.44 30.31
N GLU D 65 -23.76 -24.46 29.35
CA GLU D 65 -25.07 -25.08 29.58
C GLU D 65 -24.92 -26.57 29.86
N ILE D 66 -24.16 -27.27 29.00
CA ILE D 66 -23.97 -28.71 29.18
C ILE D 66 -23.37 -29.00 30.56
N LEU D 67 -22.28 -28.32 30.92
CA LEU D 67 -21.61 -28.60 32.19
C LEU D 67 -22.44 -28.17 33.39
N SER D 68 -23.35 -27.21 33.22
CA SER D 68 -24.33 -26.94 34.26
C SER D 68 -25.26 -28.14 34.44
N SER D 69 -25.69 -28.75 33.34
CA SER D 69 -26.60 -29.89 33.42
C SER D 69 -25.93 -31.15 33.95
N VAL D 70 -24.62 -31.29 33.73
CA VAL D 70 -23.95 -32.57 34.00
C VAL D 70 -23.82 -32.80 35.50
N CYS D 71 -24.17 -34.01 35.94
CA CYS D 71 -23.85 -34.50 37.28
C CYS D 71 -23.19 -35.86 37.14
N ILE D 72 -21.94 -35.97 37.60
CA ILE D 72 -21.22 -37.25 37.59
C ILE D 72 -21.47 -37.96 38.92
N SER D 73 -21.97 -39.19 38.83
CA SER D 73 -22.36 -39.92 40.04
C SER D 73 -21.16 -40.15 40.94
N GLU D 74 -21.42 -40.07 42.25
CA GLU D 74 -20.35 -40.25 43.23
C GLU D 74 -19.75 -41.65 43.13
N ASP D 75 -20.57 -42.65 42.79
CA ASP D 75 -20.09 -44.02 42.73
C ASP D 75 -19.10 -44.21 41.58
N LEU D 76 -19.36 -43.60 40.43
CA LEU D 76 -18.43 -43.71 39.31
C LEU D 76 -17.11 -43.04 39.60
N LEU D 77 -17.16 -41.85 40.21
CA LEU D 77 -15.93 -41.18 40.63
C LEU D 77 -15.17 -42.03 41.64
N GLN D 78 -15.88 -42.69 42.56
CA GLN D 78 -15.22 -43.51 43.56
C GLN D 78 -14.56 -44.71 42.91
N ASN D 79 -15.25 -45.39 41.99
CA ASN D 79 -14.67 -46.54 41.29
C ASN D 79 -13.43 -46.11 40.52
N TYR D 80 -13.50 -44.99 39.81
CA TYR D 80 -12.35 -44.48 39.09
C TYR D 80 -11.19 -44.20 40.04
N SER D 81 -11.47 -43.57 41.19
CA SER D 81 -10.41 -43.23 42.14
C SER D 81 -9.73 -44.47 42.68
N ASP D 82 -10.52 -45.46 43.11
CA ASP D 82 -9.94 -46.68 43.67
C ASP D 82 -9.12 -47.42 42.64
N VAL D 83 -9.63 -47.56 41.42
CA VAL D 83 -8.87 -48.28 40.41
C VAL D 83 -7.61 -47.50 40.02
N TYR D 84 -7.67 -46.16 40.03
CA TYR D 84 -6.52 -45.35 39.66
C TYR D 84 -5.40 -45.47 40.71
N PHE D 85 -5.77 -45.39 41.98
CA PHE D 85 -4.77 -45.53 43.04
C PHE D 85 -4.21 -46.95 43.09
N LYS D 86 -5.05 -47.97 42.83
CA LYS D 86 -4.53 -49.33 42.72
C LYS D 86 -3.55 -49.45 41.56
N LEU D 87 -3.88 -48.88 40.40
CA LEU D 87 -3.02 -48.95 39.23
C LEU D 87 -1.70 -48.23 39.45
N LYS D 88 -1.68 -47.24 40.35
CA LYS D 88 -0.41 -46.58 40.66
C LYS D 88 0.64 -47.55 41.20
N LYS D 89 0.23 -48.49 42.07
CA LYS D 89 1.21 -49.33 42.75
C LYS D 89 1.71 -50.48 41.88
N SER D 90 0.82 -51.14 41.14
CA SER D 90 1.17 -52.27 40.29
C SER D 90 0.82 -51.94 38.85
N ASP D 91 1.82 -51.99 37.98
CA ASP D 91 1.65 -51.65 36.57
C ASP D 91 1.72 -52.93 35.75
N ASP D 92 0.55 -53.49 35.42
CA ASP D 92 0.45 -54.65 34.54
C ASP D 92 -0.97 -54.68 33.97
N ASP D 93 -1.23 -55.66 33.11
CA ASP D 93 -2.45 -55.71 32.31
C ASP D 93 -3.68 -56.16 33.09
N ASN D 94 -3.57 -56.43 34.39
CA ASN D 94 -4.69 -57.00 35.13
C ASN D 94 -5.78 -55.97 35.43
N LEU D 95 -5.41 -54.75 35.80
CA LEU D 95 -6.37 -53.74 36.23
C LEU D 95 -6.54 -52.59 35.24
N GLN D 96 -5.73 -52.53 34.18
CA GLN D 96 -5.90 -51.48 33.20
C GLN D 96 -7.27 -51.55 32.53
N LYS D 97 -7.81 -52.76 32.39
CA LYS D 97 -9.14 -52.91 31.79
C LYS D 97 -10.23 -52.36 32.72
N ASP D 98 -10.10 -52.60 34.03
CA ASP D 98 -11.05 -52.03 34.97
C ASP D 98 -10.98 -50.51 35.00
N PHE D 99 -9.75 -49.98 34.95
CA PHE D 99 -9.57 -48.53 34.80
C PHE D 99 -10.26 -48.02 33.54
N LYS D 100 -10.08 -48.74 32.43
CA LYS D 100 -10.74 -48.37 31.18
C LYS D 100 -12.25 -48.34 31.33
N SER D 101 -12.81 -49.35 32.01
CA SER D 101 -14.25 -49.40 32.21
C SER D 101 -14.76 -48.21 32.99
N ALA D 102 -14.09 -47.87 34.10
CA ALA D 102 -14.53 -46.74 34.92
C ALA D 102 -14.44 -45.42 34.15
N LYS D 103 -13.28 -45.18 33.52
CA LYS D 103 -13.09 -43.96 32.75
C LYS D 103 -14.13 -43.83 31.64
N ASP D 104 -14.38 -44.92 30.91
CA ASP D 104 -15.30 -44.87 29.79
C ASP D 104 -16.75 -44.73 30.24
N THR D 105 -17.13 -45.29 31.40
CA THR D 105 -18.48 -45.04 31.90
C THR D 105 -18.68 -43.57 32.24
N ILE D 106 -17.67 -42.93 32.85
CA ILE D 106 -17.80 -41.50 33.15
C ILE D 106 -17.91 -40.69 31.85
N LYS D 107 -17.03 -41.00 30.89
CA LYS D 107 -17.12 -40.37 29.58
C LYS D 107 -18.49 -40.54 28.96
N LYS D 108 -19.08 -41.73 29.12
CA LYS D 108 -20.39 -42.02 28.54
C LYS D 108 -21.48 -41.19 29.21
N GLN D 109 -21.42 -41.04 30.53
CA GLN D 109 -22.39 -40.18 31.20
C GLN D 109 -22.34 -38.76 30.66
N ILE D 110 -21.13 -38.23 30.49
CA ILE D 110 -20.99 -36.87 29.95
C ILE D 110 -21.48 -36.79 28.52
N SER D 111 -21.13 -37.78 27.68
CA SER D 111 -21.57 -37.80 26.30
C SER D 111 -23.09 -37.87 26.20
N GLU D 112 -23.72 -38.63 27.09
CA GLU D 112 -25.18 -38.67 27.14
C GLU D 112 -25.74 -37.29 27.40
N TYR D 113 -25.24 -36.60 28.43
CA TYR D 113 -25.70 -35.24 28.68
C TYR D 113 -25.52 -34.35 27.45
N ILE D 114 -24.43 -34.54 26.71
CA ILE D 114 -24.18 -33.71 25.52
C ILE D 114 -25.19 -34.00 24.43
N LYS D 115 -25.40 -35.27 24.11
CA LYS D 115 -26.26 -35.61 22.97
C LYS D 115 -27.72 -35.26 23.18
N ASP D 116 -28.17 -35.15 24.43
CA ASP D 116 -29.58 -34.92 24.72
C ASP D 116 -30.00 -33.47 24.56
N SER D 117 -29.07 -32.55 24.26
CA SER D 117 -29.44 -31.16 24.05
C SER D 117 -29.92 -30.95 22.63
N GLU D 118 -30.79 -29.95 22.46
CA GLU D 118 -31.31 -29.64 21.13
C GLU D 118 -30.31 -28.88 20.29
N LYS D 119 -29.38 -28.15 20.94
CA LYS D 119 -28.41 -27.37 20.19
C LYS D 119 -27.39 -28.25 19.47
N PHE D 120 -27.20 -29.49 19.93
CA PHE D 120 -26.17 -30.34 19.36
C PHE D 120 -26.49 -30.79 17.94
N LYS D 121 -27.77 -30.83 17.57
CA LYS D 121 -28.18 -31.41 16.30
C LYS D 121 -27.64 -30.61 15.11
N ASN D 122 -27.70 -29.28 15.19
CA ASN D 122 -27.25 -28.41 14.11
C ASN D 122 -25.94 -27.70 14.43
N LEU D 123 -25.23 -28.14 15.48
CA LEU D 123 -24.05 -27.42 15.92
C LEU D 123 -22.93 -27.46 14.90
N PHE D 124 -22.87 -28.49 14.06
CA PHE D 124 -21.75 -28.69 13.17
C PHE D 124 -22.12 -28.76 11.69
N ASN D 125 -23.39 -28.85 11.34
CA ASN D 125 -23.77 -28.84 9.93
C ASN D 125 -24.09 -27.41 9.51
N GLN D 126 -24.58 -27.25 8.27
CA GLN D 126 -24.85 -25.92 7.73
C GLN D 126 -26.08 -25.28 8.34
N ASN D 127 -26.91 -26.03 9.09
CA ASN D 127 -28.10 -25.45 9.68
C ASN D 127 -27.76 -24.35 10.67
N LEU D 128 -26.58 -24.40 11.27
CA LEU D 128 -26.19 -23.37 12.23
C LEU D 128 -26.03 -22.01 11.53
N ILE D 129 -25.31 -22.00 10.41
CA ILE D 129 -25.04 -20.76 9.70
C ILE D 129 -26.26 -20.31 8.91
N ASP D 130 -26.87 -21.23 8.16
CA ASP D 130 -27.98 -20.85 7.29
C ASP D 130 -28.91 -22.05 7.09
N ALA D 131 -30.17 -21.90 7.46
CA ALA D 131 -31.19 -22.93 7.26
C ALA D 131 -31.99 -22.60 6.02
N LYS D 132 -32.15 -23.58 5.13
CA LYS D 132 -32.79 -23.30 3.85
C LYS D 132 -34.29 -23.00 4.02
N LYS D 133 -34.80 -22.09 3.19
CA LYS D 133 -36.23 -21.73 3.22
C LYS D 133 -36.76 -21.24 4.55
N GLY D 134 -37.88 -21.86 4.91
CA GLY D 134 -38.71 -21.48 6.06
C GLY D 134 -38.02 -21.54 7.40
N GLN D 135 -37.17 -22.54 7.64
CA GLN D 135 -36.54 -22.67 8.95
C GLN D 135 -35.46 -21.61 9.14
N GLU D 136 -35.29 -21.15 10.38
CA GLU D 136 -34.27 -20.15 10.69
C GLU D 136 -33.09 -20.77 11.41
N SER D 137 -31.93 -20.14 11.26
CA SER D 137 -30.68 -20.73 11.75
C SER D 137 -30.64 -20.72 13.27
N ASP D 138 -29.94 -21.72 13.83
CA ASP D 138 -29.78 -21.80 15.28
C ASP D 138 -28.98 -20.62 15.80
N LEU D 139 -27.92 -20.24 15.09
CA LEU D 139 -27.04 -19.17 15.54
C LEU D 139 -27.74 -17.80 15.46
N ILE D 140 -28.45 -17.54 14.37
CA ILE D 140 -29.21 -16.30 14.24
C ILE D 140 -30.27 -16.21 15.33
N LEU D 141 -30.96 -17.32 15.59
CA LEU D 141 -31.97 -17.34 16.65
C LEU D 141 -31.35 -17.04 18.02
N TRP D 142 -30.19 -17.65 18.30
CA TRP D 142 -29.54 -17.41 19.59
C TRP D 142 -29.10 -15.96 19.72
N LEU D 143 -28.55 -15.38 18.65
CA LEU D 143 -28.15 -13.98 18.70
C LEU D 143 -29.36 -13.07 18.91
N LYS D 144 -30.46 -13.30 18.18
CA LYS D 144 -31.67 -12.50 18.38
C LYS D 144 -32.17 -12.62 19.82
N GLN D 145 -32.31 -13.85 20.31
CA GLN D 145 -32.74 -14.09 21.68
C GLN D 145 -31.88 -13.32 22.66
N SER D 146 -30.55 -13.42 22.52
CA SER D 146 -29.67 -12.72 23.42
C SER D 146 -29.85 -11.21 23.32
N LYS D 147 -30.10 -10.69 22.11
CA LYS D 147 -30.26 -9.26 21.95
C LYS D 147 -31.49 -8.76 22.69
N ASP D 148 -32.66 -9.35 22.43
CA ASP D 148 -33.87 -8.87 23.07
C ASP D 148 -34.07 -9.43 24.48
N ASN D 149 -33.10 -10.16 25.02
CA ASN D 149 -33.08 -10.52 26.44
C ASN D 149 -32.21 -9.60 27.26
N GLY D 150 -31.53 -8.64 26.63
CA GLY D 150 -30.78 -7.62 27.34
C GLY D 150 -29.35 -7.95 27.66
N ILE D 151 -28.80 -9.04 27.11
CA ILE D 151 -27.45 -9.48 27.44
C ILE D 151 -26.52 -9.07 26.30
N GLU D 152 -25.54 -8.22 26.62
CA GLU D 152 -24.59 -7.71 25.64
C GLU D 152 -23.45 -8.70 25.51
N LEU D 153 -23.42 -9.44 24.41
CA LEU D 153 -22.48 -10.54 24.28
C LEU D 153 -21.06 -10.07 24.01
N PHE D 154 -20.89 -9.03 23.19
CA PHE D 154 -19.58 -8.70 22.64
C PHE D 154 -19.00 -7.41 23.22
N LYS D 155 -19.32 -7.11 24.48
CA LYS D 155 -18.66 -5.97 25.13
C LYS D 155 -17.18 -6.24 25.33
N ALA D 156 -16.84 -7.43 25.83
CA ALA D 156 -15.44 -7.75 26.09
C ALA D 156 -14.65 -7.98 24.80
N ASN D 157 -15.34 -8.35 23.72
CA ASN D 157 -14.67 -8.59 22.45
C ASN D 157 -14.49 -7.26 21.73
N SER D 158 -13.24 -6.95 21.40
CA SER D 158 -12.94 -5.70 20.70
C SER D 158 -13.16 -5.81 19.19
N ASP D 159 -13.13 -7.04 18.65
CA ASP D 159 -13.32 -7.22 17.21
C ASP D 159 -14.76 -7.01 16.80
N ILE D 160 -15.72 -7.34 17.67
CA ILE D 160 -17.14 -7.27 17.37
C ILE D 160 -17.79 -6.23 18.27
N THR D 161 -18.55 -5.31 17.67
CA THR D 161 -19.14 -4.22 18.42
C THR D 161 -20.30 -4.69 19.29
N ASP D 162 -21.38 -5.14 18.65
CA ASP D 162 -22.55 -5.63 19.38
C ASP D 162 -23.20 -6.72 18.54
N ILE D 163 -24.38 -7.17 18.99
CA ILE D 163 -25.04 -8.31 18.35
C ILE D 163 -25.53 -7.97 16.95
N ASP D 164 -25.92 -6.72 16.69
CA ASP D 164 -26.32 -6.35 15.34
C ASP D 164 -25.21 -6.59 14.34
N GLU D 165 -23.98 -6.21 14.69
CA GLU D 165 -22.86 -6.47 13.80
C GLU D 165 -22.63 -7.96 13.66
N ALA D 166 -22.74 -8.71 14.75
CA ALA D 166 -22.58 -10.15 14.67
C ALA D 166 -23.57 -10.76 13.69
N LEU D 167 -24.82 -10.29 13.74
CA LEU D 167 -25.84 -10.76 12.82
C LEU D 167 -25.49 -10.41 11.39
N GLU D 168 -25.02 -9.17 11.16
CA GLU D 168 -24.66 -8.78 9.80
C GLU D 168 -23.53 -9.64 9.26
N ILE D 169 -22.54 -9.94 10.10
CA ILE D 169 -21.42 -10.78 9.68
C ILE D 169 -21.91 -12.17 9.34
N ILE D 170 -22.70 -12.77 10.22
CA ILE D 170 -23.17 -14.14 9.99
C ILE D 170 -24.03 -14.20 8.74
N LYS D 171 -24.91 -13.21 8.55
CA LYS D 171 -25.74 -13.17 7.37
C LYS D 171 -24.95 -12.94 6.10
N SER D 172 -23.76 -12.35 6.19
CA SER D 172 -22.97 -12.17 4.96
C SER D 172 -22.50 -13.50 4.40
N PHE D 173 -22.49 -14.56 5.19
CA PHE D 173 -22.08 -15.89 4.72
C PHE D 173 -23.31 -16.74 4.39
N LYS D 174 -24.03 -16.31 3.36
CA LYS D 174 -25.16 -17.05 2.83
C LYS D 174 -24.71 -17.85 1.62
N GLY D 175 -24.95 -19.16 1.66
CA GLY D 175 -24.44 -19.99 0.59
C GLY D 175 -22.95 -20.21 0.66
N TRP D 176 -22.37 -19.96 1.83
CA TRP D 176 -20.94 -20.16 2.06
C TRP D 176 -20.70 -21.14 3.20
N THR D 177 -21.62 -22.06 3.44
CA THR D 177 -21.47 -22.93 4.60
C THR D 177 -20.28 -23.88 4.43
N THR D 178 -20.02 -24.32 3.20
CA THR D 178 -18.86 -25.18 2.96
C THR D 178 -17.57 -24.52 3.41
N TYR D 179 -17.52 -23.19 3.35
CA TYR D 179 -16.35 -22.45 3.79
C TYR D 179 -16.01 -22.74 5.25
N PHE D 180 -16.97 -23.19 6.04
CA PHE D 180 -16.75 -23.47 7.44
C PHE D 180 -16.53 -24.95 7.73
N LYS D 181 -16.58 -25.81 6.70
CA LYS D 181 -16.55 -27.24 6.93
C LYS D 181 -15.34 -27.65 7.77
N GLY D 182 -14.15 -27.30 7.30
CA GLY D 182 -12.95 -27.58 8.07
C GLY D 182 -13.05 -27.07 9.49
N PHE D 183 -13.47 -25.80 9.64
CA PHE D 183 -13.60 -25.23 10.98
C PHE D 183 -14.54 -26.07 11.84
N HIS D 184 -15.64 -26.53 11.25
CA HIS D 184 -16.59 -27.34 12.02
C HIS D 184 -15.95 -28.63 12.51
N GLU D 185 -15.10 -29.24 11.68
CA GLU D 185 -14.37 -30.42 12.14
C GLU D 185 -13.64 -30.11 13.43
N ASN D 186 -12.95 -28.97 13.48
CA ASN D 186 -12.23 -28.58 14.69
C ASN D 186 -13.18 -28.51 15.88
N ARG D 187 -14.35 -27.90 15.69
CA ARG D 187 -15.32 -27.82 16.78
C ARG D 187 -15.87 -29.20 17.15
N LYS D 188 -16.00 -30.09 16.16
CA LYS D 188 -16.37 -31.47 16.49
C LYS D 188 -15.38 -32.09 17.47
N ASN D 189 -14.10 -31.70 17.37
CA ASN D 189 -13.09 -32.24 18.27
C ASN D 189 -13.26 -31.75 19.69
N VAL D 190 -14.10 -30.74 19.92
CA VAL D 190 -14.29 -30.25 21.28
C VAL D 190 -15.16 -31.17 22.12
N TYR D 191 -15.91 -32.07 21.49
CA TYR D 191 -16.91 -32.84 22.22
C TYR D 191 -16.79 -34.35 22.03
N SER D 192 -15.76 -34.83 21.34
CA SER D 192 -15.65 -36.26 21.08
C SER D 192 -15.44 -37.02 22.38
N SER D 193 -15.53 -38.35 22.28
CA SER D 193 -15.14 -39.24 23.37
C SER D 193 -14.01 -40.17 22.95
N ASN D 194 -13.29 -39.82 21.88
CA ASN D 194 -12.30 -40.68 21.24
C ASN D 194 -10.89 -40.51 21.80
N ASP D 195 -10.75 -40.10 23.07
CA ASP D 195 -9.43 -39.92 23.68
C ASP D 195 -8.55 -39.00 22.83
N ILE D 196 -9.11 -37.87 22.40
CA ILE D 196 -8.32 -36.80 21.79
C ILE D 196 -8.29 -35.63 22.77
N PRO D 197 -7.13 -35.00 22.98
CA PRO D 197 -7.02 -33.95 24.00
C PRO D 197 -7.84 -32.70 23.70
N THR D 198 -8.35 -32.55 22.47
CA THR D 198 -9.13 -31.38 22.10
C THR D 198 -10.48 -31.33 22.81
N SER D 199 -10.97 -32.45 23.32
CA SER D 199 -12.34 -32.56 23.79
C SER D 199 -12.49 -32.11 25.23
N ILE D 200 -13.70 -31.62 25.56
CA ILE D 200 -13.99 -31.24 26.95
C ILE D 200 -14.08 -32.48 27.82
N ILE D 201 -14.55 -33.60 27.26
CA ILE D 201 -14.58 -34.84 28.03
C ILE D 201 -13.16 -35.26 28.41
N TYR D 202 -12.24 -35.20 27.44
CA TYR D 202 -10.85 -35.52 27.74
C TYR D 202 -10.29 -34.59 28.80
N ARG D 203 -10.59 -33.30 28.70
CA ARG D 203 -10.11 -32.34 29.69
C ARG D 203 -10.66 -32.66 31.08
N ILE D 204 -11.88 -33.19 31.17
CA ILE D 204 -12.47 -33.47 32.47
C ILE D 204 -11.95 -34.77 33.06
N VAL D 205 -11.91 -35.85 32.27
CA VAL D 205 -11.66 -37.19 32.78
C VAL D 205 -10.19 -37.59 32.63
N ASP D 206 -9.55 -37.21 31.52
CA ASP D 206 -8.17 -37.58 31.27
C ASP D 206 -7.16 -36.62 31.88
N ASP D 207 -7.54 -35.36 32.12
CA ASP D 207 -6.63 -34.36 32.68
C ASP D 207 -7.01 -33.98 34.10
N ASN D 208 -8.20 -33.42 34.30
CA ASN D 208 -8.55 -32.79 35.57
C ASN D 208 -8.97 -33.77 36.65
N LEU D 209 -9.53 -34.95 36.30
CA LEU D 209 -9.86 -35.92 37.34
C LEU D 209 -8.60 -36.45 38.02
N PRO D 210 -7.55 -36.89 37.31
CA PRO D 210 -6.33 -37.30 38.01
C PRO D 210 -5.74 -36.22 38.88
N LYS D 211 -5.75 -34.97 38.41
CA LYS D 211 -5.19 -33.88 39.21
C LYS D 211 -6.02 -33.61 40.45
N PHE D 212 -7.35 -33.62 40.34
CA PHE D 212 -8.19 -33.44 41.51
C PHE D 212 -7.97 -34.55 42.51
N LEU D 213 -7.86 -35.80 42.03
CA LEU D 213 -7.67 -36.93 42.95
C LEU D 213 -6.30 -36.88 43.61
N GLU D 214 -5.26 -36.52 42.84
CA GLU D 214 -3.94 -36.33 43.42
C GLU D 214 -3.96 -35.25 44.49
N ASN D 215 -4.64 -34.14 44.22
CA ASN D 215 -4.69 -33.05 45.20
C ASN D 215 -5.49 -33.44 46.42
N LYS D 216 -6.54 -34.25 46.27
CA LYS D 216 -7.27 -34.72 47.45
C LYS D 216 -6.41 -35.64 48.30
N ALA D 217 -5.68 -36.55 47.66
CA ALA D 217 -4.76 -37.41 48.40
C ALA D 217 -3.71 -36.58 49.13
N LYS D 218 -3.16 -35.57 48.46
CA LYS D 218 -2.17 -34.70 49.10
C LYS D 218 -2.79 -33.90 50.24
N TYR D 219 -4.05 -33.49 50.11
CA TYR D 219 -4.70 -32.75 51.19
C TYR D 219 -4.90 -33.62 52.42
N GLU D 220 -5.37 -34.87 52.23
CA GLU D 220 -5.55 -35.76 53.37
C GLU D 220 -4.22 -36.14 54.01
N SER D 221 -3.22 -36.43 53.18
CA SER D 221 -1.89 -36.73 53.69
C SER D 221 -1.31 -35.55 54.48
N LEU D 222 -1.45 -34.34 53.95
CA LEU D 222 -0.95 -33.15 54.64
C LEU D 222 -1.73 -32.89 55.93
N LYS D 223 -3.05 -33.03 55.87
CA LYS D 223 -3.88 -32.82 57.04
C LYS D 223 -3.52 -33.77 58.17
N ASP D 224 -3.07 -35.00 57.84
CA ASP D 224 -2.59 -35.87 58.90
C ASP D 224 -1.16 -35.54 59.31
N LYS D 225 -0.30 -35.25 58.34
CA LYS D 225 1.13 -35.12 58.61
C LYS D 225 1.48 -33.73 59.12
N ALA D 226 0.81 -32.68 58.62
CA ALA D 226 1.13 -31.30 58.99
C ALA D 226 -0.16 -30.51 59.17
N PRO D 227 -0.89 -30.76 60.25
CA PRO D 227 -2.16 -30.01 60.46
C PRO D 227 -1.95 -28.53 60.67
N GLU D 228 -0.79 -28.11 61.16
CA GLU D 228 -0.49 -26.71 61.44
C GLU D 228 -0.12 -25.91 60.19
N ALA D 229 -0.02 -26.56 59.03
CA ALA D 229 0.47 -25.88 57.84
C ALA D 229 -0.58 -24.92 57.27
N ILE D 230 -1.81 -25.38 57.14
CA ILE D 230 -2.87 -24.59 56.50
C ILE D 230 -3.61 -23.81 57.57
N ASN D 231 -3.57 -22.48 57.48
CA ASN D 231 -4.34 -21.60 58.34
C ASN D 231 -5.76 -21.55 57.79
N TYR D 232 -6.64 -22.39 58.35
CA TYR D 232 -7.97 -22.52 57.78
C TYR D 232 -8.80 -21.26 57.98
N GLU D 233 -8.74 -20.64 59.17
CA GLU D 233 -9.58 -19.48 59.45
C GLU D 233 -9.25 -18.32 58.51
N GLN D 234 -7.96 -18.05 58.33
CA GLN D 234 -7.54 -16.95 57.46
C GLN D 234 -7.90 -17.23 56.01
N ILE D 235 -7.78 -18.48 55.56
CA ILE D 235 -8.12 -18.78 54.17
C ILE D 235 -9.63 -18.77 53.95
N LYS D 236 -10.42 -19.11 54.98
CA LYS D 236 -11.88 -18.99 54.88
C LYS D 236 -12.29 -17.54 54.76
N LYS D 237 -11.59 -16.63 55.46
CA LYS D 237 -11.92 -15.22 55.32
C LYS D 237 -11.41 -14.66 53.99
N ASP D 238 -10.18 -15.02 53.59
CA ASP D 238 -9.58 -14.43 52.39
C ASP D 238 -10.28 -14.93 51.13
N LEU D 239 -10.28 -16.25 50.92
CA LEU D 239 -10.79 -16.84 49.69
C LEU D 239 -12.25 -17.23 49.79
N ALA D 240 -13.04 -16.48 50.57
CA ALA D 240 -14.44 -16.86 50.76
C ALA D 240 -15.21 -16.82 49.45
N GLU D 241 -14.95 -15.79 48.63
CA GLU D 241 -15.59 -15.71 47.32
C GLU D 241 -15.38 -17.00 46.53
N GLU D 242 -14.17 -17.55 46.59
CA GLU D 242 -13.84 -18.73 45.80
C GLU D 242 -14.20 -20.03 46.49
N LEU D 243 -14.51 -20.00 47.79
CA LEU D 243 -14.99 -21.17 48.50
C LEU D 243 -16.50 -21.29 48.49
N THR D 244 -17.20 -20.27 47.99
CA THR D 244 -18.66 -20.29 47.96
C THR D 244 -19.14 -21.10 46.76
N PHE D 245 -20.05 -22.05 47.01
CA PHE D 245 -20.64 -22.87 45.97
C PHE D 245 -22.14 -22.97 46.18
N ASP D 246 -22.87 -23.15 45.08
CA ASP D 246 -24.33 -23.23 45.16
C ASP D 246 -24.80 -24.60 45.63
N ILE D 247 -24.16 -25.67 45.15
CA ILE D 247 -24.60 -27.04 45.42
C ILE D 247 -23.45 -27.81 46.05
N ASP D 248 -23.70 -28.43 47.20
CA ASP D 248 -22.81 -29.43 47.76
C ASP D 248 -23.21 -30.79 47.19
N TYR D 249 -22.40 -31.33 46.28
CA TYR D 249 -22.78 -32.53 45.53
C TYR D 249 -22.65 -33.82 46.33
N LYS D 250 -22.05 -33.80 47.52
CA LYS D 250 -22.00 -35.02 48.32
C LYS D 250 -23.36 -35.32 48.94
N THR D 251 -23.95 -34.33 49.60
CA THR D 251 -25.24 -34.47 50.26
C THR D 251 -26.39 -33.84 49.46
N SER D 252 -26.11 -33.33 48.25
CA SER D 252 -27.12 -32.72 47.38
C SER D 252 -27.84 -31.56 48.07
N GLU D 253 -27.11 -30.83 48.91
CA GLU D 253 -27.62 -29.58 49.46
C GLU D 253 -27.70 -28.52 48.37
N VAL D 254 -28.78 -27.74 48.38
CA VAL D 254 -28.92 -26.61 47.48
C VAL D 254 -29.02 -25.34 48.33
N ASN D 255 -27.90 -24.96 48.95
CA ASN D 255 -27.84 -23.72 49.71
C ASN D 255 -26.51 -23.04 49.40
N GLN D 256 -26.56 -21.78 48.98
CA GLN D 256 -25.35 -21.02 48.74
C GLN D 256 -24.69 -20.70 50.08
N ARG D 257 -23.43 -21.10 50.24
CA ARG D 257 -22.71 -20.90 51.49
C ARG D 257 -21.22 -21.07 51.23
N VAL D 258 -20.41 -20.54 52.14
CA VAL D 258 -18.97 -20.75 52.05
C VAL D 258 -18.66 -22.18 52.48
N PHE D 259 -17.75 -22.82 51.76
CA PHE D 259 -17.49 -24.24 51.93
C PHE D 259 -16.31 -24.50 52.84
N SER D 260 -16.35 -25.66 53.51
CA SER D 260 -15.24 -26.20 54.26
C SER D 260 -14.21 -26.80 53.31
N LEU D 261 -12.97 -26.92 53.79
CA LEU D 261 -11.91 -27.45 52.93
C LEU D 261 -12.12 -28.94 52.69
N ASP D 262 -12.43 -29.69 53.75
CA ASP D 262 -12.79 -31.10 53.57
C ASP D 262 -13.97 -31.26 52.62
N GLU D 263 -14.86 -30.27 52.58
CA GLU D 263 -16.02 -30.36 51.70
C GLU D 263 -15.66 -30.06 50.25
N VAL D 264 -14.79 -29.07 50.00
CA VAL D 264 -14.37 -28.82 48.64
C VAL D 264 -13.54 -29.99 48.12
N PHE D 265 -12.84 -30.69 49.01
CA PHE D 265 -12.05 -31.84 48.56
C PHE D 265 -12.80 -33.16 48.64
N GLU D 266 -14.07 -33.15 48.99
CA GLU D 266 -14.89 -34.35 48.87
C GLU D 266 -15.07 -34.69 47.39
N ILE D 267 -14.87 -35.97 47.06
CA ILE D 267 -14.79 -36.37 45.65
C ILE D 267 -16.09 -36.09 44.92
N ALA D 268 -17.23 -36.27 45.60
CA ALA D 268 -18.52 -36.00 44.98
C ALA D 268 -18.63 -34.55 44.52
N ASN D 269 -17.91 -33.64 45.19
CA ASN D 269 -17.96 -32.23 44.82
C ASN D 269 -17.06 -31.90 43.61
N PHE D 270 -16.49 -32.91 42.97
CA PHE D 270 -15.73 -32.65 41.75
C PHE D 270 -16.58 -31.98 40.69
N ASN D 271 -17.90 -32.20 40.71
CA ASN D 271 -18.82 -31.56 39.78
C ASN D 271 -18.85 -30.04 39.91
N ASN D 272 -18.27 -29.50 40.98
CA ASN D 272 -18.16 -28.06 41.10
C ASN D 272 -17.01 -27.50 40.28
N TYR D 273 -16.07 -28.35 39.84
CA TYR D 273 -14.88 -27.91 39.14
C TYR D 273 -14.87 -28.40 37.69
N LEU D 274 -16.05 -28.54 37.08
CA LEU D 274 -16.10 -29.01 35.69
C LEU D 274 -15.87 -27.87 34.71
N ASN D 275 -16.62 -26.78 34.85
CA ASN D 275 -16.55 -25.66 33.93
C ASN D 275 -15.44 -24.69 34.33
N GLN D 276 -15.17 -23.73 33.45
CA GLN D 276 -14.04 -22.83 33.67
C GLN D 276 -14.20 -22.03 34.96
N SER D 277 -15.42 -21.66 35.33
CA SER D 277 -15.62 -20.87 36.54
C SER D 277 -15.21 -21.65 37.79
N GLY D 278 -15.66 -22.90 37.89
CA GLY D 278 -15.26 -23.73 39.02
C GLY D 278 -13.79 -24.08 38.99
N ILE D 279 -13.22 -24.23 37.78
CA ILE D 279 -11.78 -24.42 37.66
C ILE D 279 -11.03 -23.22 38.22
N THR D 280 -11.49 -22.01 37.89
CA THR D 280 -10.87 -20.80 38.41
C THR D 280 -11.00 -20.73 39.93
N LYS D 281 -12.18 -21.05 40.46
CA LYS D 281 -12.37 -21.08 41.90
C LYS D 281 -11.38 -22.03 42.57
N PHE D 282 -11.30 -23.26 42.07
CA PHE D 282 -10.41 -24.27 42.64
C PHE D 282 -8.95 -23.82 42.56
N ASN D 283 -8.54 -23.28 41.42
CA ASN D 283 -7.16 -22.85 41.25
C ASN D 283 -6.83 -21.66 42.13
N THR D 284 -7.81 -20.78 42.38
CA THR D 284 -7.59 -19.68 43.31
C THR D 284 -7.45 -20.20 44.73
N ILE D 285 -8.27 -21.20 45.10
CA ILE D 285 -8.11 -21.85 46.40
C ILE D 285 -6.69 -22.38 46.54
N ILE D 286 -6.15 -22.96 45.46
CA ILE D 286 -4.79 -23.50 45.51
C ILE D 286 -3.75 -22.39 45.53
N GLY D 287 -3.97 -21.31 44.80
CA GLY D 287 -2.91 -20.33 44.59
C GLY D 287 -3.17 -18.91 45.07
N GLY D 288 -4.33 -18.67 45.67
CA GLY D 288 -4.60 -17.35 46.23
C GLY D 288 -4.79 -16.26 45.20
N LYS D 289 -4.89 -15.03 45.70
CA LYS D 289 -5.15 -13.89 44.81
C LYS D 289 -4.70 -12.58 45.45
N PHE D 290 -4.35 -11.63 44.58
CA PHE D 290 -4.13 -10.24 44.96
C PHE D 290 -5.46 -9.49 44.88
N VAL D 291 -5.73 -8.66 45.87
CA VAL D 291 -6.90 -7.79 45.88
C VAL D 291 -6.44 -6.35 45.71
N ASN D 292 -7.10 -5.61 44.83
CA ASN D 292 -6.68 -4.24 44.55
C ASN D 292 -6.78 -3.38 45.79
N GLY D 293 -5.79 -2.52 45.99
CA GLY D 293 -5.74 -1.68 47.17
C GLY D 293 -5.31 -2.40 48.43
N GLU D 294 -4.81 -3.62 48.33
CA GLU D 294 -4.32 -4.35 49.51
C GLU D 294 -2.82 -4.55 49.39
N ASN D 295 -2.10 -4.17 50.45
CA ASN D 295 -0.64 -4.20 50.43
C ASN D 295 -0.10 -5.62 50.35
N THR D 296 -0.75 -6.56 51.03
CA THR D 296 -0.28 -7.94 51.08
C THR D 296 -1.18 -8.84 50.25
N LYS D 297 -0.57 -9.88 49.69
CA LYS D 297 -1.29 -10.87 48.90
C LYS D 297 -1.97 -11.89 49.81
N ARG D 298 -3.23 -12.20 49.50
CA ARG D 298 -3.94 -13.26 50.19
C ARG D 298 -3.33 -14.61 49.81
N LYS D 299 -3.07 -15.44 50.81
CA LYS D 299 -2.36 -16.69 50.62
C LYS D 299 -3.31 -17.83 50.22
N GLY D 300 -2.82 -18.70 49.33
CA GLY D 300 -3.50 -19.92 48.98
C GLY D 300 -2.83 -21.14 49.60
N ILE D 301 -3.38 -22.32 49.26
CA ILE D 301 -2.97 -23.54 49.95
C ILE D 301 -1.49 -23.83 49.74
N ASN D 302 -1.02 -23.78 48.50
CA ASN D 302 0.39 -24.04 48.26
C ASN D 302 1.28 -23.03 48.97
N GLU D 303 0.82 -21.80 49.11
CA GLU D 303 1.61 -20.81 49.83
C GLU D 303 1.73 -21.16 51.31
N TYR D 304 0.63 -21.60 51.94
CA TYR D 304 0.71 -22.04 53.34
C TYR D 304 1.60 -23.27 53.47
N ILE D 305 1.53 -24.18 52.50
CA ILE D 305 2.39 -25.36 52.51
C ILE D 305 3.86 -24.95 52.49
N ASN D 306 4.21 -24.06 51.58
CA ASN D 306 5.61 -23.64 51.46
C ASN D 306 6.07 -22.89 52.71
N LEU D 307 5.20 -22.05 53.27
CA LEU D 307 5.57 -21.27 54.45
C LEU D 307 5.78 -22.17 55.67
N TYR D 308 4.91 -23.18 55.84
CA TYR D 308 5.13 -24.12 56.94
C TYR D 308 6.39 -24.97 56.71
N SER D 309 6.64 -25.35 55.45
CA SER D 309 7.86 -26.08 55.13
C SER D 309 9.11 -25.28 55.46
N GLN D 310 9.08 -23.98 55.21
CA GLN D 310 10.22 -23.14 55.55
C GLN D 310 10.29 -22.91 57.06
N GLN D 311 9.14 -22.78 57.71
CA GLN D 311 9.09 -22.55 59.15
C GLN D 311 9.70 -23.72 59.91
N ILE D 312 9.41 -24.95 59.49
CA ILE D 312 9.93 -26.16 60.15
C ILE D 312 11.18 -26.70 59.45
N ASN D 313 11.62 -26.08 58.36
CA ASN D 313 12.79 -26.52 57.60
C ASN D 313 12.70 -28.02 57.29
N ASP D 314 11.56 -28.41 56.74
CA ASP D 314 11.30 -29.79 56.33
C ASP D 314 11.20 -29.80 54.82
N LYS D 315 12.16 -30.44 54.16
CA LYS D 315 12.19 -30.48 52.69
C LYS D 315 11.08 -31.38 52.15
N THR D 316 10.61 -32.35 52.95
CA THR D 316 9.69 -33.36 52.44
C THR D 316 8.35 -32.78 52.00
N LEU D 317 7.88 -31.72 52.70
CA LEU D 317 6.56 -31.18 52.40
C LEU D 317 6.45 -30.65 50.97
N LYS D 318 7.57 -30.44 50.28
CA LYS D 318 7.53 -30.02 48.88
C LYS D 318 6.79 -31.04 48.01
N LYS D 319 6.75 -32.30 48.44
CA LYS D 319 6.02 -33.32 47.69
C LYS D 319 4.52 -33.17 47.79
N TYR D 320 4.03 -32.38 48.75
CA TYR D 320 2.61 -32.20 48.97
C TYR D 320 2.02 -31.03 48.20
N LYS D 321 2.83 -30.33 47.39
CA LYS D 321 2.33 -29.20 46.62
C LYS D 321 1.28 -29.67 45.62
N MET D 322 0.16 -28.93 45.57
CA MET D 322 -0.99 -29.32 44.77
C MET D 322 -0.91 -28.78 43.35
N SER D 323 -1.42 -29.56 42.40
CA SER D 323 -1.36 -29.24 40.99
C SER D 323 -2.60 -28.47 40.55
N VAL D 324 -2.39 -27.56 39.62
CA VAL D 324 -3.45 -26.69 39.10
C VAL D 324 -4.24 -27.45 38.03
N LEU D 325 -5.56 -27.26 38.01
CA LEU D 325 -6.39 -27.87 37.00
C LEU D 325 -6.29 -27.11 35.67
N PHE D 326 -6.21 -27.85 34.56
CA PHE D 326 -6.13 -27.22 33.25
C PHE D 326 -7.44 -26.50 32.91
N LYS D 327 -7.33 -25.60 31.94
CA LYS D 327 -8.47 -24.76 31.58
C LYS D 327 -9.49 -25.56 30.79
N GLN D 328 -10.76 -25.20 30.95
CA GLN D 328 -11.78 -25.81 30.10
C GLN D 328 -11.60 -25.33 28.66
N ILE D 329 -11.82 -26.25 27.72
CA ILE D 329 -11.58 -25.94 26.32
C ILE D 329 -12.49 -24.82 25.85
N LEU D 330 -11.94 -23.91 25.05
CA LEU D 330 -12.62 -22.80 24.36
C LEU D 330 -13.06 -21.68 25.27
N SER D 331 -12.58 -21.62 26.51
CA SER D 331 -13.14 -20.73 27.51
C SER D 331 -12.25 -19.50 27.69
N ASP D 332 -12.87 -18.32 27.67
CA ASP D 332 -12.17 -17.10 28.07
C ASP D 332 -11.99 -17.11 29.58
N THR D 333 -10.75 -16.92 30.02
CA THR D 333 -10.41 -16.99 31.44
C THR D 333 -10.41 -15.58 32.04
N GLU D 334 -11.25 -15.38 33.05
CA GLU D 334 -11.28 -14.14 33.81
C GLU D 334 -10.69 -14.39 35.19
N SER D 335 -9.62 -13.66 35.51
CA SER D 335 -8.86 -13.93 36.73
C SER D 335 -9.60 -13.44 37.96
N LYS D 336 -9.30 -14.08 39.09
CA LYS D 336 -9.81 -13.62 40.38
C LYS D 336 -8.86 -12.66 41.07
N SER D 337 -7.69 -12.39 40.50
CA SER D 337 -6.76 -11.42 41.04
C SER D 337 -6.94 -10.07 40.34
N PHE D 338 -6.15 -9.10 40.78
CA PHE D 338 -6.19 -7.77 40.21
C PHE D 338 -5.42 -7.72 38.90
N VAL D 339 -6.01 -7.07 37.89
CA VAL D 339 -5.41 -6.96 36.57
C VAL D 339 -5.05 -5.50 36.31
N ILE D 340 -3.77 -5.25 36.01
CA ILE D 340 -3.30 -3.91 35.69
C ILE D 340 -4.07 -3.36 34.49
N ASP D 341 -4.19 -2.04 34.44
CA ASP D 341 -4.75 -1.40 33.25
C ASP D 341 -3.81 -1.55 32.06
N LYS D 342 -4.38 -1.42 30.87
CA LYS D 342 -3.64 -1.54 29.62
C LYS D 342 -3.39 -0.15 29.04
N LEU D 343 -2.15 0.11 28.65
CA LEU D 343 -1.86 1.24 27.78
C LEU D 343 -2.16 0.82 26.35
N GLU D 344 -2.89 1.66 25.62
CA GLU D 344 -3.42 1.24 24.33
C GLU D 344 -2.51 1.58 23.15
N ASP D 345 -1.73 2.65 23.24
CA ASP D 345 -0.94 3.11 22.09
C ASP D 345 0.25 3.93 22.59
N ASP D 346 1.02 4.44 21.62
CA ASP D 346 2.21 5.23 21.95
C ASP D 346 1.86 6.49 22.72
N SER D 347 0.75 7.14 22.36
CA SER D 347 0.33 8.34 23.05
C SER D 347 0.12 8.08 24.53
N ASP D 348 -0.52 6.95 24.87
CA ASP D 348 -0.66 6.57 26.27
C ASP D 348 0.70 6.50 26.96
N VAL D 349 1.65 5.77 26.36
CA VAL D 349 2.98 5.65 26.94
C VAL D 349 3.58 7.02 27.22
N VAL D 350 3.69 7.84 26.17
CA VAL D 350 4.42 9.10 26.31
C VAL D 350 3.71 10.03 27.28
N THR D 351 2.37 10.08 27.25
CA THR D 351 1.67 11.07 28.08
C THR D 351 1.61 10.65 29.54
N THR D 352 1.42 9.35 29.83
CA THR D 352 1.49 8.93 31.22
C THR D 352 2.90 9.12 31.77
N MET D 353 3.91 8.77 30.98
CA MET D 353 5.30 9.00 31.39
C MET D 353 5.53 10.47 31.71
N GLN D 354 5.06 11.36 30.82
CA GLN D 354 5.28 12.79 31.00
C GLN D 354 4.56 13.31 32.24
N SER D 355 3.31 12.90 32.43
CA SER D 355 2.57 13.37 33.60
C SER D 355 3.26 12.91 34.89
N PHE D 356 3.70 11.65 34.93
CA PHE D 356 4.37 11.17 36.14
C PHE D 356 5.66 11.95 36.41
N TYR D 357 6.50 12.13 35.39
CA TYR D 357 7.79 12.77 35.63
C TYR D 357 7.63 14.27 35.90
N GLU D 358 6.65 14.92 35.28
CA GLU D 358 6.45 16.34 35.56
C GLU D 358 5.84 16.55 36.96
N GLN D 359 5.02 15.60 37.44
CA GLN D 359 4.54 15.71 38.81
C GLN D 359 5.67 15.45 39.80
N ILE D 360 6.59 14.54 39.46
CA ILE D 360 7.78 14.35 40.29
C ILE D 360 8.62 15.62 40.33
N ALA D 361 8.74 16.29 39.18
CA ALA D 361 9.53 17.52 39.13
C ALA D 361 8.88 18.61 39.98
N ALA D 362 7.60 18.88 39.75
CA ALA D 362 6.93 20.03 40.35
C ALA D 362 6.32 19.75 41.71
N PHE D 363 6.63 18.62 42.33
CA PHE D 363 6.01 18.30 43.61
C PHE D 363 6.64 19.11 44.73
N LYS D 364 5.79 19.63 45.61
CA LYS D 364 6.23 20.31 46.82
C LYS D 364 5.57 19.62 48.01
N THR D 365 6.33 19.45 49.08
CA THR D 365 5.85 18.72 50.25
C THR D 365 5.03 19.64 51.15
N VAL D 366 4.75 19.19 52.38
CA VAL D 366 4.07 20.04 53.36
C VAL D 366 4.91 21.27 53.67
N GLU D 367 6.22 21.10 53.78
CA GLU D 367 7.14 22.21 54.02
C GLU D 367 7.56 22.90 52.74
N GLU D 368 6.87 22.65 51.64
CA GLU D 368 7.07 23.34 50.35
C GLU D 368 8.52 23.24 49.88
N LYS D 369 9.04 22.02 49.87
CA LYS D 369 10.36 21.72 49.33
C LYS D 369 10.23 20.61 48.29
N SER D 370 11.12 20.64 47.29
CA SER D 370 11.10 19.62 46.25
C SER D 370 11.52 18.28 46.83
N ILE D 371 11.29 17.22 46.06
CA ILE D 371 11.58 15.88 46.54
C ILE D 371 13.08 15.70 46.76
N LYS D 372 13.89 16.16 45.79
CA LYS D 372 15.34 16.06 45.94
C LYS D 372 15.81 16.87 47.14
N GLU D 373 15.34 18.10 47.28
CA GLU D 373 15.73 18.93 48.42
C GLU D 373 15.34 18.28 49.73
N THR D 374 14.12 17.75 49.82
CA THR D 374 13.66 17.13 51.06
C THR D 374 14.50 15.92 51.42
N LEU D 375 14.76 15.05 50.44
CA LEU D 375 15.54 13.84 50.73
C LEU D 375 16.98 14.18 51.09
N SER D 376 17.57 15.15 50.38
CA SER D 376 18.94 15.55 50.70
C SER D 376 19.01 16.14 52.11
N LEU D 377 18.01 16.95 52.48
CA LEU D 377 17.95 17.47 53.84
C LEU D 377 17.86 16.35 54.87
N LEU D 378 16.90 15.43 54.67
CA LEU D 378 16.71 14.33 55.62
C LEU D 378 17.98 13.49 55.78
N PHE D 379 18.57 13.08 54.66
CA PHE D 379 19.72 12.18 54.72
C PHE D 379 21.00 12.88 55.15
N ASP D 380 21.13 14.19 54.89
CA ASP D 380 22.29 14.91 55.41
C ASP D 380 22.18 15.10 56.91
N ASP D 381 21.00 15.45 57.41
CA ASP D 381 20.83 15.50 58.87
C ASP D 381 21.01 14.11 59.49
N LEU D 382 20.64 13.07 58.76
CA LEU D 382 20.81 11.71 59.28
C LEU D 382 22.30 11.35 59.38
N LYS D 383 23.07 11.64 58.33
CA LYS D 383 24.50 11.38 58.38
C LYS D 383 25.19 12.24 59.42
N ALA D 384 24.66 13.45 59.66
CA ALA D 384 25.19 14.36 60.67
C ALA D 384 24.79 13.99 62.10
N GLN D 385 24.13 12.84 62.27
CA GLN D 385 23.66 12.34 63.57
C GLN D 385 22.70 13.29 64.26
N LYS D 386 22.12 14.24 63.52
CA LYS D 386 21.19 15.20 64.13
C LYS D 386 19.87 14.56 64.49
N LEU D 387 19.50 13.47 63.83
CA LEU D 387 18.21 12.83 64.07
C LEU D 387 18.33 11.76 65.14
N ASP D 388 17.31 11.65 65.99
CA ASP D 388 17.25 10.60 66.99
C ASP D 388 17.02 9.26 66.32
N LEU D 389 17.94 8.32 66.53
CA LEU D 389 17.89 7.03 65.85
C LEU D 389 16.89 6.06 66.48
N SER D 390 16.34 6.38 67.65
CA SER D 390 15.28 5.54 68.20
C SER D 390 13.95 5.76 67.50
N LYS D 391 13.79 6.91 66.83
CA LYS D 391 12.53 7.30 66.19
C LYS D 391 12.56 7.07 64.68
N ILE D 392 13.52 6.30 64.17
CA ILE D 392 13.67 6.03 62.74
C ILE D 392 14.00 4.56 62.57
N TYR D 393 13.25 3.87 61.70
CA TYR D 393 13.29 2.41 61.62
C TYR D 393 13.56 1.94 60.19
N PHE D 394 14.16 0.76 60.10
CA PHE D 394 14.32 0.03 58.87
C PHE D 394 13.34 -1.14 58.84
N LYS D 395 12.79 -1.42 57.66
CA LYS D 395 11.94 -2.58 57.48
C LYS D 395 12.79 -3.84 57.55
N ASN D 396 12.31 -4.85 58.30
CA ASN D 396 13.08 -6.06 58.56
C ASN D 396 12.87 -7.13 57.50
N ASP D 397 12.36 -6.78 56.30
CA ASP D 397 12.17 -7.76 55.24
C ASP D 397 13.40 -7.85 54.34
N LYS D 398 13.19 -8.00 53.02
CA LYS D 398 14.30 -8.08 52.09
C LYS D 398 14.99 -6.75 51.84
N SER D 399 14.35 -5.63 52.19
CA SER D 399 15.00 -4.33 52.01
C SER D 399 16.25 -4.22 52.87
N LEU D 400 16.19 -4.68 54.12
CA LEU D 400 17.35 -4.65 54.99
C LEU D 400 18.44 -5.60 54.50
N THR D 401 18.05 -6.79 54.03
CA THR D 401 19.04 -7.75 53.52
C THR D 401 19.70 -7.22 52.26
N ASP D 402 18.93 -6.54 51.42
CA ASP D 402 19.49 -5.90 50.23
C ASP D 402 20.49 -4.83 50.64
N LEU D 403 20.15 -4.03 51.67
CA LEU D 403 21.08 -3.00 52.12
C LEU D 403 22.39 -3.62 52.62
N SER D 404 22.27 -4.70 53.41
CA SER D 404 23.44 -5.40 53.93
C SER D 404 24.31 -5.94 52.81
N GLN D 405 23.70 -6.54 51.79
CA GLN D 405 24.46 -7.07 50.66
C GLN D 405 25.13 -5.95 49.87
N GLN D 406 24.46 -4.81 49.75
CA GLN D 406 25.00 -3.72 48.94
C GLN D 406 26.18 -3.05 49.62
N VAL D 407 26.11 -2.85 50.94
CA VAL D 407 27.13 -2.06 51.61
C VAL D 407 28.23 -2.94 52.23
N PHE D 408 27.91 -4.18 52.59
CA PHE D 408 28.89 -5.05 53.25
C PHE D 408 29.28 -6.27 52.42
N ASP D 409 28.73 -6.42 51.21
CA ASP D 409 28.99 -7.55 50.32
C ASP D 409 28.59 -8.89 50.95
N ASP D 410 27.60 -8.85 51.84
CA ASP D 410 27.12 -10.04 52.52
C ASP D 410 25.73 -9.74 53.03
N TYR D 411 24.74 -10.52 52.59
CA TYR D 411 23.36 -10.24 52.95
C TYR D 411 23.09 -10.47 54.43
N SER D 412 23.89 -11.30 55.10
CA SER D 412 23.60 -11.74 56.47
C SER D 412 24.32 -10.93 57.53
N VAL D 413 25.11 -9.93 57.14
CA VAL D 413 25.94 -9.23 58.12
C VAL D 413 25.07 -8.49 59.14
N ILE D 414 24.17 -7.64 58.65
CA ILE D 414 23.32 -6.87 59.56
C ILE D 414 22.46 -7.81 60.41
N GLY D 415 21.96 -8.88 59.79
CA GLY D 415 21.07 -9.78 60.52
C GLY D 415 21.77 -10.52 61.64
N THR D 416 22.92 -11.13 61.32
CA THR D 416 23.69 -11.81 62.36
C THR D 416 24.15 -10.82 63.44
N ALA D 417 24.48 -9.58 63.04
CA ALA D 417 24.89 -8.59 64.02
C ALA D 417 23.76 -8.26 64.99
N VAL D 418 22.56 -8.01 64.46
CA VAL D 418 21.42 -7.68 65.31
C VAL D 418 21.05 -8.86 66.21
N LEU D 419 21.09 -10.08 65.64
CA LEU D 419 20.78 -11.27 66.45
C LEU D 419 21.75 -11.41 67.61
N GLU D 420 23.05 -11.38 67.30
CA GLU D 420 24.07 -11.48 68.34
C GLU D 420 23.88 -10.39 69.40
N TYR D 421 23.62 -9.16 68.95
CA TYR D 421 23.50 -8.05 69.90
C TYR D 421 22.32 -8.25 70.83
N ILE D 422 21.15 -8.56 70.29
CA ILE D 422 19.95 -8.68 71.12
C ILE D 422 20.09 -9.85 72.09
N THR D 423 20.54 -11.00 71.58
CA THR D 423 20.70 -12.17 72.45
C THR D 423 21.72 -11.89 73.55
N GLN D 424 22.85 -11.25 73.20
CA GLN D 424 23.87 -10.95 74.20
C GLN D 424 23.40 -9.92 75.21
N GLN D 425 22.52 -9.00 74.78
CA GLN D 425 22.04 -7.98 75.70
C GLN D 425 21.05 -8.57 76.71
N ILE D 426 20.17 -9.47 76.26
CA ILE D 426 19.20 -10.06 77.18
C ILE D 426 19.88 -10.97 78.20
N ALA D 427 20.77 -11.85 77.73
CA ALA D 427 21.44 -12.81 78.61
C ALA D 427 22.84 -13.15 78.08
N PRO D 428 23.83 -13.26 78.97
CA PRO D 428 25.19 -13.64 78.57
C PRO D 428 25.28 -15.08 78.05
N ILE D 442 13.53 -13.08 72.60
CA ILE D 442 14.59 -12.89 71.61
C ILE D 442 14.00 -12.84 70.21
N ALA D 443 13.26 -13.89 69.85
CA ALA D 443 12.66 -13.95 68.51
C ALA D 443 11.69 -12.79 68.30
N LYS D 444 10.95 -12.40 69.34
CA LYS D 444 10.07 -11.26 69.25
C LYS D 444 10.85 -9.96 69.11
N LYS D 445 12.06 -9.90 69.69
CA LYS D 445 12.90 -8.72 69.57
C LYS D 445 13.49 -8.60 68.17
N THR D 446 13.63 -9.71 67.45
CA THR D 446 14.31 -9.70 66.15
C THR D 446 13.39 -10.10 65.00
N GLU D 447 13.13 -11.40 64.88
CA GLU D 447 12.45 -11.91 63.69
C GLU D 447 10.97 -11.53 63.67
N LYS D 448 10.29 -11.60 64.82
CA LYS D 448 8.90 -11.18 64.87
C LYS D 448 8.77 -9.67 64.70
N ALA D 449 9.81 -8.91 65.07
CA ALA D 449 9.79 -7.46 64.93
C ALA D 449 9.84 -7.08 63.46
N LYS D 450 8.80 -6.41 62.99
CA LYS D 450 8.72 -6.04 61.58
C LYS D 450 9.70 -4.92 61.24
N TYR D 451 9.97 -4.03 62.19
CA TYR D 451 10.83 -2.89 61.97
C TYR D 451 11.87 -2.83 63.08
N LEU D 452 13.07 -2.39 62.73
CA LEU D 452 14.18 -2.25 63.67
C LEU D 452 14.68 -0.83 63.63
N SER D 453 14.68 -0.15 64.78
CA SER D 453 15.17 1.21 64.83
C SER D 453 16.63 1.28 64.39
N LEU D 454 16.98 2.41 63.76
CA LEU D 454 18.38 2.63 63.42
C LEU D 454 19.27 2.54 64.64
N GLU D 455 18.76 2.93 65.80
CA GLU D 455 19.53 2.87 67.04
C GLU D 455 19.99 1.44 67.34
N THR D 456 19.06 0.50 67.28
CA THR D 456 19.41 -0.90 67.54
C THR D 456 20.36 -1.43 66.47
N ILE D 457 20.17 -1.04 65.21
CA ILE D 457 21.08 -1.47 64.14
C ILE D 457 22.50 -0.98 64.42
N LYS D 458 22.62 0.29 64.81
CA LYS D 458 23.94 0.87 65.04
C LYS D 458 24.62 0.26 66.25
N LEU D 459 23.87 0.04 67.34
CA LEU D 459 24.46 -0.62 68.50
C LEU D 459 24.84 -2.06 68.18
N ALA D 460 24.04 -2.73 67.35
CA ALA D 460 24.33 -4.12 66.98
C ALA D 460 25.61 -4.21 66.17
N LEU D 461 25.74 -3.37 65.14
CA LEU D 461 26.97 -3.34 64.37
C LEU D 461 28.15 -2.89 65.22
N GLU D 462 27.91 -2.01 66.18
CA GLU D 462 28.97 -1.54 67.08
C GLU D 462 29.52 -2.69 67.91
N GLU D 463 28.64 -3.46 68.56
CA GLU D 463 29.10 -4.60 69.34
C GLU D 463 29.67 -5.69 68.43
N PHE D 464 29.16 -5.81 67.21
CA PHE D 464 29.65 -6.83 66.29
C PHE D 464 31.05 -6.52 65.78
N ASN D 465 31.39 -5.24 65.66
CA ASN D 465 32.69 -4.84 65.10
C ASN D 465 33.86 -5.09 66.05
N LYS D 466 33.62 -5.14 67.36
CA LYS D 466 34.73 -5.32 68.31
C LYS D 466 35.42 -6.66 68.10
N HIS D 467 34.65 -7.72 67.84
CA HIS D 467 35.20 -9.05 67.63
C HIS D 467 35.79 -9.26 66.24
N ARG D 468 35.50 -8.36 65.30
CA ARG D 468 35.99 -8.52 63.94
C ARG D 468 37.37 -7.87 63.77
N ASP D 469 38.03 -8.22 62.67
CA ASP D 469 39.32 -7.64 62.32
C ASP D 469 39.13 -6.27 61.70
N ILE D 470 40.23 -5.50 61.61
CA ILE D 470 40.15 -4.11 61.16
C ILE D 470 39.82 -4.02 59.67
N ASP D 471 40.32 -4.96 58.86
CA ASP D 471 40.00 -4.92 57.44
C ASP D 471 38.56 -5.32 57.17
N LYS D 472 38.00 -6.19 57.99
CA LYS D 472 36.66 -6.72 57.81
C LYS D 472 35.73 -6.08 58.84
N GLN D 473 35.48 -4.78 58.68
CA GLN D 473 34.63 -4.03 59.58
C GLN D 473 33.37 -3.60 58.85
N CYS D 474 32.22 -3.79 59.48
CA CYS D 474 30.93 -3.36 58.94
C CYS D 474 30.43 -2.25 59.85
N ARG D 475 30.55 -1.01 59.37
CA ARG D 475 30.35 0.16 60.20
C ARG D 475 29.11 0.93 59.76
N PHE D 476 28.26 1.24 60.73
CA PHE D 476 27.01 1.96 60.49
C PHE D 476 27.20 3.21 59.64
N GLU D 477 28.39 3.84 59.73
CA GLU D 477 28.65 5.03 58.92
C GLU D 477 28.61 4.71 57.43
N GLU D 478 28.98 3.48 57.05
CA GLU D 478 28.85 3.10 55.65
C GLU D 478 27.41 3.14 55.19
N ILE D 479 26.49 2.70 56.05
CA ILE D 479 25.07 2.77 55.73
C ILE D 479 24.62 4.24 55.62
N LEU D 480 25.06 5.09 56.54
CA LEU D 480 24.67 6.49 56.50
C LEU D 480 25.18 7.18 55.23
N ALA D 481 26.41 6.86 54.82
CA ALA D 481 26.94 7.43 53.59
C ALA D 481 26.20 6.90 52.36
N ASN D 482 25.90 5.60 52.36
CA ASN D 482 25.07 5.01 51.30
C ASN D 482 23.80 5.81 51.10
N PHE D 483 23.09 6.12 52.20
CA PHE D 483 21.86 6.90 52.05
C PHE D 483 22.12 8.36 51.69
N ALA D 484 23.27 8.92 52.11
CA ALA D 484 23.58 10.28 51.74
C ALA D 484 23.83 10.42 50.24
N ALA D 485 24.19 9.32 49.57
CA ALA D 485 24.50 9.36 48.13
C ALA D 485 23.27 9.28 47.24
N ILE D 486 22.06 9.22 47.79
CA ILE D 486 20.84 8.99 47.01
C ILE D 486 20.45 10.19 46.15
N PRO D 487 20.49 11.44 46.64
CA PRO D 487 20.01 12.56 45.81
C PRO D 487 20.76 12.81 44.48
N MET D 488 21.88 12.15 44.20
CA MET D 488 22.53 12.33 42.90
C MET D 488 21.72 11.68 41.78
N ILE D 489 20.99 10.62 42.12
CA ILE D 489 20.15 9.92 41.15
C ILE D 489 19.16 10.88 40.51
N PHE D 490 18.78 11.93 41.22
CA PHE D 490 17.82 12.89 40.67
C PHE D 490 18.44 13.66 39.50
N ASP D 491 19.70 14.06 39.61
CA ASP D 491 20.34 14.76 38.51
C ASP D 491 20.57 13.83 37.32
N GLU D 492 20.94 12.57 37.60
CA GLU D 492 21.00 11.60 36.49
C GLU D 492 19.65 11.47 35.80
N ILE D 493 18.57 11.38 36.59
CA ILE D 493 17.22 11.33 36.02
C ILE D 493 16.93 12.58 35.20
N ALA D 494 17.42 13.73 35.64
CA ALA D 494 17.14 14.96 34.91
C ALA D 494 17.84 14.97 33.56
N GLN D 495 19.07 14.46 33.50
CA GLN D 495 19.73 14.32 32.21
C GLN D 495 18.92 13.43 31.28
N ASN D 496 18.53 12.24 31.79
CA ASN D 496 17.75 11.32 30.97
C ASN D 496 16.43 11.95 30.51
N LYS D 497 15.80 12.77 31.37
CA LYS D 497 14.52 13.38 31.02
C LYS D 497 14.69 14.45 29.96
N ASP D 498 15.77 15.22 30.03
CA ASP D 498 16.07 16.17 28.95
C ASP D 498 16.21 15.44 27.63
N ASN D 499 16.90 14.29 27.62
CA ASN D 499 17.04 13.53 26.38
C ASN D 499 15.71 12.99 25.89
N LEU D 500 14.91 12.41 26.79
CA LEU D 500 13.63 11.83 26.44
C LEU D 500 12.54 12.84 26.13
N ALA D 501 12.73 14.11 26.49
CA ALA D 501 11.75 15.12 26.10
C ALA D 501 11.64 15.22 24.59
N GLN D 502 12.74 14.95 23.87
CA GLN D 502 12.69 14.97 22.42
C GLN D 502 11.98 13.74 21.88
N ILE D 503 12.15 12.59 22.54
CA ILE D 503 11.46 11.37 22.11
C ILE D 503 9.96 11.46 22.39
N SER D 504 9.57 12.20 23.43
CA SER D 504 8.15 12.35 23.75
C SER D 504 7.36 12.94 22.58
N ILE D 505 8.02 13.67 21.69
CA ILE D 505 7.32 14.26 20.55
C ILE D 505 7.20 13.25 19.41
N LYS D 506 8.24 12.45 19.19
CA LYS D 506 8.25 11.53 18.05
C LYS D 506 7.14 10.48 18.13
N TYR D 507 6.76 10.07 19.34
CA TYR D 507 5.78 9.01 19.53
C TYR D 507 4.47 9.50 20.14
N GLN D 508 4.13 10.77 19.92
CA GLN D 508 2.90 11.36 20.46
C GLN D 508 1.68 11.11 19.57
N ASN D 509 1.79 10.23 18.57
CA ASN D 509 0.72 10.04 17.62
C ASN D 509 -0.37 9.11 18.17
N GLN D 510 -1.62 9.46 17.90
CA GLN D 510 -2.78 8.74 18.43
C GLN D 510 -2.90 7.36 17.78
N GLY D 511 -2.90 6.32 18.60
CA GLY D 511 -3.11 4.98 18.09
C GLY D 511 -2.03 4.45 17.18
N LYS D 512 -0.80 4.97 17.28
CA LYS D 512 0.21 4.66 16.26
C LYS D 512 0.97 3.37 16.52
N LYS D 513 1.28 3.04 17.78
CA LYS D 513 1.92 1.77 18.13
C LYS D 513 3.29 1.59 17.46
N ASP D 514 4.07 2.67 17.37
CA ASP D 514 5.38 2.60 16.73
C ASP D 514 6.45 1.99 17.63
N LEU D 515 6.31 2.11 18.96
CA LEU D 515 7.35 1.67 19.89
C LEU D 515 7.56 0.17 19.85
N LEU D 516 6.62 -0.59 19.28
CA LEU D 516 6.77 -2.04 19.18
C LEU D 516 7.66 -2.44 18.00
N GLN D 517 7.86 -1.53 17.05
CA GLN D 517 8.64 -1.82 15.85
C GLN D 517 10.13 -1.90 16.18
N ALA D 518 10.89 -2.44 15.24
CA ALA D 518 12.35 -2.50 15.41
C ALA D 518 12.99 -1.12 15.34
N SER D 519 12.44 -0.22 14.52
CA SER D 519 13.03 1.10 14.34
C SER D 519 13.12 1.87 15.65
N ALA D 520 12.20 1.62 16.58
CA ALA D 520 12.17 2.31 17.85
C ALA D 520 13.09 1.68 18.88
N GLU D 521 13.76 0.58 18.52
CA GLU D 521 14.53 -0.22 19.48
C GLU D 521 15.41 0.64 20.36
N ASP D 522 16.35 1.38 19.76
CA ASP D 522 17.19 2.28 20.54
C ASP D 522 16.34 3.19 21.42
N ASP D 523 15.37 3.87 20.84
CA ASP D 523 14.44 4.71 21.60
C ASP D 523 13.87 3.96 22.80
N VAL D 524 13.36 2.74 22.56
CA VAL D 524 12.79 1.95 23.66
C VAL D 524 13.79 1.85 24.80
N LYS D 525 15.03 1.45 24.49
CA LYS D 525 16.05 1.31 25.53
C LYS D 525 16.17 2.58 26.35
N ALA D 526 16.23 3.74 25.68
CA ALA D 526 16.31 5.01 26.38
C ALA D 526 15.21 5.09 27.43
N ILE D 527 13.96 4.91 27.00
CA ILE D 527 12.82 4.91 27.90
C ILE D 527 13.11 4.01 29.10
N LYS D 528 13.45 2.76 28.82
CA LYS D 528 13.64 1.80 29.91
C LYS D 528 14.70 2.29 30.88
N ASP D 529 15.81 2.82 30.36
CA ASP D 529 16.86 3.31 31.24
C ASP D 529 16.28 4.24 32.28
N LEU D 530 15.54 5.26 31.83
CA LEU D 530 14.91 6.19 32.77
C LEU D 530 14.11 5.42 33.81
N LEU D 531 13.18 4.58 33.35
CA LEU D 531 12.32 3.86 34.28
C LEU D 531 13.15 3.09 35.28
N ASP D 532 14.17 2.36 34.81
CA ASP D 532 14.97 1.55 35.72
C ASP D 532 15.57 2.41 36.83
N GLN D 533 16.18 3.54 36.44
CA GLN D 533 16.74 4.43 37.46
C GLN D 533 15.70 4.77 38.49
N THR D 534 14.55 5.30 38.04
CA THR D 534 13.52 5.68 39.00
C THR D 534 13.13 4.50 39.86
N ASN D 535 12.94 3.34 39.22
CA ASN D 535 12.57 2.15 39.99
C ASN D 535 13.64 1.82 41.02
N ASN D 536 14.90 1.83 40.58
CA ASN D 536 16.02 1.63 41.51
C ASN D 536 15.89 2.57 42.70
N LEU D 537 15.71 3.87 42.42
CA LEU D 537 15.60 4.85 43.49
C LEU D 537 14.55 4.43 44.51
N LEU D 538 13.35 4.05 44.02
CA LEU D 538 12.27 3.71 44.93
C LEU D 538 12.69 2.60 45.86
N HIS D 539 13.37 1.58 45.34
CA HIS D 539 13.74 0.46 46.20
C HIS D 539 14.68 0.92 47.29
N LYS D 540 15.65 1.77 46.95
CA LYS D 540 16.57 2.25 47.97
C LYS D 540 15.83 2.99 49.08
N LEU D 541 14.74 3.66 48.74
CA LEU D 541 13.98 4.36 49.77
C LEU D 541 13.03 3.45 50.53
N LYS D 542 12.62 2.33 49.93
CA LYS D 542 11.54 1.52 50.49
C LYS D 542 11.87 1.00 51.88
N ILE D 543 13.16 0.88 52.22
CA ILE D 543 13.55 0.39 53.54
C ILE D 543 13.03 1.28 54.65
N PHE D 544 12.73 2.55 54.36
CA PHE D 544 12.18 3.44 55.38
C PHE D 544 10.66 3.42 55.45
N HIS D 545 9.99 3.00 54.38
CA HIS D 545 8.53 3.10 54.32
C HIS D 545 7.87 2.09 55.25
N ILE D 546 6.79 2.54 55.90
CA ILE D 546 6.02 1.71 56.82
C ILE D 546 4.68 1.38 56.19
N SER D 547 4.36 0.09 56.12
CA SER D 547 3.08 -0.37 55.60
C SER D 547 2.04 -0.42 56.72
N GLN D 548 0.77 -0.30 56.32
CA GLN D 548 -0.33 -0.35 57.27
C GLN D 548 -1.12 -1.66 57.17
N SER D 549 -0.51 -2.71 56.62
CA SER D 549 -1.18 -3.99 56.54
C SER D 549 -1.19 -4.67 57.90
N GLU D 550 -2.20 -5.52 58.12
CA GLU D 550 -2.40 -6.25 59.38
C GLU D 550 -2.56 -5.30 60.56
N ASN D 554 0.68 -0.12 62.28
CA ASN D 554 1.88 0.01 63.08
C ASN D 554 1.76 1.20 64.01
N ILE D 555 1.99 0.94 65.30
CA ILE D 555 1.85 1.94 66.35
C ILE D 555 3.21 2.40 66.87
N LEU D 556 4.31 2.01 66.20
CA LEU D 556 5.64 2.32 66.69
C LEU D 556 5.85 3.82 66.84
N ASP D 557 6.63 4.18 67.87
CA ASP D 557 6.97 5.58 68.14
C ASP D 557 8.02 6.06 67.16
N LYS D 558 7.75 7.19 66.51
CA LYS D 558 8.57 7.61 65.37
C LYS D 558 8.64 9.13 65.31
N ASP D 559 9.76 9.62 64.76
CA ASP D 559 9.91 11.03 64.42
C ASP D 559 8.82 11.39 63.42
N GLU D 560 7.81 12.15 63.87
CA GLU D 560 6.64 12.36 63.02
C GLU D 560 6.91 13.36 61.90
N HIS D 561 7.86 14.28 62.07
CA HIS D 561 8.22 15.20 60.99
C HIS D 561 9.00 14.48 59.90
N PHE D 562 10.07 13.78 60.28
CA PHE D 562 10.85 12.99 59.34
C PHE D 562 9.94 12.09 58.51
N TYR D 563 9.13 11.27 59.20
CA TYR D 563 8.27 10.34 58.48
C TYR D 563 7.19 11.06 57.69
N LEU D 564 6.66 12.18 58.19
CA LEU D 564 5.68 12.93 57.43
C LEU D 564 6.21 13.31 56.05
N VAL D 565 7.34 14.02 56.04
CA VAL D 565 7.86 14.50 54.75
C VAL D 565 8.40 13.35 53.91
N PHE D 566 9.00 12.34 54.54
CA PHE D 566 9.51 11.21 53.78
C PHE D 566 8.38 10.46 53.10
N GLU D 567 7.30 10.15 53.82
CA GLU D 567 6.19 9.42 53.21
C GLU D 567 5.48 10.26 52.17
N GLU D 568 5.40 11.58 52.38
CA GLU D 568 4.82 12.44 51.35
C GLU D 568 5.63 12.36 50.07
N CYS D 569 6.96 12.26 50.18
CA CYS D 569 7.78 12.04 48.98
C CYS D 569 7.61 10.63 48.43
N TYR D 570 7.57 9.64 49.31
CA TYR D 570 7.63 8.24 48.88
C TYR D 570 6.37 7.84 48.13
N PHE D 571 5.21 8.35 48.56
CA PHE D 571 3.99 8.00 47.84
C PHE D 571 3.97 8.62 46.44
N GLU D 572 4.54 9.81 46.29
CA GLU D 572 4.66 10.38 44.95
C GLU D 572 5.60 9.55 44.08
N LEU D 573 6.70 9.08 44.67
CA LEU D 573 7.66 8.29 43.88
C LEU D 573 7.11 6.93 43.52
N ALA D 574 6.30 6.33 44.40
CA ALA D 574 5.88 4.94 44.24
C ALA D 574 4.96 4.72 43.06
N ASN D 575 4.51 5.77 42.39
CA ASN D 575 3.69 5.55 41.22
C ASN D 575 4.47 4.98 40.03
N ILE D 576 5.79 4.72 40.15
CA ILE D 576 6.50 4.07 39.05
C ILE D 576 6.05 2.63 38.89
N VAL D 577 5.80 1.94 40.01
CA VAL D 577 5.52 0.51 39.95
C VAL D 577 4.35 0.22 39.01
N PRO D 578 3.18 0.86 39.15
CA PRO D 578 2.15 0.66 38.12
C PRO D 578 2.58 1.17 36.76
N LEU D 579 3.25 2.32 36.70
CA LEU D 579 3.70 2.87 35.42
C LEU D 579 4.70 1.94 34.75
N TYR D 580 5.70 1.49 35.50
CA TYR D 580 6.68 0.56 34.95
C TYR D 580 6.00 -0.69 34.44
N ASN D 581 5.04 -1.23 35.21
CA ASN D 581 4.35 -2.43 34.76
C ASN D 581 3.57 -2.19 33.47
N LYS D 582 2.86 -1.06 33.39
CA LYS D 582 2.06 -0.78 32.20
C LYS D 582 2.94 -0.61 30.97
N ILE D 583 4.03 0.13 31.11
CA ILE D 583 4.89 0.40 29.96
C ILE D 583 5.60 -0.87 29.51
N ARG D 584 6.02 -1.73 30.45
CA ARG D 584 6.60 -3.01 30.04
C ARG D 584 5.56 -3.90 29.37
N ASN D 585 4.35 -3.97 29.93
CA ASN D 585 3.29 -4.76 29.31
C ASN D 585 3.00 -4.30 27.90
N TYR D 586 3.09 -3.00 27.65
CA TYR D 586 2.81 -2.51 26.31
C TYR D 586 3.98 -2.74 25.35
N ILE D 587 5.16 -2.20 25.68
CA ILE D 587 6.26 -2.10 24.70
C ILE D 587 6.71 -3.48 24.25
N THR D 588 6.75 -4.45 25.15
CA THR D 588 7.26 -5.76 24.77
C THR D 588 6.26 -6.59 23.97
N GLN D 589 5.14 -6.00 23.56
CA GLN D 589 4.21 -6.69 22.67
C GLN D 589 4.84 -6.88 21.30
N LYS D 590 4.63 -8.05 20.72
CA LYS D 590 5.04 -8.30 19.35
C LYS D 590 4.25 -7.40 18.41
N PRO D 591 4.91 -6.72 17.46
CA PRO D 591 4.18 -5.81 16.59
C PRO D 591 3.32 -6.56 15.60
N TYR D 592 2.27 -5.90 15.14
CA TYR D 592 1.37 -6.51 14.16
C TYR D 592 1.99 -6.47 12.77
N SER D 593 1.87 -7.58 12.04
CA SER D 593 2.34 -7.70 10.68
C SER D 593 1.22 -8.26 9.82
N ASP D 594 0.98 -7.64 8.67
CA ASP D 594 -0.01 -8.16 7.74
C ASP D 594 0.40 -9.56 7.30
N GLU D 595 -0.55 -10.48 7.34
CA GLU D 595 -0.32 -11.85 6.91
C GLU D 595 -1.04 -12.11 5.60
N LYS D 596 -0.60 -13.14 4.90
CA LYS D 596 -1.24 -13.52 3.65
C LYS D 596 -2.66 -13.97 3.93
N PHE D 597 -3.54 -13.76 2.95
CA PHE D 597 -4.93 -14.16 3.09
C PHE D 597 -5.35 -15.03 1.93
N LYS D 598 -6.42 -15.80 2.16
CA LYS D 598 -6.89 -16.78 1.21
C LYS D 598 -7.65 -16.11 0.07
N LEU D 599 -7.40 -16.57 -1.16
CA LEU D 599 -8.09 -16.10 -2.34
C LEU D 599 -9.17 -17.10 -2.75
N ASN D 600 -10.33 -16.58 -3.13
CA ASN D 600 -11.48 -17.41 -3.42
C ASN D 600 -12.03 -17.22 -4.83
N PHE D 601 -11.84 -16.06 -5.45
CA PHE D 601 -12.34 -15.80 -6.79
C PHE D 601 -13.85 -16.06 -6.87
N GLU D 602 -14.57 -15.61 -5.85
CA GLU D 602 -16.03 -15.70 -5.80
C GLU D 602 -16.53 -17.13 -5.71
N ASN D 603 -15.67 -18.06 -5.29
CA ASN D 603 -16.04 -19.47 -5.21
C ASN D 603 -15.72 -20.00 -3.82
N SER D 604 -16.74 -20.58 -3.16
CA SER D 604 -16.53 -21.13 -1.83
C SER D 604 -15.85 -22.49 -1.85
N THR D 605 -15.91 -23.21 -2.98
CA THR D 605 -15.29 -24.52 -3.12
C THR D 605 -14.19 -24.48 -4.18
N LEU D 606 -13.41 -23.40 -4.21
CA LEU D 606 -12.36 -23.27 -5.20
C LEU D 606 -11.28 -24.33 -4.97
N ALA D 607 -11.03 -25.13 -6.00
CA ALA D 607 -9.97 -26.14 -6.00
C ALA D 607 -10.18 -27.21 -4.93
N ASN D 608 -11.45 -27.49 -4.59
CA ASN D 608 -11.76 -28.58 -3.66
C ASN D 608 -11.61 -29.95 -4.31
N GLY D 609 -11.35 -29.99 -5.61
CA GLY D 609 -11.11 -31.23 -6.34
C GLY D 609 -10.81 -30.88 -7.78
N TRP D 610 -10.01 -31.72 -8.43
CA TRP D 610 -9.62 -31.49 -9.81
C TRP D 610 -10.41 -32.35 -10.79
N ASP D 611 -11.44 -33.05 -10.31
CA ASP D 611 -12.23 -33.94 -11.15
C ASP D 611 -12.79 -33.19 -12.35
N LYS D 612 -12.87 -33.87 -13.49
CA LYS D 612 -13.48 -33.25 -14.67
C LYS D 612 -14.95 -32.95 -14.42
N ASN D 613 -15.66 -33.86 -13.74
CA ASN D 613 -17.08 -33.64 -13.44
C ASN D 613 -17.28 -32.44 -12.54
N LYS D 614 -16.30 -32.14 -11.68
CA LYS D 614 -16.42 -31.03 -10.74
C LYS D 614 -15.77 -29.75 -11.25
N GLU D 615 -15.17 -29.77 -12.43
CA GLU D 615 -14.48 -28.58 -12.95
C GLU D 615 -15.35 -27.32 -12.96
N PRO D 616 -16.64 -27.36 -13.29
CA PRO D 616 -17.45 -26.14 -13.17
C PRO D 616 -17.69 -25.70 -11.73
N ASP D 617 -17.61 -26.61 -10.74
CA ASP D 617 -17.86 -26.21 -9.36
C ASP D 617 -16.60 -25.87 -8.58
N ASN D 618 -15.47 -26.44 -8.94
CA ASN D 618 -14.23 -26.12 -8.25
C ASN D 618 -13.35 -25.12 -9.01
N THR D 619 -13.58 -24.96 -10.31
CA THR D 619 -13.09 -23.85 -11.13
C THR D 619 -11.57 -23.85 -11.28
N ALA D 620 -10.89 -24.92 -10.86
CA ALA D 620 -9.44 -24.96 -10.87
C ALA D 620 -8.98 -25.94 -11.95
N ILE D 621 -8.15 -25.45 -12.88
CA ILE D 621 -7.63 -26.24 -13.98
C ILE D 621 -6.10 -26.10 -14.02
N LEU D 622 -5.44 -27.13 -14.54
CA LEU D 622 -3.99 -27.09 -14.73
C LEU D 622 -3.66 -27.25 -16.20
N PHE D 623 -2.61 -26.55 -16.63
CA PHE D 623 -2.17 -26.56 -18.02
C PHE D 623 -0.66 -26.78 -18.06
N ILE D 624 -0.20 -27.36 -19.17
CA ILE D 624 1.23 -27.55 -19.42
C ILE D 624 1.56 -27.02 -20.80
N LYS D 625 2.55 -26.13 -20.88
CA LYS D 625 2.97 -25.54 -22.14
C LYS D 625 4.45 -25.21 -22.07
N ASP D 626 5.22 -25.77 -23.00
CA ASP D 626 6.65 -25.45 -23.17
C ASP D 626 7.43 -25.68 -21.87
N ASP D 627 7.20 -26.84 -21.27
CA ASP D 627 7.83 -27.24 -20.00
C ASP D 627 7.56 -26.23 -18.89
N LYS D 628 6.46 -25.50 -18.99
CA LYS D 628 6.00 -24.60 -17.96
C LYS D 628 4.60 -25.01 -17.52
N TYR D 629 4.30 -24.80 -16.25
CA TYR D 629 3.04 -25.22 -15.65
C TYR D 629 2.19 -24.00 -15.34
N TYR D 630 0.91 -24.08 -15.65
CA TYR D 630 -0.01 -22.98 -15.44
C TYR D 630 -1.21 -23.45 -14.64
N LEU D 631 -1.72 -22.55 -13.80
CA LEU D 631 -2.95 -22.75 -13.05
C LEU D 631 -3.99 -21.78 -13.59
N GLY D 632 -5.17 -22.31 -13.92
CA GLY D 632 -6.23 -21.47 -14.43
C GLY D 632 -7.46 -21.51 -13.55
N VAL D 633 -8.03 -20.34 -13.28
CA VAL D 633 -9.27 -20.20 -12.52
C VAL D 633 -10.29 -19.50 -13.41
N MET D 634 -11.42 -20.16 -13.67
CA MET D 634 -12.43 -19.55 -14.51
C MET D 634 -13.26 -18.54 -13.72
N ASN D 635 -13.83 -17.57 -14.43
CA ASN D 635 -14.77 -16.66 -13.80
C ASN D 635 -16.00 -17.43 -13.34
N LYS D 636 -16.53 -17.03 -12.18
CA LYS D 636 -17.71 -17.72 -11.65
C LYS D 636 -18.89 -17.63 -12.63
N LYS D 637 -19.05 -16.49 -13.30
CA LYS D 637 -20.13 -16.33 -14.26
C LYS D 637 -19.86 -17.13 -15.53
N ASN D 638 -18.62 -17.08 -16.03
CA ASN D 638 -18.22 -17.84 -17.22
C ASN D 638 -17.74 -19.22 -16.79
N ASN D 639 -18.69 -20.01 -16.31
CA ASN D 639 -18.34 -21.29 -15.71
C ASN D 639 -17.94 -22.33 -16.74
N LYS D 640 -18.55 -22.31 -17.92
CA LYS D 640 -18.42 -23.40 -18.89
C LYS D 640 -17.40 -23.09 -19.99
N ILE D 641 -16.31 -22.40 -19.65
CA ILE D 641 -15.32 -22.05 -20.67
C ILE D 641 -14.64 -23.30 -21.20
N PHE D 642 -14.52 -24.35 -20.39
CA PHE D 642 -13.88 -25.59 -20.80
C PHE D 642 -14.83 -26.78 -20.73
N ASP D 643 -16.10 -26.56 -21.08
CA ASP D 643 -17.00 -27.69 -21.27
C ASP D 643 -16.58 -28.46 -22.52
N ASP D 644 -17.19 -29.62 -22.72
CA ASP D 644 -16.77 -30.50 -23.81
C ASP D 644 -16.94 -29.83 -25.17
N LYS D 645 -17.96 -28.98 -25.32
CA LYS D 645 -18.19 -28.33 -26.61
C LYS D 645 -17.04 -27.39 -26.97
N ALA D 646 -16.53 -26.65 -25.98
CA ALA D 646 -15.40 -25.77 -26.23
C ALA D 646 -14.09 -26.54 -26.38
N ILE D 647 -13.94 -27.63 -25.62
CA ILE D 647 -12.75 -28.48 -25.74
C ILE D 647 -12.64 -29.02 -27.16
N LYS D 648 -13.74 -29.61 -27.66
CA LYS D 648 -13.72 -30.15 -29.01
C LYS D 648 -13.65 -29.06 -30.07
N GLU D 649 -14.29 -27.91 -29.81
CA GLU D 649 -14.38 -26.87 -30.82
C GLU D 649 -13.05 -26.19 -31.06
N ASN D 650 -12.21 -26.08 -30.03
CA ASN D 650 -10.93 -25.39 -30.12
C ASN D 650 -9.82 -26.37 -29.77
N LYS D 651 -9.11 -26.86 -30.78
CA LYS D 651 -7.97 -27.74 -30.59
C LYS D 651 -6.77 -27.11 -31.28
N GLY D 652 -5.72 -26.85 -30.51
CA GLY D 652 -4.52 -26.21 -31.01
C GLY D 652 -3.31 -26.78 -30.31
N GLU D 653 -2.13 -26.37 -30.80
CA GLU D 653 -0.86 -26.86 -30.27
C GLU D 653 -0.45 -26.22 -28.95
N GLY D 654 -1.01 -25.06 -28.61
CA GLY D 654 -0.47 -24.29 -27.50
C GLY D 654 -0.49 -24.95 -26.12
N TYR D 655 -1.67 -25.10 -25.54
CA TYR D 655 -1.80 -25.43 -24.11
C TYR D 655 -2.35 -26.82 -23.92
N LYS D 656 -1.61 -27.67 -23.22
CA LYS D 656 -2.10 -28.98 -22.83
C LYS D 656 -2.86 -28.83 -21.52
N LYS D 657 -4.19 -28.91 -21.60
CA LYS D 657 -5.03 -28.92 -20.41
C LYS D 657 -5.01 -30.30 -19.78
N ILE D 658 -4.77 -30.33 -18.48
CA ILE D 658 -4.85 -31.57 -17.72
C ILE D 658 -6.30 -31.89 -17.44
N VAL D 659 -6.71 -33.12 -17.76
CA VAL D 659 -7.99 -33.65 -17.32
C VAL D 659 -7.71 -34.77 -16.32
N TYR D 660 -8.48 -34.75 -15.24
CA TYR D 660 -8.15 -35.42 -13.98
C TYR D 660 -9.36 -36.22 -13.58
N LYS D 661 -9.26 -37.55 -13.57
CA LYS D 661 -10.36 -38.42 -13.20
C LYS D 661 -9.95 -39.22 -11.97
N LEU D 662 -10.78 -39.16 -10.93
CA LEU D 662 -10.49 -39.79 -9.65
C LEU D 662 -11.72 -40.49 -9.12
N LEU D 663 -11.51 -41.66 -8.50
CA LEU D 663 -12.56 -42.40 -7.80
C LEU D 663 -12.07 -42.69 -6.39
N PRO D 664 -12.26 -41.74 -5.45
CA PRO D 664 -11.79 -41.98 -4.09
C PRO D 664 -12.90 -42.45 -3.17
N GLY D 665 -12.54 -42.94 -1.98
CA GLY D 665 -13.55 -43.43 -1.05
C GLY D 665 -14.40 -44.53 -1.64
N ALA D 666 -13.75 -45.64 -2.02
CA ALA D 666 -14.48 -46.75 -2.61
C ALA D 666 -15.55 -47.29 -1.66
N ASN D 667 -15.30 -47.19 -0.34
CA ASN D 667 -16.26 -47.67 0.64
C ASN D 667 -17.54 -46.84 0.64
N LYS D 668 -17.48 -45.58 0.20
CA LYS D 668 -18.62 -44.68 0.23
C LYS D 668 -19.12 -44.27 -1.14
N MET D 669 -18.24 -44.17 -2.14
CA MET D 669 -18.66 -43.67 -3.44
C MET D 669 -19.47 -44.69 -4.22
N LEU D 670 -19.13 -45.98 -4.10
CA LEU D 670 -19.87 -47.01 -4.83
C LEU D 670 -21.27 -47.20 -4.25
N PRO D 671 -21.44 -47.28 -2.92
CA PRO D 671 -22.79 -47.34 -2.33
C PRO D 671 -23.60 -46.07 -2.49
N LYS D 672 -22.95 -44.95 -2.84
CA LYS D 672 -23.63 -43.69 -3.06
C LYS D 672 -24.10 -43.54 -4.49
N VAL D 673 -23.30 -44.00 -5.45
CA VAL D 673 -23.63 -43.81 -6.85
C VAL D 673 -24.58 -44.91 -7.34
N PHE D 674 -24.37 -46.14 -6.87
CA PHE D 674 -25.12 -47.27 -7.41
C PHE D 674 -26.49 -47.43 -6.76
N PHE D 675 -26.66 -46.97 -5.52
CA PHE D 675 -27.93 -47.10 -4.81
C PHE D 675 -28.67 -45.78 -4.64
N SER D 676 -28.17 -44.70 -5.25
CA SER D 676 -28.83 -43.39 -5.11
C SER D 676 -30.22 -43.43 -5.74
N ALA D 677 -31.08 -42.51 -5.29
CA ALA D 677 -32.43 -42.45 -5.83
C ALA D 677 -32.43 -42.13 -7.32
N LYS D 678 -31.38 -41.49 -7.82
CA LYS D 678 -31.34 -41.10 -9.23
C LYS D 678 -31.09 -42.30 -10.14
N SER D 679 -30.13 -43.15 -9.78
CA SER D 679 -29.64 -44.18 -10.67
C SER D 679 -29.88 -45.60 -10.18
N ILE D 680 -30.56 -45.79 -9.05
CA ILE D 680 -30.74 -47.15 -8.53
C ILE D 680 -31.55 -47.99 -9.50
N LYS D 681 -32.45 -47.37 -10.27
CA LYS D 681 -33.19 -48.11 -11.29
C LYS D 681 -32.30 -48.50 -12.45
N PHE D 682 -31.28 -47.68 -12.76
CA PHE D 682 -30.39 -47.99 -13.87
C PHE D 682 -29.52 -49.20 -13.55
N TYR D 683 -28.92 -49.23 -12.36
CA TYR D 683 -28.05 -50.33 -11.99
C TYR D 683 -28.82 -51.58 -11.58
N ASN D 684 -30.08 -51.44 -11.21
CA ASN D 684 -30.99 -52.57 -11.07
C ASN D 684 -30.47 -53.65 -10.15
N PRO D 685 -30.23 -53.36 -8.88
CA PRO D 685 -29.72 -54.38 -7.96
C PRO D 685 -30.82 -55.38 -7.60
N SER D 686 -30.48 -56.66 -7.66
CA SER D 686 -31.44 -57.68 -7.26
C SER D 686 -31.78 -57.53 -5.78
N GLU D 687 -32.95 -58.04 -5.41
CA GLU D 687 -33.38 -57.94 -4.02
C GLU D 687 -32.44 -58.69 -3.08
N ASP D 688 -31.69 -59.66 -3.60
CA ASP D 688 -30.65 -60.29 -2.78
C ASP D 688 -29.57 -59.29 -2.40
N ILE D 689 -29.10 -58.50 -3.37
CA ILE D 689 -28.09 -57.49 -3.09
C ILE D 689 -28.66 -56.42 -2.16
N LEU D 690 -29.95 -56.09 -2.31
CA LEU D 690 -30.58 -55.14 -1.41
C LEU D 690 -30.58 -55.67 0.02
N ARG D 691 -30.87 -56.96 0.21
CA ARG D 691 -30.83 -57.56 1.54
C ARG D 691 -29.41 -57.53 2.11
N ILE D 692 -28.44 -57.93 1.30
CA ILE D 692 -27.03 -57.94 1.72
C ILE D 692 -26.61 -56.54 2.16
N ARG D 693 -27.03 -55.51 1.44
CA ARG D 693 -26.66 -54.15 1.81
C ARG D 693 -27.38 -53.70 3.07
N ASN D 694 -28.69 -53.99 3.16
CA ASN D 694 -29.45 -53.57 4.33
C ASN D 694 -28.87 -54.14 5.62
N HIS D 695 -28.59 -55.44 5.64
CA HIS D 695 -28.03 -56.05 6.84
C HIS D 695 -26.51 -56.03 6.86
N SER D 696 -25.88 -55.54 5.78
CA SER D 696 -24.42 -55.35 5.72
C SER D 696 -23.68 -56.66 5.97
N THR D 697 -24.26 -57.76 5.47
CA THR D 697 -23.60 -59.07 5.57
C THR D 697 -22.32 -59.13 4.75
N HIS D 698 -22.08 -58.17 3.87
CA HIS D 698 -20.87 -58.14 3.06
C HIS D 698 -19.66 -57.61 3.82
N THR D 699 -19.86 -57.06 5.02
CA THR D 699 -18.78 -56.51 5.82
C THR D 699 -18.69 -57.23 7.15
N LYS D 700 -17.54 -57.06 7.81
CA LYS D 700 -17.34 -57.62 9.14
C LYS D 700 -17.84 -56.67 10.23
N ASN D 701 -17.48 -55.38 10.13
CA ASN D 701 -17.92 -54.37 11.08
C ASN D 701 -18.53 -53.16 10.39
N GLY D 702 -19.02 -53.31 9.16
CA GLY D 702 -19.61 -52.20 8.46
C GLY D 702 -20.96 -51.79 9.02
N SER D 703 -21.39 -50.60 8.65
CA SER D 703 -22.63 -50.04 9.19
C SER D 703 -23.82 -50.56 8.40
N PRO D 704 -24.86 -51.08 9.05
CA PRO D 704 -26.08 -51.46 8.33
C PRO D 704 -26.87 -50.23 7.93
N GLN D 705 -27.76 -50.41 6.97
CA GLN D 705 -28.67 -49.35 6.58
C GLN D 705 -29.61 -49.03 7.73
N LYS D 706 -30.00 -47.75 7.82
CA LYS D 706 -30.76 -47.28 8.98
C LYS D 706 -32.10 -48.00 9.07
N GLY D 707 -32.45 -48.45 10.27
CA GLY D 707 -33.65 -49.22 10.49
C GLY D 707 -33.48 -50.72 10.37
N TYR D 708 -32.30 -51.20 10.02
CA TYR D 708 -32.02 -52.61 9.84
C TYR D 708 -30.97 -53.08 10.84
N GLU D 709 -31.01 -54.38 11.15
CA GLU D 709 -30.11 -54.99 12.10
C GLU D 709 -28.87 -55.53 11.38
N LYS D 710 -27.70 -55.27 11.94
CA LYS D 710 -26.47 -55.80 11.38
C LYS D 710 -26.43 -57.31 11.55
N PHE D 711 -26.19 -58.02 10.44
CA PHE D 711 -26.13 -59.48 10.46
C PHE D 711 -24.69 -59.96 10.25
N GLU D 712 -24.47 -61.23 10.57
CA GLU D 712 -23.13 -61.79 10.58
C GLU D 712 -22.48 -61.73 9.19
N PHE D 713 -21.18 -61.49 9.16
CA PHE D 713 -20.44 -61.47 7.91
C PHE D 713 -20.53 -62.84 7.23
N ASN D 714 -20.82 -62.81 5.93
CA ASN D 714 -20.90 -64.02 5.12
C ASN D 714 -20.09 -63.78 3.85
N ILE D 715 -19.15 -64.68 3.58
CA ILE D 715 -18.25 -64.47 2.44
C ILE D 715 -18.99 -64.55 1.12
N GLU D 716 -20.02 -65.39 1.03
CA GLU D 716 -20.79 -65.48 -0.21
C GLU D 716 -21.51 -64.16 -0.50
N ASP D 717 -22.13 -63.56 0.51
CA ASP D 717 -22.76 -62.25 0.32
C ASP D 717 -21.72 -61.20 -0.08
N CYS D 718 -20.53 -61.26 0.52
CA CYS D 718 -19.48 -60.31 0.18
C CYS D 718 -19.08 -60.44 -1.29
N ARG D 719 -18.92 -61.67 -1.78
CA ARG D 719 -18.52 -61.85 -3.17
C ARG D 719 -19.67 -61.54 -4.14
N LYS D 720 -20.92 -61.79 -3.74
CA LYS D 720 -22.04 -61.34 -4.56
C LYS D 720 -22.08 -59.81 -4.65
N PHE D 721 -21.80 -59.13 -3.54
CA PHE D 721 -21.75 -57.67 -3.56
C PHE D 721 -20.61 -57.18 -4.44
N ILE D 722 -19.46 -57.86 -4.39
CA ILE D 722 -18.32 -57.47 -5.23
C ILE D 722 -18.65 -57.68 -6.71
N ASP D 723 -19.36 -58.78 -7.03
CA ASP D 723 -19.78 -58.99 -8.41
C ASP D 723 -20.73 -57.89 -8.88
N PHE D 724 -21.69 -57.52 -8.03
CA PHE D 724 -22.58 -56.42 -8.38
C PHE D 724 -21.80 -55.14 -8.58
N TYR D 725 -20.78 -54.91 -7.76
CA TYR D 725 -19.94 -53.72 -7.90
C TYR D 725 -19.25 -53.70 -9.25
N LYS D 726 -18.67 -54.83 -9.66
CA LYS D 726 -18.01 -54.89 -10.96
C LYS D 726 -19.00 -54.68 -12.09
N GLN D 727 -20.18 -55.30 -12.00
CA GLN D 727 -21.21 -55.10 -13.02
C GLN D 727 -21.57 -53.63 -13.14
N SER D 728 -21.77 -52.96 -11.99
CA SER D 728 -22.18 -51.57 -12.00
C SER D 728 -21.07 -50.65 -12.48
N ILE D 729 -19.81 -51.00 -12.20
CA ILE D 729 -18.70 -50.20 -12.71
C ILE D 729 -18.60 -50.33 -14.23
N SER D 730 -18.73 -51.55 -14.75
CA SER D 730 -18.73 -51.71 -16.20
C SER D 730 -19.97 -51.09 -16.84
N LYS D 731 -21.04 -50.90 -16.06
CA LYS D 731 -22.24 -50.24 -16.54
C LYS D 731 -22.20 -48.72 -16.33
N HIS D 732 -21.26 -48.23 -15.54
CA HIS D 732 -21.20 -46.80 -15.23
C HIS D 732 -20.69 -46.02 -16.45
N PRO D 733 -21.31 -44.89 -16.76
CA PRO D 733 -20.94 -44.18 -18.00
C PRO D 733 -19.49 -43.71 -18.02
N GLU D 734 -18.99 -43.21 -16.89
CA GLU D 734 -17.66 -42.59 -16.87
C GLU D 734 -16.57 -43.51 -16.36
N TRP D 735 -16.84 -44.31 -15.33
CA TRP D 735 -15.79 -45.04 -14.64
C TRP D 735 -15.14 -46.12 -15.50
N LYS D 736 -15.84 -46.61 -16.53
CA LYS D 736 -15.24 -47.59 -17.44
C LYS D 736 -13.89 -47.12 -17.96
N ASP D 737 -13.74 -45.81 -18.19
CA ASP D 737 -12.52 -45.27 -18.78
C ASP D 737 -11.30 -45.50 -17.90
N PHE D 738 -11.49 -45.84 -16.62
CA PHE D 738 -10.33 -46.09 -15.77
C PHE D 738 -9.55 -47.34 -16.19
N GLY D 739 -10.20 -48.26 -16.89
CA GLY D 739 -9.54 -49.50 -17.30
C GLY D 739 -9.19 -50.37 -16.12
N PHE D 740 -10.19 -50.73 -15.31
CA PHE D 740 -9.95 -51.51 -14.11
C PHE D 740 -9.56 -52.94 -14.47
N ARG D 741 -8.45 -53.41 -13.89
CA ARG D 741 -8.04 -54.82 -13.97
C ARG D 741 -8.18 -55.40 -12.57
N PHE D 742 -9.31 -56.04 -12.33
CA PHE D 742 -9.63 -56.56 -11.01
C PHE D 742 -9.18 -58.01 -10.87
N SER D 743 -8.87 -58.40 -9.64
CA SER D 743 -8.60 -59.79 -9.35
C SER D 743 -9.89 -60.61 -9.46
N ASP D 744 -9.72 -61.93 -9.53
CA ASP D 744 -10.87 -62.82 -9.56
C ASP D 744 -11.65 -62.67 -8.24
N THR D 745 -12.97 -62.49 -8.36
CA THR D 745 -13.77 -62.18 -7.18
C THR D 745 -13.65 -63.26 -6.10
N GLN D 746 -13.33 -64.49 -6.49
CA GLN D 746 -13.17 -65.55 -5.50
C GLN D 746 -11.90 -65.38 -4.69
N ARG D 747 -10.94 -64.56 -5.16
CA ARG D 747 -9.74 -64.29 -4.38
C ARG D 747 -9.98 -63.38 -3.20
N TYR D 748 -11.02 -62.55 -3.26
CA TYR D 748 -11.30 -61.60 -2.19
C TYR D 748 -11.80 -62.34 -0.94
N ASN D 749 -11.15 -62.10 0.18
CA ASN D 749 -11.63 -62.57 1.48
C ASN D 749 -12.35 -61.49 2.28
N SER D 750 -12.35 -60.25 1.80
CA SER D 750 -13.06 -59.15 2.42
C SER D 750 -13.22 -58.04 1.38
N ILE D 751 -14.25 -57.21 1.58
CA ILE D 751 -14.58 -56.19 0.59
C ILE D 751 -13.52 -55.09 0.52
N ASP D 752 -12.73 -54.93 1.58
CA ASP D 752 -11.74 -53.86 1.59
C ASP D 752 -10.61 -54.13 0.59
N GLU D 753 -10.33 -55.39 0.28
CA GLU D 753 -9.32 -55.68 -0.74
C GLU D 753 -9.79 -55.22 -2.13
N PHE D 754 -11.06 -55.49 -2.46
CA PHE D 754 -11.62 -54.96 -3.69
C PHE D 754 -11.61 -53.43 -3.68
N TYR D 755 -11.96 -52.83 -2.53
CA TYR D 755 -11.93 -51.37 -2.44
C TYR D 755 -10.52 -50.82 -2.68
N ARG D 756 -9.50 -51.50 -2.15
CA ARG D 756 -8.11 -51.09 -2.39
C ARG D 756 -7.76 -51.19 -3.86
N GLU D 757 -8.14 -52.29 -4.51
CA GLU D 757 -7.84 -52.45 -5.93
C GLU D 757 -8.52 -51.36 -6.76
N VAL D 758 -9.74 -50.98 -6.37
CA VAL D 758 -10.44 -49.90 -7.06
C VAL D 758 -9.72 -48.58 -6.85
N GLU D 759 -9.36 -48.27 -5.59
CA GLU D 759 -8.76 -46.98 -5.29
C GLU D 759 -7.35 -46.84 -5.84
N ASN D 760 -6.61 -47.95 -5.99
CA ASN D 760 -5.30 -47.88 -6.61
C ASN D 760 -5.41 -47.50 -8.07
N GLN D 761 -6.41 -48.04 -8.78
CA GLN D 761 -6.68 -47.69 -10.16
C GLN D 761 -7.55 -46.46 -10.31
N GLY D 762 -7.99 -45.86 -9.21
CA GLY D 762 -8.90 -44.74 -9.25
C GLY D 762 -8.35 -43.40 -9.69
N TYR D 763 -7.06 -43.31 -10.02
CA TYR D 763 -6.44 -42.03 -10.36
C TYR D 763 -5.99 -42.08 -11.81
N LYS D 764 -6.28 -41.04 -12.58
CA LYS D 764 -5.85 -41.03 -13.97
C LYS D 764 -5.79 -39.60 -14.50
N LEU D 765 -4.73 -39.33 -15.27
CA LEU D 765 -4.46 -38.00 -15.81
C LEU D 765 -4.21 -38.12 -17.30
N THR D 766 -4.99 -37.38 -18.10
CA THR D 766 -4.68 -37.29 -19.53
C THR D 766 -4.67 -35.82 -19.93
N PHE D 767 -4.32 -35.56 -21.19
CA PHE D 767 -4.05 -34.20 -21.64
C PHE D 767 -4.79 -33.91 -22.93
N GLU D 768 -5.51 -32.79 -22.95
CA GLU D 768 -6.23 -32.31 -24.14
C GLU D 768 -5.54 -31.06 -24.67
N ASN D 769 -5.34 -30.99 -25.99
CA ASN D 769 -4.66 -29.85 -26.59
C ASN D 769 -5.65 -28.73 -26.89
N ILE D 770 -5.22 -27.48 -26.63
CA ILE D 770 -6.08 -26.30 -26.69
C ILE D 770 -5.32 -25.17 -27.37
N SER D 771 -6.02 -24.43 -28.23
CA SER D 771 -5.38 -23.38 -29.02
C SER D 771 -4.91 -22.24 -28.13
N GLU D 772 -3.68 -21.75 -28.38
CA GLU D 772 -3.18 -20.59 -27.68
C GLU D 772 -4.02 -19.35 -27.98
N SER D 773 -4.61 -19.29 -29.18
CA SER D 773 -5.49 -18.18 -29.52
C SER D 773 -6.72 -18.16 -28.63
N TYR D 774 -7.30 -19.34 -28.37
CA TYR D 774 -8.46 -19.42 -27.50
C TYR D 774 -8.12 -19.03 -26.06
N ILE D 775 -6.99 -19.53 -25.55
CA ILE D 775 -6.58 -19.16 -24.20
C ILE D 775 -6.35 -17.65 -24.10
N ASP D 776 -5.72 -17.07 -25.13
CA ASP D 776 -5.47 -15.63 -25.12
C ASP D 776 -6.78 -14.84 -25.15
N SER D 777 -7.73 -15.29 -25.96
CA SER D 777 -9.04 -14.61 -25.99
C SER D 777 -9.73 -14.71 -24.64
N VAL D 778 -9.69 -15.89 -24.02
CA VAL D 778 -10.42 -16.07 -22.77
C VAL D 778 -9.76 -15.30 -21.63
N VAL D 779 -8.43 -15.17 -21.63
CA VAL D 779 -7.80 -14.39 -20.58
C VAL D 779 -7.97 -12.91 -20.82
N ASN D 780 -7.93 -12.47 -22.09
CA ASN D 780 -8.09 -11.05 -22.38
C ASN D 780 -9.51 -10.58 -22.09
N GLN D 781 -10.50 -11.46 -22.24
CA GLN D 781 -11.88 -11.10 -21.93
C GLN D 781 -12.15 -11.08 -20.43
N GLY D 782 -11.21 -11.51 -19.60
CA GLY D 782 -11.46 -11.60 -18.18
C GLY D 782 -12.27 -12.80 -17.76
N LYS D 783 -12.38 -13.81 -18.63
CA LYS D 783 -13.14 -15.00 -18.29
C LYS D 783 -12.28 -16.06 -17.62
N LEU D 784 -10.99 -16.07 -17.93
CA LEU D 784 -10.03 -16.97 -17.30
C LEU D 784 -8.92 -16.16 -16.64
N TYR D 785 -8.52 -16.58 -15.46
CA TYR D 785 -7.37 -16.02 -14.76
C TYR D 785 -6.26 -17.07 -14.80
N LEU D 786 -5.18 -16.76 -15.50
CA LEU D 786 -4.12 -17.71 -15.76
C LEU D 786 -2.84 -17.27 -15.04
N PHE D 787 -2.23 -18.19 -14.32
CA PHE D 787 -0.97 -17.95 -13.63
C PHE D 787 0.03 -19.00 -14.07
N GLN D 788 1.30 -18.62 -14.06
CA GLN D 788 2.37 -19.61 -14.16
C GLN D 788 2.76 -20.05 -12.75
N ILE D 789 2.69 -21.35 -12.51
CA ILE D 789 3.23 -21.94 -11.31
C ILE D 789 4.75 -21.88 -11.38
N TYR D 790 5.37 -21.27 -10.36
CA TYR D 790 6.74 -20.82 -10.52
C TYR D 790 7.55 -20.96 -9.24
N ASN D 791 8.82 -21.34 -9.41
CA ASN D 791 9.89 -21.11 -8.45
C ASN D 791 11.17 -20.86 -9.24
N LYS D 792 12.30 -20.75 -8.53
CA LYS D 792 13.58 -20.45 -9.17
C LYS D 792 13.88 -21.36 -10.35
N ASP D 793 13.55 -22.65 -10.22
CA ASP D 793 13.98 -23.66 -11.19
C ASP D 793 13.38 -23.48 -12.57
N PHE D 794 12.25 -22.79 -12.69
CA PHE D 794 11.62 -22.58 -13.98
C PHE D 794 12.12 -21.32 -14.67
N SER D 795 13.09 -20.62 -14.09
CA SER D 795 13.76 -19.55 -14.80
C SER D 795 14.58 -20.11 -15.96
N ALA D 796 14.73 -19.30 -17.01
CA ALA D 796 15.58 -19.71 -18.11
C ALA D 796 17.04 -19.73 -17.70
N TYR D 797 17.40 -18.96 -16.68
CA TYR D 797 18.77 -18.84 -16.23
C TYR D 797 19.14 -19.84 -15.15
N SER D 798 18.25 -20.73 -14.78
CA SER D 798 18.55 -21.77 -13.80
C SER D 798 19.31 -22.88 -14.50
N LYS D 799 20.46 -23.24 -13.97
CA LYS D 799 21.29 -24.23 -14.62
C LYS D 799 21.66 -25.41 -13.73
N GLY D 800 21.53 -25.27 -12.41
CA GLY D 800 22.02 -26.26 -11.48
C GLY D 800 21.08 -27.42 -11.25
N ARG D 801 21.12 -27.94 -10.04
CA ARG D 801 20.22 -29.02 -9.63
C ARG D 801 18.91 -28.43 -9.12
N PRO D 802 17.77 -28.94 -9.57
CA PRO D 802 16.49 -28.38 -9.11
C PRO D 802 16.22 -28.72 -7.65
N ASN D 803 15.24 -27.99 -7.09
CA ASN D 803 14.80 -28.27 -5.73
C ASN D 803 14.07 -29.60 -5.69
N LEU D 804 14.11 -30.26 -4.52
CA LEU D 804 13.37 -31.50 -4.33
C LEU D 804 11.91 -31.33 -4.71
N HIS D 805 11.28 -30.24 -4.25
CA HIS D 805 9.87 -30.01 -4.56
C HIS D 805 9.64 -29.81 -6.05
N THR D 806 10.60 -29.23 -6.76
CA THR D 806 10.47 -29.18 -8.21
C THR D 806 10.42 -30.56 -8.82
N LEU D 807 11.28 -31.46 -8.32
CA LEU D 807 11.26 -32.84 -8.81
C LEU D 807 9.94 -33.51 -8.50
N TYR D 808 9.41 -33.30 -7.29
CA TYR D 808 8.14 -33.89 -6.92
C TYR D 808 7.02 -33.40 -7.83
N TRP D 809 6.93 -32.07 -8.01
CA TRP D 809 5.87 -31.51 -8.84
C TRP D 809 5.97 -32.00 -10.27
N LYS D 810 7.19 -32.06 -10.83
CA LYS D 810 7.34 -32.56 -12.19
C LYS D 810 6.94 -34.02 -12.29
N ALA D 811 7.31 -34.82 -11.28
CA ALA D 811 6.97 -36.24 -11.28
C ALA D 811 5.47 -36.46 -11.21
N LEU D 812 4.73 -35.52 -10.62
CA LEU D 812 3.27 -35.61 -10.63
C LEU D 812 2.72 -35.97 -12.01
N PHE D 813 3.29 -35.39 -13.07
CA PHE D 813 2.73 -35.50 -14.41
C PHE D 813 3.61 -36.28 -15.38
N ASP D 814 4.76 -36.79 -14.94
CA ASP D 814 5.67 -37.50 -15.82
C ASP D 814 5.09 -38.86 -16.19
N GLU D 815 5.34 -39.27 -17.45
CA GLU D 815 4.75 -40.50 -17.97
C GLU D 815 5.15 -41.72 -17.15
N ARG D 816 6.37 -41.74 -16.61
CA ARG D 816 6.82 -42.88 -15.82
C ARG D 816 6.01 -42.98 -14.53
N ASN D 817 5.71 -41.85 -13.90
CA ASN D 817 4.83 -41.88 -12.73
C ASN D 817 3.39 -42.19 -13.13
N LEU D 818 2.93 -41.68 -14.27
CA LEU D 818 1.57 -41.94 -14.70
C LEU D 818 1.32 -43.42 -14.97
N GLN D 819 2.35 -44.15 -15.42
CA GLN D 819 2.17 -45.59 -15.65
C GLN D 819 2.04 -46.33 -14.33
N ASP D 820 2.96 -46.09 -13.40
CA ASP D 820 3.03 -46.75 -12.09
C ASP D 820 2.99 -45.63 -11.04
N VAL D 821 1.80 -45.32 -10.55
CA VAL D 821 1.61 -44.06 -9.83
C VAL D 821 2.27 -44.11 -8.46
N VAL D 822 3.14 -43.13 -8.20
CA VAL D 822 3.70 -42.89 -6.88
C VAL D 822 3.29 -41.51 -6.38
N TYR D 823 3.29 -40.51 -7.26
CA TYR D 823 2.94 -39.14 -6.91
C TYR D 823 1.52 -38.86 -7.39
N LYS D 824 0.63 -38.54 -6.46
CA LYS D 824 -0.77 -38.31 -6.76
C LYS D 824 -1.15 -36.89 -6.34
N LEU D 825 -1.86 -36.20 -7.23
CA LEU D 825 -2.32 -34.83 -6.98
C LEU D 825 -3.59 -34.86 -6.14
N ASN D 826 -3.55 -34.24 -4.96
CA ASN D 826 -4.72 -34.19 -4.10
C ASN D 826 -5.59 -32.97 -4.40
N GLY D 827 -6.81 -33.01 -3.89
CA GLY D 827 -7.70 -31.87 -3.94
C GLY D 827 -7.60 -31.01 -2.69
N GLU D 828 -8.36 -29.92 -2.70
CA GLU D 828 -8.34 -28.91 -1.63
C GLU D 828 -6.98 -28.20 -1.57
N ALA D 829 -6.52 -27.75 -2.74
CA ALA D 829 -5.40 -26.82 -2.80
C ALA D 829 -5.89 -25.42 -2.46
N GLU D 830 -4.97 -24.56 -2.07
CA GLU D 830 -5.32 -23.21 -1.66
C GLU D 830 -4.50 -22.18 -2.42
N LEU D 831 -5.11 -21.02 -2.62
CA LEU D 831 -4.43 -19.88 -3.22
C LEU D 831 -4.38 -18.75 -2.20
N PHE D 832 -3.28 -18.01 -2.19
CA PHE D 832 -3.11 -16.94 -1.21
C PHE D 832 -2.54 -15.69 -1.88
N TYR D 833 -2.73 -14.57 -1.18
CA TYR D 833 -2.21 -13.27 -1.57
C TYR D 833 -1.38 -12.74 -0.42
N ARG D 834 -0.15 -12.31 -0.70
CA ARG D 834 0.74 -11.73 0.30
C ARG D 834 1.12 -10.34 -0.15
N LYS D 835 0.75 -9.33 0.64
CA LYS D 835 1.05 -7.96 0.27
C LYS D 835 2.53 -7.64 0.50
N GLN D 836 3.00 -6.56 -0.12
CA GLN D 836 4.35 -6.09 0.10
C GLN D 836 4.55 -5.67 1.56
N SER D 837 5.63 -6.14 2.17
CA SER D 837 5.85 -5.96 3.59
C SER D 837 7.05 -5.08 3.95
N ILE D 838 7.94 -4.82 3.01
CA ILE D 838 9.06 -3.90 3.27
C ILE D 838 9.23 -2.96 2.09
N PRO D 839 9.80 -1.78 2.33
CA PRO D 839 10.13 -0.88 1.22
C PRO D 839 11.13 -1.51 0.27
N LYS D 840 10.92 -1.26 -1.02
CA LYS D 840 11.83 -1.73 -2.07
C LYS D 840 13.08 -0.87 -2.06
N LYS D 841 14.21 -1.45 -1.71
CA LYS D 841 15.45 -0.71 -1.57
C LYS D 841 16.53 -1.38 -2.40
N ILE D 842 17.09 -0.64 -3.36
CA ILE D 842 18.18 -1.15 -4.18
C ILE D 842 19.44 -1.21 -3.33
N THR D 843 19.71 -2.37 -2.76
CA THR D 843 20.79 -2.49 -1.79
C THR D 843 22.17 -2.44 -2.46
N HIS D 844 22.34 -3.11 -3.60
CA HIS D 844 23.61 -3.08 -4.31
C HIS D 844 23.35 -2.70 -5.76
N PRO D 845 23.59 -1.44 -6.13
CA PRO D 845 23.30 -0.98 -7.49
C PRO D 845 24.12 -1.75 -8.51
N ALA D 846 23.63 -1.72 -9.75
CA ALA D 846 24.27 -2.45 -10.82
C ALA D 846 25.66 -1.87 -11.12
N LYS D 847 26.54 -2.75 -11.58
CA LYS D 847 27.91 -2.44 -12.00
C LYS D 847 28.76 -1.86 -10.88
N GLU D 848 28.32 -1.98 -9.63
CA GLU D 848 29.14 -1.66 -8.47
C GLU D 848 29.63 -2.96 -7.86
N ALA D 849 30.91 -3.00 -7.52
CA ALA D 849 31.46 -4.19 -6.89
C ALA D 849 30.92 -4.35 -5.47
N ILE D 850 30.59 -5.59 -5.12
CA ILE D 850 30.16 -5.95 -3.77
C ILE D 850 31.22 -6.86 -3.16
N ALA D 851 31.47 -6.67 -1.87
CA ALA D 851 32.43 -7.51 -1.15
C ALA D 851 31.85 -8.90 -0.88
N ASN D 852 32.66 -9.93 -1.13
CA ASN D 852 32.26 -11.30 -0.79
C ASN D 852 32.45 -11.53 0.71
N LYS D 853 31.55 -12.34 1.29
CA LYS D 853 31.55 -12.53 2.73
C LYS D 853 32.47 -13.65 3.18
N ASN D 854 32.69 -14.65 2.34
CA ASN D 854 33.56 -15.78 2.66
C ASN D 854 34.99 -15.45 2.26
N LYS D 855 35.87 -15.34 3.25
CA LYS D 855 37.24 -14.91 3.00
C LYS D 855 38.03 -15.93 2.20
N ASP D 856 37.65 -17.21 2.30
CA ASP D 856 38.38 -18.27 1.60
C ASP D 856 38.22 -18.18 0.09
N ASN D 857 37.17 -17.53 -0.39
CA ASN D 857 36.90 -17.48 -1.82
C ASN D 857 38.04 -16.77 -2.57
N PRO D 858 38.51 -17.32 -3.69
CA PRO D 858 39.57 -16.61 -4.46
C PRO D 858 39.16 -15.22 -4.91
N LYS D 859 37.96 -15.05 -5.45
CA LYS D 859 37.49 -13.75 -5.90
C LYS D 859 36.98 -12.96 -4.69
N LYS D 860 37.58 -11.78 -4.47
CA LYS D 860 37.27 -11.02 -3.26
C LYS D 860 36.05 -10.13 -3.42
N GLU D 861 35.75 -9.70 -4.65
CA GLU D 861 34.52 -8.95 -4.89
C GLU D 861 33.91 -9.40 -6.20
N SER D 862 32.60 -9.15 -6.32
CA SER D 862 31.84 -9.53 -7.50
C SER D 862 31.11 -8.32 -8.06
N VAL D 863 30.88 -8.32 -9.37
CA VAL D 863 30.16 -7.26 -10.06
C VAL D 863 29.03 -7.90 -10.86
N PHE D 864 27.84 -7.32 -10.76
CA PHE D 864 26.67 -7.79 -11.47
C PHE D 864 26.16 -6.70 -12.41
N GLU D 865 25.62 -7.12 -13.55
CA GLU D 865 25.10 -6.20 -14.55
C GLU D 865 23.75 -5.61 -14.17
N TYR D 866 23.15 -6.05 -13.07
CA TYR D 866 21.81 -5.66 -12.66
C TYR D 866 21.80 -5.32 -11.18
N ASP D 867 20.77 -4.61 -10.75
CA ASP D 867 20.61 -4.31 -9.34
C ASP D 867 20.25 -5.57 -8.58
N LEU D 868 20.72 -5.63 -7.33
CA LEU D 868 20.36 -6.71 -6.41
C LEU D 868 19.63 -6.09 -5.23
N ILE D 869 18.40 -6.55 -4.99
CA ILE D 869 17.52 -5.93 -4.00
C ILE D 869 17.34 -6.89 -2.84
N LYS D 870 17.59 -6.38 -1.62
CA LYS D 870 17.48 -7.21 -0.43
C LYS D 870 16.04 -7.62 -0.18
N ASP D 871 15.80 -8.92 -0.06
CA ASP D 871 14.48 -9.46 0.20
C ASP D 871 13.47 -9.02 -0.86
N LYS D 872 13.89 -9.11 -2.12
CA LYS D 872 13.04 -8.66 -3.23
C LYS D 872 11.69 -9.36 -3.21
N ARG D 873 11.64 -10.59 -2.70
CA ARG D 873 10.38 -11.33 -2.67
C ARG D 873 9.33 -10.68 -1.78
N PHE D 874 9.71 -9.76 -0.92
CA PHE D 874 8.75 -9.08 -0.05
C PHE D 874 8.50 -7.64 -0.47
N THR D 875 9.20 -7.14 -1.48
CA THR D 875 9.04 -5.73 -1.86
C THR D 875 7.87 -5.50 -2.80
N GLU D 876 7.08 -6.53 -3.09
CA GLU D 876 5.93 -6.41 -3.97
C GLU D 876 4.91 -7.48 -3.61
N ASP D 877 3.66 -7.23 -3.99
CA ASP D 877 2.59 -8.19 -3.71
C ASP D 877 2.75 -9.42 -4.59
N LYS D 878 2.34 -10.58 -4.06
CA LYS D 878 2.55 -11.82 -4.79
C LYS D 878 1.40 -12.78 -4.54
N PHE D 879 1.16 -13.66 -5.52
CA PHE D 879 0.20 -14.74 -5.41
C PHE D 879 0.92 -16.04 -5.10
N PHE D 880 0.26 -16.93 -4.38
CA PHE D 880 0.88 -18.20 -4.01
C PHE D 880 -0.11 -19.35 -4.14
N PHE D 881 0.46 -20.54 -4.28
CA PHE D 881 -0.29 -21.76 -4.54
C PHE D 881 0.24 -22.86 -3.62
N HIS D 882 -0.61 -23.34 -2.72
CA HIS D 882 -0.30 -24.45 -1.83
C HIS D 882 -1.04 -25.67 -2.35
N CYS D 883 -0.29 -26.64 -2.87
CA CYS D 883 -0.85 -27.78 -3.57
C CYS D 883 -0.55 -29.07 -2.81
N PRO D 884 -1.56 -29.79 -2.34
CA PRO D 884 -1.29 -31.04 -1.63
C PRO D 884 -1.08 -32.20 -2.59
N ILE D 885 -0.22 -33.12 -2.18
CA ILE D 885 0.07 -34.33 -2.92
C ILE D 885 0.24 -35.49 -1.94
N THR D 886 0.03 -36.70 -2.46
CA THR D 886 0.29 -37.94 -1.74
C THR D 886 1.42 -38.68 -2.42
N ILE D 887 2.35 -39.21 -1.64
CA ILE D 887 3.51 -39.93 -2.17
C ILE D 887 3.43 -41.38 -1.74
N ASN D 888 3.84 -42.27 -2.65
CA ASN D 888 3.63 -43.72 -2.55
C ASN D 888 2.13 -44.01 -2.50
N PHE D 889 1.42 -43.52 -3.52
CA PHE D 889 -0.04 -43.53 -3.52
C PHE D 889 -0.59 -44.94 -3.37
N LYS D 890 -0.06 -45.89 -4.13
CA LYS D 890 -0.58 -47.25 -4.09
C LYS D 890 -0.12 -48.00 -2.84
N SER D 891 1.02 -47.60 -2.26
CA SER D 891 1.54 -48.29 -1.09
C SER D 891 0.64 -48.10 0.11
N SER D 892 0.55 -49.15 0.93
CA SER D 892 -0.20 -49.09 2.17
C SER D 892 0.67 -48.49 3.27
N GLY D 893 0.02 -48.07 4.36
CA GLY D 893 0.74 -47.51 5.49
C GLY D 893 1.73 -48.48 6.10
N ALA D 894 2.63 -47.93 6.90
CA ALA D 894 3.71 -48.72 7.47
C ALA D 894 3.21 -49.59 8.61
N ASN D 895 3.59 -50.86 8.59
CA ASN D 895 3.22 -51.81 9.63
C ASN D 895 4.49 -52.43 10.21
N LYS D 896 4.68 -52.28 11.52
CA LYS D 896 5.82 -52.88 12.22
C LYS D 896 7.13 -52.55 11.52
N PHE D 897 7.32 -51.27 11.23
CA PHE D 897 8.51 -50.82 10.53
C PHE D 897 9.77 -51.23 11.29
N ASN D 898 9.74 -51.11 12.62
CA ASN D 898 10.90 -51.43 13.42
C ASN D 898 11.31 -52.89 13.27
N ASP D 899 10.32 -53.79 13.16
CA ASP D 899 10.63 -55.21 13.04
C ASP D 899 11.29 -55.53 11.70
N GLU D 900 10.77 -54.95 10.62
CA GLU D 900 11.39 -55.14 9.31
C GLU D 900 12.81 -54.60 9.30
N ILE D 901 13.01 -53.42 9.90
CA ILE D 901 14.35 -52.84 9.97
C ILE D 901 15.31 -53.75 10.71
N ASN D 902 14.88 -54.27 11.88
CA ASN D 902 15.73 -55.14 12.66
C ASN D 902 16.01 -56.46 11.94
N LEU D 903 15.05 -56.96 11.17
CA LEU D 903 15.29 -58.16 10.38
C LEU D 903 16.38 -57.92 9.34
N LEU D 904 16.23 -56.85 8.54
CA LEU D 904 17.27 -56.49 7.59
C LEU D 904 18.62 -56.35 8.30
N LEU D 905 18.65 -55.70 9.46
CA LEU D 905 19.91 -55.43 10.13
C LEU D 905 20.56 -56.70 10.65
N LYS D 906 19.76 -57.66 11.12
CA LYS D 906 20.32 -58.97 11.45
C LYS D 906 20.96 -59.60 10.24
N GLU D 907 20.29 -59.55 9.09
CA GLU D 907 20.82 -60.20 7.89
C GLU D 907 22.15 -59.60 7.45
N LYS D 908 22.27 -58.28 7.49
CA LYS D 908 23.40 -57.57 6.89
C LYS D 908 24.34 -56.97 7.94
N ALA D 909 24.37 -57.55 9.14
CA ALA D 909 25.10 -56.96 10.26
C ALA D 909 26.58 -56.75 9.93
N ASN D 910 27.19 -57.65 9.16
CA ASN D 910 28.62 -57.52 8.85
C ASN D 910 28.90 -56.26 8.06
N ASP D 911 27.97 -55.86 7.18
CA ASP D 911 28.15 -54.65 6.41
C ASP D 911 27.70 -53.40 7.17
N VAL D 912 26.93 -53.57 8.24
CA VAL D 912 26.35 -52.44 8.95
C VAL D 912 27.43 -51.65 9.68
N HIS D 913 27.40 -50.33 9.52
CA HIS D 913 28.21 -49.40 10.28
C HIS D 913 27.35 -48.66 11.29
N ILE D 914 28.01 -47.90 12.15
CA ILE D 914 27.34 -47.13 13.19
C ILE D 914 27.71 -45.66 13.03
N LEU D 915 26.73 -44.79 13.12
CA LEU D 915 26.93 -43.33 13.08
C LEU D 915 26.37 -42.79 14.38
N SER D 916 27.24 -42.58 15.37
CA SER D 916 26.81 -42.09 16.67
C SER D 916 27.01 -40.58 16.76
N ILE D 917 26.00 -39.89 17.29
CA ILE D 917 25.99 -38.43 17.29
C ILE D 917 25.76 -37.92 18.71
N ASP D 918 26.62 -37.02 19.16
CA ASP D 918 26.61 -36.47 20.50
C ASP D 918 26.78 -34.96 20.40
N ARG D 919 26.40 -34.25 21.46
CA ARG D 919 26.61 -32.82 21.54
C ARG D 919 27.56 -32.49 22.69
N GLY D 920 28.13 -31.29 22.64
CA GLY D 920 29.04 -30.85 23.68
C GLY D 920 29.05 -29.34 23.77
N GLU D 921 29.75 -28.86 24.79
CA GLU D 921 29.93 -27.42 24.95
C GLU D 921 30.71 -26.86 23.76
N ARG D 922 31.81 -27.51 23.40
CA ARG D 922 32.64 -27.05 22.27
C ARG D 922 31.92 -27.24 20.94
N HIS D 923 31.22 -28.35 20.78
CA HIS D 923 30.64 -28.72 19.51
C HIS D 923 29.15 -28.96 19.67
N LEU D 924 28.35 -28.34 18.79
CA LEU D 924 26.90 -28.50 18.87
C LEU D 924 26.47 -29.89 18.41
N ALA D 925 27.14 -30.44 17.40
CA ALA D 925 26.91 -31.80 16.92
C ALA D 925 28.24 -32.41 16.51
N TYR D 926 28.50 -33.62 16.98
CA TYR D 926 29.75 -34.33 16.75
C TYR D 926 29.42 -35.79 16.52
N TYR D 927 30.00 -36.36 15.46
CA TYR D 927 29.69 -37.73 15.08
C TYR D 927 30.96 -38.57 15.04
N THR D 928 30.79 -39.86 15.28
CA THR D 928 31.81 -40.85 14.96
C THR D 928 31.15 -41.96 14.16
N LEU D 929 31.87 -42.42 13.13
CA LEU D 929 31.44 -43.55 12.31
C LEU D 929 32.28 -44.75 12.68
N VAL D 930 31.64 -45.82 13.13
CA VAL D 930 32.31 -46.98 13.71
C VAL D 930 31.96 -48.23 12.92
N ASP D 931 32.98 -49.04 12.66
CA ASP D 931 32.78 -50.34 12.04
C ASP D 931 32.46 -51.38 13.12
N GLY D 932 32.07 -52.59 12.67
CA GLY D 932 31.65 -53.61 13.61
C GLY D 932 32.69 -53.92 14.67
N LYS D 933 33.97 -53.94 14.29
CA LYS D 933 35.03 -54.29 15.23
C LYS D 933 35.21 -53.22 16.30
N GLY D 934 34.87 -51.97 16.00
CA GLY D 934 34.95 -50.92 17.00
C GLY D 934 35.94 -49.83 16.64
N ASN D 935 36.44 -49.85 15.41
CA ASN D 935 37.40 -48.85 14.96
C ASN D 935 36.65 -47.68 14.32
N ILE D 936 37.11 -46.46 14.62
CA ILE D 936 36.56 -45.26 14.03
C ILE D 936 37.08 -45.12 12.60
N ILE D 937 36.16 -45.08 11.64
CA ILE D 937 36.48 -44.78 10.25
C ILE D 937 36.48 -43.28 9.99
N LYS D 938 35.55 -42.57 10.64
CA LYS D 938 35.42 -41.13 10.47
C LYS D 938 34.95 -40.51 11.78
N GLN D 939 35.54 -39.37 12.12
CA GLN D 939 35.08 -38.59 13.26
C GLN D 939 35.31 -37.12 12.95
N ASP D 940 34.28 -36.30 13.14
CA ASP D 940 34.40 -34.89 12.81
C ASP D 940 33.34 -34.12 13.58
N THR D 941 33.39 -32.80 13.44
CA THR D 941 32.42 -31.90 14.04
C THR D 941 31.46 -31.37 12.98
N PHE D 942 30.17 -31.36 13.33
CA PHE D 942 29.16 -30.78 12.47
C PHE D 942 29.05 -29.27 12.64
N ASN D 943 29.91 -28.65 13.45
CA ASN D 943 29.88 -27.20 13.59
C ASN D 943 30.24 -26.50 12.29
N ILE D 944 30.99 -27.17 11.42
CA ILE D 944 31.43 -26.60 10.16
C ILE D 944 30.85 -27.49 9.06
N ILE D 945 29.92 -26.93 8.28
CA ILE D 945 29.30 -27.63 7.16
C ILE D 945 29.48 -26.73 5.94
N GLY D 946 30.52 -26.99 5.15
CA GLY D 946 30.76 -26.22 3.94
C GLY D 946 31.18 -27.07 2.75
N MET D 950 33.75 -23.46 0.28
CA MET D 950 33.45 -22.19 0.95
C MET D 950 32.72 -22.43 2.27
N LYS D 951 33.46 -22.97 3.24
CA LYS D 951 32.88 -23.44 4.48
C LYS D 951 32.55 -22.28 5.42
N THR D 952 31.57 -22.52 6.29
CA THR D 952 31.10 -21.56 7.28
C THR D 952 30.90 -22.28 8.60
N ASN D 953 31.28 -21.61 9.70
CA ASN D 953 31.08 -22.16 11.03
C ASN D 953 29.77 -21.67 11.62
N TYR D 954 28.94 -22.62 12.08
CA TYR D 954 27.64 -22.32 12.68
C TYR D 954 27.65 -22.38 14.21
N HIS D 955 28.72 -22.87 14.82
CA HIS D 955 28.75 -23.01 16.28
C HIS D 955 28.74 -21.65 16.97
N ASP D 956 29.64 -20.76 16.53
CA ASP D 956 29.72 -19.44 17.15
C ASP D 956 28.39 -18.70 17.06
N LYS D 957 27.75 -18.74 15.89
CA LYS D 957 26.54 -17.96 15.68
C LYS D 957 25.38 -18.45 16.53
N LEU D 958 25.22 -19.77 16.67
CA LEU D 958 24.09 -20.29 17.44
C LEU D 958 24.34 -20.22 18.94
N ALA D 959 25.55 -20.60 19.38
CA ALA D 959 25.91 -20.39 20.78
C ALA D 959 25.83 -18.91 21.14
N ALA D 960 25.98 -18.03 20.15
CA ALA D 960 25.86 -16.60 20.41
C ALA D 960 24.40 -16.19 20.52
N ILE D 961 23.55 -16.69 19.63
CA ILE D 961 22.14 -16.30 19.62
C ILE D 961 21.44 -16.78 20.90
N GLU D 962 21.90 -17.90 21.47
CA GLU D 962 21.29 -18.35 22.73
C GLU D 962 21.44 -17.29 23.83
N LYS D 963 22.68 -16.89 24.13
CA LYS D 963 22.88 -15.87 25.16
C LYS D 963 22.35 -14.51 24.72
N ASP D 964 22.36 -14.24 23.41
CA ASP D 964 21.81 -13.00 22.90
C ASP D 964 20.32 -12.88 23.21
N ARG D 965 19.61 -14.01 23.30
CA ARG D 965 18.21 -13.99 23.70
C ARG D 965 18.02 -13.31 25.06
N ASP D 966 18.74 -13.81 26.07
CA ASP D 966 18.66 -13.22 27.39
C ASP D 966 19.17 -11.80 27.39
N SER D 967 20.20 -11.53 26.58
CA SER D 967 20.74 -10.17 26.52
C SER D 967 19.70 -9.18 26.02
N ALA D 968 18.87 -9.60 25.06
CA ALA D 968 17.90 -8.69 24.46
C ALA D 968 16.60 -8.62 25.23
N ARG D 969 16.25 -9.69 25.97
CA ARG D 969 15.05 -9.62 26.81
C ARG D 969 15.13 -8.51 27.84
N LYS D 970 16.34 -8.18 28.30
CA LYS D 970 16.54 -7.19 29.35
C LYS D 970 16.48 -5.75 28.82
N ASP D 971 16.66 -5.55 27.51
CA ASP D 971 16.54 -4.23 26.91
C ASP D 971 15.21 -4.03 26.19
N TRP D 972 14.24 -4.92 26.40
CA TRP D 972 12.95 -4.86 25.70
C TRP D 972 13.14 -4.81 24.20
N LYS D 973 14.18 -5.48 23.72
CA LYS D 973 14.45 -5.62 22.31
C LYS D 973 14.24 -7.08 21.93
N LYS D 974 13.61 -7.31 20.80
CA LYS D 974 13.26 -8.66 20.38
C LYS D 974 14.18 -9.11 19.26
N ILE D 975 14.73 -10.30 19.41
CA ILE D 975 15.53 -10.93 18.37
C ILE D 975 14.59 -11.72 17.46
N ASN D 976 15.02 -11.95 16.23
CA ASN D 976 14.15 -12.50 15.21
C ASN D 976 14.74 -13.80 14.66
N ASN D 977 13.85 -14.80 14.50
CA ASN D 977 14.15 -16.00 13.73
C ASN D 977 15.31 -16.81 14.32
N ILE D 978 15.24 -17.06 15.64
CA ILE D 978 16.15 -18.05 16.23
C ILE D 978 15.87 -19.42 15.63
N LYS D 979 14.60 -19.82 15.65
CA LYS D 979 14.19 -21.10 15.11
C LYS D 979 14.62 -21.26 13.67
N GLU D 980 14.54 -20.18 12.88
CA GLU D 980 14.90 -20.27 11.46
C GLU D 980 16.39 -20.55 11.28
N MET D 981 17.25 -19.91 12.06
CA MET D 981 18.68 -20.19 11.96
C MET D 981 19.00 -21.62 12.40
N LYS D 982 18.38 -22.07 13.48
CA LYS D 982 18.57 -23.46 13.91
C LYS D 982 18.16 -24.43 12.80
N GLU D 983 16.99 -24.19 12.19
CA GLU D 983 16.51 -25.08 11.13
C GLU D 983 17.43 -25.02 9.92
N GLY D 984 17.90 -23.82 9.56
CA GLY D 984 18.74 -23.69 8.38
C GLY D 984 20.08 -24.36 8.51
N TYR D 985 20.62 -24.41 9.73
CA TYR D 985 21.84 -25.20 9.94
C TYR D 985 21.54 -26.70 9.97
N LEU D 986 20.46 -27.08 10.63
CA LEU D 986 20.15 -28.49 10.75
C LEU D 986 19.81 -29.11 9.40
N SER D 987 19.38 -28.31 8.42
CA SER D 987 19.16 -28.85 7.08
C SER D 987 20.45 -29.42 6.49
N GLN D 988 21.53 -28.63 6.57
CA GLN D 988 22.83 -29.09 6.11
C GLN D 988 23.28 -30.34 6.86
N VAL D 989 23.11 -30.33 8.18
CA VAL D 989 23.62 -31.48 8.93
C VAL D 989 22.81 -32.75 8.61
N VAL D 990 21.51 -32.61 8.34
CA VAL D 990 20.70 -33.76 7.96
C VAL D 990 21.15 -34.31 6.61
N HIS D 991 21.43 -33.42 5.65
CA HIS D 991 21.96 -33.85 4.37
C HIS D 991 23.23 -34.69 4.55
N GLU D 992 24.16 -34.17 5.34
CA GLU D 992 25.41 -34.89 5.59
C GLU D 992 25.14 -36.26 6.21
N ILE D 993 24.24 -36.33 7.19
CA ILE D 993 23.95 -37.61 7.84
C ILE D 993 23.36 -38.60 6.86
N ALA D 994 22.46 -38.15 5.99
CA ALA D 994 21.87 -39.03 5.00
C ALA D 994 22.93 -39.59 4.06
N LYS D 995 23.82 -38.71 3.59
CA LYS D 995 24.96 -39.16 2.79
C LYS D 995 25.70 -40.29 3.48
N LEU D 996 26.12 -40.06 4.73
CA LEU D 996 26.90 -41.05 5.46
C LEU D 996 26.13 -42.35 5.63
N VAL D 997 24.83 -42.24 5.93
CA VAL D 997 24.01 -43.43 6.18
C VAL D 997 23.98 -44.33 4.96
N ILE D 998 23.69 -43.75 3.79
CA ILE D 998 23.59 -44.57 2.59
C ILE D 998 24.97 -45.07 2.17
N GLU D 999 26.01 -44.26 2.36
CA GLU D 999 27.33 -44.61 1.84
C GLU D 999 28.01 -45.66 2.70
N TYR D 1000 27.66 -45.79 3.98
CA TYR D 1000 28.33 -46.73 4.86
C TYR D 1000 27.36 -47.72 5.51
N ASN D 1001 26.14 -47.81 4.99
CA ASN D 1001 25.17 -48.79 5.49
C ASN D 1001 25.00 -48.66 7.00
N ALA D 1002 24.89 -47.43 7.47
CA ALA D 1002 24.97 -47.15 8.90
C ALA D 1002 23.60 -47.05 9.54
N ILE D 1003 23.58 -47.35 10.83
CA ILE D 1003 22.46 -47.02 11.71
C ILE D 1003 22.85 -45.79 12.51
N VAL D 1004 21.89 -44.92 12.81
CA VAL D 1004 22.14 -43.69 13.56
C VAL D 1004 21.84 -43.94 15.03
N VAL D 1005 22.70 -43.43 15.90
CA VAL D 1005 22.54 -43.62 17.33
C VAL D 1005 22.61 -42.27 18.02
N PHE D 1006 21.70 -42.05 18.97
CA PHE D 1006 21.61 -40.82 19.74
C PHE D 1006 21.63 -41.13 21.24
N GLN D 1007 21.78 -40.07 22.03
CA GLN D 1007 21.53 -40.16 23.47
C GLN D 1007 20.04 -40.21 23.71
N ASP D 1008 19.63 -41.04 24.68
CA ASP D 1008 18.22 -41.11 25.05
C ASP D 1008 17.76 -39.82 25.70
N LEU D 1009 18.59 -39.24 26.57
CA LEU D 1009 18.27 -38.05 27.35
C LEU D 1009 16.84 -38.04 27.88
N PHE D 1018 16.93 -28.11 28.51
CA PHE D 1018 16.54 -26.70 28.41
C PHE D 1018 17.59 -25.94 27.62
N LYS D 1019 17.65 -24.63 27.84
CA LYS D 1019 18.56 -23.71 27.14
C LYS D 1019 18.28 -23.87 25.63
N VAL D 1020 19.31 -23.97 24.80
CA VAL D 1020 19.12 -24.21 23.38
C VAL D 1020 19.89 -25.43 22.87
N GLU D 1021 20.97 -25.83 23.55
CA GLU D 1021 21.77 -26.97 23.09
C GLU D 1021 20.93 -28.25 23.04
N LYS D 1022 20.25 -28.58 24.13
CA LYS D 1022 19.38 -29.75 24.13
C LYS D 1022 18.28 -29.62 23.10
N GLN D 1023 17.74 -28.40 22.94
CA GLN D 1023 16.69 -28.16 21.95
C GLN D 1023 17.21 -28.36 20.53
N VAL D 1024 18.44 -27.92 20.25
CA VAL D 1024 19.01 -28.12 18.93
C VAL D 1024 19.22 -29.60 18.64
N TYR D 1025 19.68 -30.35 19.66
CA TYR D 1025 19.82 -31.80 19.51
C TYR D 1025 18.48 -32.45 19.17
N GLN D 1026 17.43 -32.11 19.93
CA GLN D 1026 16.12 -32.69 19.69
C GLN D 1026 15.57 -32.30 18.33
N LYS D 1027 15.74 -31.05 17.93
CA LYS D 1027 15.25 -30.63 16.62
C LYS D 1027 16.01 -31.34 15.50
N LEU D 1028 17.30 -31.60 15.71
CA LEU D 1028 18.05 -32.40 14.74
C LEU D 1028 17.47 -33.79 14.63
N GLU D 1029 17.17 -34.42 15.77
CA GLU D 1029 16.54 -35.74 15.75
C GLU D 1029 15.25 -35.72 14.92
N LYS D 1030 14.38 -34.75 15.21
CA LYS D 1030 13.10 -34.68 14.51
C LYS D 1030 13.28 -34.47 13.01
N MET D 1031 14.19 -33.57 12.62
CA MET D 1031 14.37 -33.29 11.19
C MET D 1031 15.02 -34.45 10.46
N LEU D 1032 15.91 -35.19 11.13
CA LEU D 1032 16.48 -36.38 10.50
C LEU D 1032 15.42 -37.44 10.28
N ILE D 1033 14.52 -37.61 11.26
CA ILE D 1033 13.39 -38.54 11.07
C ILE D 1033 12.55 -38.13 9.88
N GLU D 1034 12.17 -36.85 9.84
CA GLU D 1034 11.30 -36.36 8.77
C GLU D 1034 11.98 -36.46 7.41
N LYS D 1035 13.30 -36.35 7.36
CA LYS D 1035 13.99 -36.52 6.08
C LYS D 1035 14.09 -37.99 5.68
N LEU D 1036 14.33 -38.87 6.64
CA LEU D 1036 14.43 -40.29 6.33
C LEU D 1036 13.08 -40.95 6.08
N ASN D 1037 11.97 -40.22 6.26
CA ASN D 1037 10.69 -40.75 5.81
C ASN D 1037 10.61 -40.84 4.28
N TYR D 1038 11.34 -39.97 3.57
CA TYR D 1038 11.31 -39.98 2.11
C TYR D 1038 12.60 -39.32 1.62
N LEU D 1039 13.55 -40.15 1.19
CA LEU D 1039 14.92 -39.72 0.91
C LEU D 1039 15.22 -39.87 -0.57
N VAL D 1040 15.28 -38.75 -1.28
CA VAL D 1040 15.64 -38.70 -2.69
C VAL D 1040 17.03 -38.08 -2.81
N PHE D 1041 17.90 -38.73 -3.59
CA PHE D 1041 19.19 -38.17 -3.94
C PHE D 1041 19.09 -37.55 -5.33
N LYS D 1042 19.38 -36.25 -5.42
CA LYS D 1042 19.12 -35.52 -6.66
C LYS D 1042 19.87 -36.09 -7.85
N ASP D 1043 21.07 -36.65 -7.63
CA ASP D 1043 21.84 -37.18 -8.75
C ASP D 1043 21.47 -38.61 -9.11
N ASN D 1044 20.77 -39.31 -8.23
CA ASN D 1044 20.35 -40.68 -8.53
C ASN D 1044 19.30 -40.68 -9.64
N GLU D 1045 19.36 -41.71 -10.48
CA GLU D 1045 18.50 -41.78 -11.65
C GLU D 1045 17.03 -41.86 -11.23
N PHE D 1046 16.16 -41.37 -12.12
CA PHE D 1046 14.73 -41.30 -11.84
C PHE D 1046 14.18 -42.66 -11.47
N ASP D 1047 14.59 -43.70 -12.19
CA ASP D 1047 14.01 -45.03 -12.07
C ASP D 1047 14.73 -45.92 -11.07
N LYS D 1048 15.94 -45.56 -10.64
CA LYS D 1048 16.70 -46.41 -9.73
C LYS D 1048 16.32 -46.14 -8.28
N THR D 1049 16.80 -47.02 -7.39
CA THR D 1049 16.56 -46.84 -5.97
C THR D 1049 17.31 -45.61 -5.47
N GLY D 1050 16.64 -44.83 -4.63
CA GLY D 1050 17.13 -43.53 -4.21
C GLY D 1050 16.71 -42.39 -5.12
N GLY D 1051 16.20 -42.67 -6.30
CA GLY D 1051 15.74 -41.65 -7.20
C GLY D 1051 14.34 -41.18 -6.87
N VAL D 1052 13.86 -40.24 -7.67
CA VAL D 1052 12.58 -39.58 -7.41
C VAL D 1052 11.46 -40.60 -7.30
N LEU D 1053 11.45 -41.60 -8.18
CA LEU D 1053 10.36 -42.56 -8.20
C LEU D 1053 10.47 -43.55 -7.05
N ARG D 1054 11.68 -43.80 -6.56
CA ARG D 1054 11.92 -44.91 -5.64
C ARG D 1054 12.85 -44.42 -4.52
N ALA D 1055 12.32 -43.58 -3.63
CA ALA D 1055 13.11 -43.01 -2.56
C ALA D 1055 13.28 -43.98 -1.40
N TYR D 1056 14.38 -43.84 -0.69
CA TYR D 1056 14.57 -44.62 0.53
C TYR D 1056 13.58 -44.18 1.60
N GLN D 1057 12.98 -45.15 2.28
CA GLN D 1057 12.16 -44.90 3.45
C GLN D 1057 12.78 -45.65 4.61
N LEU D 1058 13.43 -44.91 5.51
CA LEU D 1058 14.24 -45.54 6.54
C LEU D 1058 13.69 -45.35 7.96
N THR D 1059 12.63 -44.57 8.13
CA THR D 1059 12.08 -44.30 9.44
C THR D 1059 10.56 -44.38 9.38
N ALA D 1060 9.94 -44.54 10.56
CA ALA D 1060 8.49 -44.52 10.76
C ALA D 1060 7.96 -43.11 10.72
N PRO D 1061 6.66 -42.92 10.47
CA PRO D 1061 6.09 -41.59 10.28
C PRO D 1061 6.19 -40.59 11.43
N PHE D 1062 6.77 -40.97 12.58
CA PHE D 1062 7.00 -40.05 13.70
C PHE D 1062 5.71 -39.32 14.11
N GLU D 1063 4.85 -40.07 14.80
CA GLU D 1063 3.62 -39.46 15.31
C GLU D 1063 3.94 -38.53 16.48
N THR D 1064 4.84 -38.95 17.36
CA THR D 1064 5.24 -38.16 18.52
C THR D 1064 6.47 -38.79 19.15
N PHE D 1065 7.11 -38.00 20.04
CA PHE D 1065 8.24 -38.52 20.81
C PHE D 1065 7.82 -39.67 21.72
N LYS D 1066 6.60 -39.62 22.24
CA LYS D 1066 6.15 -40.57 23.25
C LYS D 1066 5.85 -41.95 22.69
N LYS D 1067 5.35 -42.04 21.45
CA LYS D 1067 4.98 -43.34 20.90
C LYS D 1067 6.19 -44.17 20.47
N MET D 1068 7.26 -43.52 20.01
CA MET D 1068 8.46 -44.22 19.53
C MET D 1068 9.63 -43.80 20.42
N GLY D 1069 9.77 -44.46 21.56
CA GLY D 1069 10.71 -44.03 22.58
C GLY D 1069 12.13 -44.54 22.50
N LYS D 1070 12.34 -45.76 22.01
CA LYS D 1070 13.66 -46.38 22.01
C LYS D 1070 14.27 -46.54 20.63
N GLN D 1071 13.45 -46.62 19.59
CA GLN D 1071 13.97 -46.78 18.23
C GLN D 1071 12.88 -46.46 17.23
N THR D 1072 13.21 -45.63 16.24
CA THR D 1072 12.35 -45.42 15.08
C THR D 1072 13.19 -45.67 13.84
N GLY D 1073 12.75 -46.62 13.01
CA GLY D 1073 13.51 -47.01 11.83
C GLY D 1073 14.95 -47.34 12.12
N ILE D 1074 15.85 -46.65 11.43
CA ILE D 1074 17.28 -46.88 11.61
C ILE D 1074 17.88 -46.05 12.73
N ILE D 1075 17.10 -45.19 13.36
CA ILE D 1075 17.58 -44.37 14.46
C ILE D 1075 17.32 -45.10 15.77
N TYR D 1076 18.34 -45.15 16.61
CA TYR D 1076 18.28 -45.82 17.91
C TYR D 1076 18.71 -44.83 18.99
N TYR D 1077 18.19 -45.03 20.19
CA TYR D 1077 18.46 -44.15 21.32
C TYR D 1077 19.03 -44.96 22.46
N VAL D 1078 20.20 -44.58 22.96
CA VAL D 1078 20.85 -45.34 24.02
C VAL D 1078 21.02 -44.43 25.23
N PRO D 1079 21.15 -45.01 26.43
CA PRO D 1079 21.46 -44.18 27.60
C PRO D 1079 22.81 -43.50 27.47
N ALA D 1080 22.88 -42.24 27.90
CA ALA D 1080 24.09 -41.45 27.78
C ALA D 1080 24.99 -41.54 29.01
N GLY D 1081 24.73 -42.51 29.89
CA GLY D 1081 25.53 -42.64 31.10
C GLY D 1081 26.93 -43.15 30.80
N PHE D 1082 27.94 -42.49 31.39
CA PHE D 1082 29.33 -42.91 31.31
C PHE D 1082 29.81 -42.97 29.85
N THR D 1083 29.42 -41.96 29.07
CA THR D 1083 29.87 -41.88 27.69
C THR D 1083 31.04 -40.91 27.55
N SER D 1084 31.01 -39.84 28.34
CA SER D 1084 32.00 -38.77 28.20
C SER D 1084 33.32 -39.13 28.87
N LYS D 1085 33.27 -39.66 30.10
CA LYS D 1085 34.49 -39.90 30.88
C LYS D 1085 34.74 -41.39 30.97
N ILE D 1086 35.49 -41.92 30.01
CA ILE D 1086 35.83 -43.34 30.00
C ILE D 1086 36.96 -43.52 28.99
N CYS D 1087 37.93 -44.35 29.36
CA CYS D 1087 39.06 -44.62 28.49
C CYS D 1087 38.58 -45.40 27.25
N PRO D 1088 38.94 -44.97 26.04
CA PRO D 1088 38.54 -45.75 24.86
C PRO D 1088 39.17 -47.13 24.81
N VAL D 1089 40.41 -47.26 25.28
CA VAL D 1089 41.11 -48.53 25.20
C VAL D 1089 40.64 -49.47 26.30
N THR D 1090 40.77 -49.04 27.56
CA THR D 1090 40.51 -49.92 28.69
C THR D 1090 39.05 -49.91 29.13
N GLY D 1091 38.30 -48.86 28.80
CA GLY D 1091 36.98 -48.73 29.34
C GLY D 1091 36.95 -48.41 30.82
N PHE D 1092 38.05 -47.92 31.37
CA PHE D 1092 38.07 -47.50 32.76
C PHE D 1092 37.17 -46.30 32.99
N VAL D 1093 36.42 -46.33 34.08
CA VAL D 1093 35.54 -45.24 34.47
C VAL D 1093 35.84 -44.89 35.92
N ASN D 1094 35.78 -43.61 36.26
CA ASN D 1094 35.97 -43.19 37.63
C ASN D 1094 34.66 -43.39 38.40
N GLN D 1095 34.68 -44.31 39.35
CA GLN D 1095 33.57 -44.49 40.28
C GLN D 1095 34.03 -44.43 41.73
N LEU D 1096 35.28 -44.05 41.97
CA LEU D 1096 35.74 -43.85 43.33
C LEU D 1096 35.11 -42.62 43.95
N TYR D 1097 35.02 -41.53 43.19
CA TYR D 1097 34.49 -40.26 43.65
C TYR D 1097 35.04 -39.84 45.02
N PRO D 1098 36.35 -39.80 45.20
CA PRO D 1098 36.89 -39.50 46.53
C PRO D 1098 36.73 -38.03 46.90
N LYS D 1099 36.47 -37.79 48.18
CA LYS D 1099 36.35 -36.45 48.73
C LYS D 1099 36.85 -36.45 50.16
N TYR D 1100 37.52 -35.38 50.55
CA TYR D 1100 38.08 -35.28 51.89
C TYR D 1100 37.00 -34.85 52.89
N GLU D 1101 36.84 -35.63 53.96
CA GLU D 1101 35.92 -35.30 55.04
C GLU D 1101 36.65 -35.19 56.38
N SER D 1102 37.33 -36.25 56.81
CA SER D 1102 38.10 -36.23 58.05
C SER D 1102 39.35 -37.09 57.88
N VAL D 1103 40.29 -36.92 58.81
CA VAL D 1103 41.54 -37.69 58.75
C VAL D 1103 41.26 -39.17 58.93
N SER D 1104 40.29 -39.52 59.79
CA SER D 1104 39.95 -40.93 59.99
C SER D 1104 39.39 -41.55 58.72
N LYS D 1105 38.46 -40.83 58.07
CA LYS D 1105 37.89 -41.34 56.82
C LYS D 1105 38.93 -41.40 55.71
N SER D 1106 39.88 -40.46 55.69
CA SER D 1106 40.95 -40.51 54.68
C SER D 1106 41.86 -41.69 54.90
N GLN D 1107 42.25 -41.97 56.15
CA GLN D 1107 43.06 -43.14 56.44
C GLN D 1107 42.32 -44.42 56.09
N GLU D 1108 41.02 -44.48 56.39
CA GLU D 1108 40.25 -45.67 56.05
C GLU D 1108 40.11 -45.85 54.55
N PHE D 1109 40.00 -44.73 53.81
CA PHE D 1109 39.89 -44.81 52.35
C PHE D 1109 41.19 -45.29 51.73
N PHE D 1110 42.32 -44.67 52.09
CA PHE D 1110 43.59 -45.06 51.50
C PHE D 1110 44.07 -46.43 52.00
N SER D 1111 43.55 -46.91 53.12
CA SER D 1111 43.89 -48.26 53.58
C SER D 1111 43.16 -49.35 52.81
N LYS D 1112 42.17 -48.99 52.00
CA LYS D 1112 41.38 -49.95 51.24
C LYS D 1112 41.92 -50.17 49.84
N PHE D 1113 42.93 -49.42 49.42
CA PHE D 1113 43.64 -49.74 48.20
C PHE D 1113 44.42 -51.03 48.38
N ASP D 1114 44.78 -51.65 47.26
CA ASP D 1114 45.60 -52.85 47.31
C ASP D 1114 47.07 -52.50 47.50
N LYS D 1115 47.61 -51.61 46.67
CA LYS D 1115 48.98 -51.17 46.86
C LYS D 1115 49.20 -49.78 46.27
N ILE D 1116 49.99 -48.96 46.94
CA ILE D 1116 50.39 -47.66 46.44
C ILE D 1116 51.92 -47.67 46.35
N CYS D 1117 52.45 -47.68 45.14
CA CYS D 1117 53.90 -47.83 44.96
C CYS D 1117 54.45 -46.77 44.03
N TYR D 1118 55.76 -46.61 44.07
CA TYR D 1118 56.47 -45.74 43.14
C TYR D 1118 57.18 -46.63 42.11
N ASN D 1119 56.82 -46.46 40.85
CA ASN D 1119 57.50 -47.16 39.76
C ASN D 1119 58.74 -46.34 39.41
N LEU D 1120 59.90 -46.87 39.82
CA LEU D 1120 61.17 -46.21 39.55
C LEU D 1120 61.46 -46.12 38.07
N ASP D 1121 61.34 -47.26 37.38
CA ASP D 1121 61.75 -47.33 35.98
C ASP D 1121 60.95 -46.37 35.11
N LYS D 1122 59.63 -46.54 35.09
CA LYS D 1122 58.76 -45.61 34.35
C LYS D 1122 58.73 -44.22 35.00
N GLY D 1123 58.92 -44.15 36.32
CA GLY D 1123 59.00 -42.86 36.99
C GLY D 1123 57.68 -42.21 37.32
N TYR D 1124 56.77 -42.94 37.96
CA TYR D 1124 55.50 -42.35 38.38
C TYR D 1124 54.89 -43.19 39.49
N PHE D 1125 53.87 -42.63 40.14
CA PHE D 1125 53.17 -43.33 41.21
C PHE D 1125 52.07 -44.22 40.65
N GLU D 1126 51.74 -45.27 41.39
CA GLU D 1126 50.74 -46.23 40.96
C GLU D 1126 49.85 -46.63 42.13
N PHE D 1127 48.54 -46.57 41.91
CA PHE D 1127 47.54 -47.02 42.86
C PHE D 1127 46.85 -48.23 42.25
N SER D 1128 47.00 -49.40 42.87
CA SER D 1128 46.32 -50.62 42.46
C SER D 1128 45.21 -50.91 43.47
N PHE D 1129 44.00 -51.14 42.97
CA PHE D 1129 42.87 -51.41 43.86
C PHE D 1129 41.87 -52.34 43.18
N ASP D 1130 40.94 -52.83 43.99
CA ASP D 1130 39.73 -53.48 43.52
C ASP D 1130 38.53 -52.60 43.87
N TYR D 1131 37.57 -52.52 42.96
CA TYR D 1131 36.44 -51.62 43.15
C TYR D 1131 35.46 -52.09 44.21
N LYS D 1132 35.42 -53.40 44.50
CA LYS D 1132 34.47 -53.90 45.49
C LYS D 1132 34.80 -53.39 46.89
N ASN D 1133 36.10 -53.27 47.21
CA ASN D 1133 36.53 -52.90 48.56
C ASN D 1133 36.06 -51.51 48.97
N PHE D 1134 35.45 -50.74 48.07
CA PHE D 1134 35.08 -49.36 48.35
C PHE D 1134 33.57 -49.26 48.60
N GLY D 1135 33.12 -48.03 48.88
CA GLY D 1135 31.78 -47.84 49.44
C GLY D 1135 30.67 -48.37 48.56
N ASP D 1136 30.62 -47.91 47.31
CA ASP D 1136 29.53 -48.28 46.41
C ASP D 1136 29.62 -49.76 46.05
N LYS D 1137 28.50 -50.48 46.21
CA LYS D 1137 28.45 -51.90 45.88
C LYS D 1137 28.48 -52.16 44.39
N ALA D 1138 28.11 -51.17 43.57
CA ALA D 1138 27.96 -51.40 42.13
C ALA D 1138 29.31 -51.59 41.45
N ALA D 1139 30.32 -50.85 41.89
CA ALA D 1139 31.62 -50.87 41.22
C ALA D 1139 32.31 -52.21 41.42
N LYS D 1140 32.90 -52.73 40.34
CA LYS D 1140 33.61 -54.01 40.36
C LYS D 1140 34.84 -53.91 39.45
N GLY D 1141 35.88 -54.69 39.78
CA GLY D 1141 37.01 -54.84 38.89
C GLY D 1141 38.31 -54.32 39.53
N LYS D 1142 39.43 -54.87 39.05
CA LYS D 1142 40.75 -54.48 39.53
C LYS D 1142 41.38 -53.47 38.57
N TRP D 1143 42.06 -52.47 39.12
CA TRP D 1143 42.61 -51.41 38.30
C TRP D 1143 43.90 -50.89 38.92
N THR D 1144 44.81 -50.41 38.07
CA THR D 1144 45.98 -49.65 38.53
C THR D 1144 46.01 -48.34 37.77
N ILE D 1145 45.88 -47.24 38.50
CA ILE D 1145 45.95 -45.89 37.95
C ILE D 1145 47.32 -45.32 38.24
N ALA D 1146 47.78 -44.44 37.36
CA ALA D 1146 49.11 -43.86 37.47
C ALA D 1146 49.02 -42.34 37.51
N SER D 1147 50.04 -41.72 38.11
CA SER D 1147 50.16 -40.27 38.15
C SER D 1147 50.75 -39.70 36.87
N PHE D 1148 50.86 -40.50 35.81
CA PHE D 1148 51.52 -40.07 34.59
C PHE D 1148 50.70 -39.02 33.86
N GLY D 1149 51.40 -38.17 33.11
CA GLY D 1149 50.76 -37.22 32.22
C GLY D 1149 50.58 -35.87 32.88
N SER D 1150 49.97 -34.99 32.10
CA SER D 1150 49.63 -33.64 32.56
C SER D 1150 48.15 -33.55 32.83
N ARG D 1151 47.76 -32.51 33.54
CA ARG D 1151 46.38 -32.31 33.93
C ARG D 1151 46.10 -30.80 33.95
N LEU D 1152 44.84 -30.43 33.77
CA LEU D 1152 44.45 -29.04 33.66
C LEU D 1152 43.42 -28.70 34.73
N ILE D 1153 43.65 -27.58 35.44
CA ILE D 1153 42.76 -27.19 36.53
C ILE D 1153 42.37 -25.72 36.42
N THR D 1166 43.25 -20.99 34.37
CA THR D 1166 43.57 -22.41 34.46
C THR D 1166 45.08 -22.63 34.38
N ARG D 1167 45.57 -23.70 35.01
CA ARG D 1167 46.99 -24.02 34.97
C ARG D 1167 47.19 -25.52 34.79
N GLU D 1168 48.40 -25.87 34.36
CA GLU D 1168 48.77 -27.23 34.01
C GLU D 1168 49.55 -27.85 35.16
N VAL D 1169 48.95 -28.84 35.81
CA VAL D 1169 49.52 -29.52 36.97
C VAL D 1169 49.98 -30.91 36.55
N TYR D 1170 51.18 -31.29 37.00
CA TYR D 1170 51.71 -32.64 36.82
C TYR D 1170 51.59 -33.37 38.14
N PRO D 1171 50.58 -34.23 38.31
CA PRO D 1171 50.34 -34.81 39.65
C PRO D 1171 51.49 -35.66 40.15
N THR D 1172 52.29 -36.22 39.25
CA THR D 1172 53.43 -37.01 39.71
C THR D 1172 54.44 -36.12 40.44
N LYS D 1173 54.73 -34.93 39.90
CA LYS D 1173 55.63 -34.01 40.59
C LYS D 1173 54.98 -33.40 41.83
N GLU D 1174 53.67 -33.17 41.79
CA GLU D 1174 52.96 -32.69 42.98
C GLU D 1174 53.08 -33.69 44.11
N LEU D 1175 52.87 -34.97 43.80
CA LEU D 1175 52.98 -36.01 44.83
C LEU D 1175 54.43 -36.18 45.28
N GLU D 1176 55.39 -36.02 44.37
CA GLU D 1176 56.80 -36.01 44.78
C GLU D 1176 57.04 -34.92 45.82
N LYS D 1177 56.57 -33.70 45.56
CA LYS D 1177 56.70 -32.61 46.52
C LYS D 1177 56.04 -32.96 47.84
N LEU D 1178 54.82 -33.50 47.80
CA LEU D 1178 54.07 -33.76 49.02
C LEU D 1178 54.73 -34.85 49.87
N LEU D 1179 55.22 -35.91 49.22
CA LEU D 1179 55.90 -36.96 49.99
C LEU D 1179 57.25 -36.50 50.51
N LYS D 1180 57.94 -35.61 49.79
CA LYS D 1180 59.20 -35.08 50.31
C LYS D 1180 58.97 -34.15 51.50
N ASP D 1181 57.88 -33.39 51.50
CA ASP D 1181 57.62 -32.50 52.62
C ASP D 1181 57.35 -33.26 53.91
N TYR D 1182 56.69 -34.41 53.83
CA TYR D 1182 56.38 -35.22 54.99
C TYR D 1182 57.40 -36.33 55.23
N SER D 1183 58.55 -36.27 54.56
CA SER D 1183 59.66 -37.20 54.77
C SER D 1183 59.24 -38.67 54.58
N ILE D 1184 58.35 -38.90 53.62
CA ILE D 1184 58.03 -40.25 53.18
C ILE D 1184 58.95 -40.59 52.01
N GLU D 1185 59.78 -41.62 52.16
CA GLU D 1185 60.77 -41.96 51.13
C GLU D 1185 60.11 -42.75 50.02
N TYR D 1186 60.12 -42.19 48.82
CA TYR D 1186 59.67 -42.85 47.60
C TYR D 1186 60.79 -43.01 46.58
N GLY D 1187 62.02 -42.65 46.96
CA GLY D 1187 63.11 -42.60 46.01
C GLY D 1187 63.56 -43.93 45.42
N HIS D 1188 63.49 -45.02 46.19
CA HIS D 1188 63.88 -46.35 45.73
C HIS D 1188 62.66 -47.19 45.38
N GLY D 1189 61.55 -46.53 45.03
CA GLY D 1189 60.33 -47.25 44.73
C GLY D 1189 59.64 -47.86 45.93
N GLU D 1190 59.98 -47.42 47.14
CA GLU D 1190 59.33 -47.93 48.34
C GLU D 1190 57.83 -47.72 48.22
N CYS D 1191 57.06 -48.76 48.55
CA CYS D 1191 55.61 -48.67 48.54
C CYS D 1191 55.11 -48.00 49.81
N ILE D 1192 54.08 -47.16 49.67
CA ILE D 1192 53.79 -46.08 50.61
C ILE D 1192 52.40 -46.17 51.23
N LYS D 1193 51.55 -47.10 50.80
CA LYS D 1193 50.21 -47.23 51.36
C LYS D 1193 50.23 -47.15 52.88
N ALA D 1194 51.02 -48.03 53.51
CA ALA D 1194 51.13 -48.02 54.98
C ALA D 1194 51.68 -46.70 55.48
N ALA D 1195 52.68 -46.17 54.78
CA ALA D 1195 53.26 -44.89 55.20
C ALA D 1195 52.28 -43.75 54.99
N ILE D 1196 51.48 -43.81 53.92
CA ILE D 1196 50.46 -42.78 53.70
C ILE D 1196 49.48 -42.76 54.86
N CYS D 1197 49.00 -43.94 55.25
CA CYS D 1197 48.01 -44.01 56.33
C CYS D 1197 48.56 -43.48 57.65
N GLY D 1198 49.87 -43.60 57.87
CA GLY D 1198 50.45 -43.28 59.16
C GLY D 1198 50.33 -41.82 59.57
N GLU D 1199 50.13 -40.92 58.60
CA GLU D 1199 50.10 -39.50 58.93
C GLU D 1199 48.79 -39.14 59.62
N SER D 1200 48.84 -38.08 60.43
CA SER D 1200 47.67 -37.57 61.13
C SER D 1200 47.29 -36.16 60.72
N ASP D 1201 48.05 -35.54 59.83
CA ASP D 1201 47.84 -34.15 59.47
C ASP D 1201 46.69 -34.02 58.47
N LYS D 1202 45.89 -32.96 58.62
CA LYS D 1202 44.75 -32.74 57.73
C LYS D 1202 45.20 -32.30 56.35
N LYS D 1203 46.20 -31.41 56.27
CA LYS D 1203 46.64 -30.89 54.99
C LYS D 1203 47.16 -32.01 54.09
N PHE D 1204 47.84 -32.99 54.69
CA PHE D 1204 48.38 -34.13 53.94
C PHE D 1204 47.28 -34.85 53.17
N PHE D 1205 46.27 -35.35 53.88
CA PHE D 1205 45.21 -36.10 53.23
C PHE D 1205 44.34 -35.21 52.34
N ALA D 1206 44.15 -33.94 52.72
CA ALA D 1206 43.34 -33.05 51.92
C ALA D 1206 43.96 -32.83 50.55
N LYS D 1207 45.29 -32.60 50.51
CA LYS D 1207 45.94 -32.42 49.22
C LYS D 1207 46.12 -33.74 48.48
N LEU D 1208 46.24 -34.86 49.23
CA LEU D 1208 46.34 -36.16 48.59
C LEU D 1208 45.09 -36.50 47.78
N THR D 1209 43.92 -36.32 48.39
CA THR D 1209 42.68 -36.60 47.67
C THR D 1209 42.52 -35.66 46.47
N SER D 1210 43.02 -34.43 46.55
CA SER D 1210 42.94 -33.55 45.38
C SER D 1210 43.86 -34.02 44.27
N VAL D 1211 45.06 -34.49 44.62
CA VAL D 1211 45.94 -35.05 43.60
C VAL D 1211 45.32 -36.30 43.01
N LEU D 1212 44.67 -37.12 43.84
CA LEU D 1212 43.98 -38.29 43.32
C LEU D 1212 42.86 -37.89 42.38
N ASN D 1213 42.16 -36.79 42.70
CA ASN D 1213 41.10 -36.32 41.84
C ASN D 1213 41.65 -35.85 40.51
N THR D 1214 42.75 -35.10 40.53
CA THR D 1214 43.36 -34.67 39.27
C THR D 1214 43.82 -35.87 38.45
N ILE D 1215 44.32 -36.90 39.12
CA ILE D 1215 44.72 -38.11 38.41
C ILE D 1215 43.51 -38.79 37.79
N LEU D 1216 42.37 -38.76 38.49
CA LEU D 1216 41.12 -39.34 38.01
C LEU D 1216 40.35 -38.42 37.07
N GLN D 1217 40.77 -37.17 36.89
CA GLN D 1217 40.16 -36.27 35.92
C GLN D 1217 40.66 -36.64 34.53
N MET D 1218 39.92 -37.55 33.88
CA MET D 1218 40.31 -37.99 32.54
C MET D 1218 40.05 -36.91 31.50
N ARG D 1219 38.97 -36.16 31.68
CA ARG D 1219 38.58 -35.11 30.75
C ARG D 1219 39.13 -33.79 31.24
N ASN D 1220 39.95 -33.13 30.42
CA ASN D 1220 40.57 -31.86 30.76
C ASN D 1220 40.14 -30.79 29.76
N SER D 1221 39.61 -29.69 30.26
CA SER D 1221 39.03 -28.66 29.41
C SER D 1221 39.46 -27.28 29.88
N LYS D 1222 39.49 -26.34 28.94
CA LYS D 1222 39.78 -24.94 29.18
C LYS D 1222 38.81 -24.10 28.35
N THR D 1223 38.59 -22.87 28.78
CA THR D 1223 37.65 -21.93 28.15
C THR D 1223 37.58 -22.03 26.62
N ASP D 1228 40.26 -29.04 24.91
CA ASP D 1228 39.39 -30.08 25.44
C ASP D 1228 39.87 -31.46 24.97
N TYR D 1229 40.56 -32.19 25.85
CA TYR D 1229 41.20 -33.45 25.49
C TYR D 1229 41.01 -34.47 26.60
N LEU D 1230 41.08 -35.75 26.23
CA LEU D 1230 40.90 -36.85 27.18
C LEU D 1230 42.20 -37.61 27.37
N ILE D 1231 42.55 -37.87 28.64
CA ILE D 1231 43.73 -38.65 28.97
C ILE D 1231 43.32 -39.79 29.91
N SER D 1232 44.09 -40.87 29.90
CA SER D 1232 43.76 -42.03 30.71
C SER D 1232 44.82 -42.28 31.75
N PRO D 1233 44.46 -42.48 33.02
CA PRO D 1233 45.48 -42.82 34.02
C PRO D 1233 45.75 -44.31 34.11
N VAL D 1234 45.11 -45.11 33.26
CA VAL D 1234 45.24 -46.55 33.27
C VAL D 1234 46.07 -46.97 32.06
N ALA D 1235 47.15 -47.69 32.32
CA ALA D 1235 48.01 -48.15 31.25
C ALA D 1235 47.34 -49.28 30.48
N ASP D 1236 47.50 -49.25 29.15
CA ASP D 1236 46.95 -50.32 28.34
C ASP D 1236 47.76 -51.59 28.56
N VAL D 1237 47.36 -52.67 27.88
CA VAL D 1237 48.01 -53.95 28.09
C VAL D 1237 49.48 -53.88 27.68
N ASN D 1238 49.82 -53.06 26.69
CA ASN D 1238 51.19 -52.90 26.24
C ASN D 1238 51.96 -51.82 27.00
N GLY D 1239 51.31 -51.13 27.93
CA GLY D 1239 51.98 -50.18 28.80
C GLY D 1239 51.78 -48.71 28.44
N ASN D 1240 51.11 -48.42 27.33
CA ASN D 1240 50.91 -47.04 26.91
C ASN D 1240 49.69 -46.42 27.61
N PHE D 1241 49.65 -45.09 27.63
CA PHE D 1241 48.56 -44.32 28.22
C PHE D 1241 47.86 -43.54 27.11
N PHE D 1242 46.53 -43.57 27.10
CA PHE D 1242 45.78 -42.91 26.05
C PHE D 1242 45.85 -41.39 26.19
N ASP D 1243 46.07 -40.71 25.07
CA ASP D 1243 46.02 -39.25 25.01
C ASP D 1243 45.32 -38.86 23.72
N SER D 1244 44.24 -38.08 23.84
CA SER D 1244 43.50 -37.71 22.63
C SER D 1244 44.33 -36.82 21.71
N ARG D 1245 45.31 -36.10 22.25
CA ARG D 1245 46.18 -35.31 21.40
C ARG D 1245 47.03 -36.21 20.50
N GLN D 1246 47.58 -37.29 21.05
CA GLN D 1246 48.44 -38.20 20.30
C GLN D 1246 47.70 -39.44 19.82
N ALA D 1247 46.38 -39.38 19.74
CA ALA D 1247 45.60 -40.56 19.41
C ALA D 1247 45.73 -40.91 17.93
N PRO D 1248 45.67 -42.20 17.60
CA PRO D 1248 45.64 -42.58 16.18
C PRO D 1248 44.34 -42.19 15.51
N LYS D 1249 44.26 -42.42 14.19
CA LYS D 1249 43.08 -42.00 13.45
C LYS D 1249 41.86 -42.82 13.82
N ASN D 1250 42.04 -44.07 14.25
CA ASN D 1250 40.92 -44.93 14.64
C ASN D 1250 40.43 -44.67 16.06
N MET D 1251 41.11 -43.83 16.80
CA MET D 1251 40.74 -43.52 18.16
C MET D 1251 40.13 -42.13 18.23
N PRO D 1252 39.41 -41.79 19.32
CA PRO D 1252 38.87 -40.44 19.44
C PRO D 1252 39.97 -39.39 19.40
N GLN D 1253 39.72 -38.34 18.60
CA GLN D 1253 40.67 -37.23 18.49
C GLN D 1253 40.57 -36.23 19.64
N ASP D 1254 39.40 -36.07 20.25
CA ASP D 1254 39.27 -35.21 21.41
C ASP D 1254 38.22 -35.79 22.35
N ALA D 1255 37.81 -35.02 23.37
CA ALA D 1255 36.95 -35.55 24.42
C ALA D 1255 35.52 -35.73 23.92
N ASP D 1256 35.00 -34.74 23.20
CA ASP D 1256 33.67 -34.87 22.61
C ASP D 1256 33.61 -36.03 21.63
N ALA D 1257 34.70 -36.23 20.88
CA ALA D 1257 34.80 -37.40 20.02
C ALA D 1257 34.73 -38.69 20.83
N ASN D 1258 35.35 -38.70 22.01
CA ASN D 1258 35.31 -39.88 22.87
C ASN D 1258 33.88 -40.18 23.32
N GLY D 1259 33.13 -39.14 23.67
CA GLY D 1259 31.73 -39.35 24.02
C GLY D 1259 30.93 -39.91 22.86
N ALA D 1260 31.12 -39.33 21.67
CA ALA D 1260 30.45 -39.85 20.47
C ALA D 1260 30.82 -41.31 20.24
N TYR D 1261 32.09 -41.65 20.42
CA TYR D 1261 32.56 -43.02 20.21
C TYR D 1261 31.93 -43.99 21.20
N HIS D 1262 31.76 -43.58 22.45
CA HIS D 1262 31.16 -44.51 23.40
C HIS D 1262 29.65 -44.65 23.19
N ILE D 1263 28.99 -43.59 22.72
CA ILE D 1263 27.64 -43.78 22.20
C ILE D 1263 27.64 -44.79 21.07
N GLY D 1264 28.65 -44.74 20.21
CA GLY D 1264 28.77 -45.73 19.16
C GLY D 1264 28.93 -47.13 19.71
N LEU D 1265 29.66 -47.26 20.82
CA LEU D 1265 29.84 -48.57 21.43
C LEU D 1265 28.52 -49.13 21.97
N LYS D 1266 27.72 -48.26 22.61
CA LYS D 1266 26.40 -48.71 23.04
C LYS D 1266 25.54 -49.12 21.85
N GLY D 1267 25.66 -48.37 20.75
CA GLY D 1267 25.02 -48.79 19.52
C GLY D 1267 25.53 -50.13 19.01
N LEU D 1268 26.81 -50.43 19.24
CA LEU D 1268 27.34 -51.74 18.87
C LEU D 1268 26.71 -52.84 19.70
N MET D 1269 26.53 -52.58 20.99
CA MET D 1269 25.81 -53.53 21.85
C MET D 1269 24.41 -53.79 21.30
N LEU D 1270 23.71 -52.72 20.91
CA LEU D 1270 22.38 -52.88 20.32
C LEU D 1270 22.43 -53.68 19.03
N LEU D 1271 23.40 -53.39 18.16
CA LEU D 1271 23.52 -54.10 16.89
C LEU D 1271 23.75 -55.59 17.13
N GLY D 1272 24.62 -55.92 18.08
CA GLY D 1272 24.84 -57.32 18.40
C GLY D 1272 23.58 -58.00 18.89
N ARG D 1273 22.82 -57.31 19.75
CA ARG D 1273 21.56 -57.89 20.23
C ARG D 1273 20.59 -58.12 19.07
N ILE D 1274 20.58 -57.20 18.10
CA ILE D 1274 19.72 -57.38 16.93
C ILE D 1274 20.16 -58.60 16.13
N LYS D 1275 21.48 -58.75 15.96
CA LYS D 1275 22.00 -59.87 15.16
C LYS D 1275 21.67 -61.21 15.82
N ASN D 1276 21.82 -61.29 17.14
CA ASN D 1276 21.65 -62.56 17.85
C ASN D 1276 20.21 -62.77 18.31
N ASN D 1277 19.28 -61.91 17.90
CA ASN D 1277 17.88 -62.13 18.24
C ASN D 1277 17.31 -63.28 17.40
N GLN D 1278 16.32 -63.97 17.96
CA GLN D 1278 15.73 -65.14 17.30
C GLN D 1278 14.21 -65.22 17.46
N LYS D 1282 11.87 -62.10 22.26
CA LYS D 1282 11.68 -60.71 21.83
C LYS D 1282 12.94 -59.89 22.03
N LEU D 1283 13.13 -58.87 21.19
CA LEU D 1283 14.36 -58.08 21.17
C LEU D 1283 14.38 -57.05 22.30
N ASN D 1284 15.56 -56.90 22.92
CA ASN D 1284 15.76 -55.95 24.02
C ASN D 1284 16.71 -54.85 23.57
N LEU D 1285 16.32 -53.60 23.80
CA LEU D 1285 17.14 -52.45 23.44
C LEU D 1285 17.56 -51.61 24.64
N VAL D 1286 17.31 -52.09 25.86
CA VAL D 1286 17.75 -51.39 27.05
C VAL D 1286 19.19 -51.78 27.35
N ILE D 1287 20.05 -50.80 27.58
CA ILE D 1287 21.46 -51.02 27.83
C ILE D 1287 21.73 -50.70 29.30
N LYS D 1288 21.81 -51.73 30.14
CA LYS D 1288 22.20 -51.54 31.52
C LYS D 1288 23.67 -51.14 31.62
N ASN D 1289 23.99 -50.34 32.63
CA ASN D 1289 25.36 -49.89 32.82
C ASN D 1289 26.29 -51.06 33.13
N GLU D 1290 25.79 -52.08 33.82
CA GLU D 1290 26.59 -53.27 34.09
C GLU D 1290 27.04 -53.94 32.80
N GLU D 1291 26.09 -54.18 31.89
CA GLU D 1291 26.41 -54.79 30.60
C GLU D 1291 27.38 -53.93 29.80
N TYR D 1292 27.18 -52.61 29.85
CA TYR D 1292 28.03 -51.70 29.09
C TYR D 1292 29.46 -51.70 29.61
N PHE D 1293 29.63 -51.63 30.93
CA PHE D 1293 30.96 -51.70 31.50
C PHE D 1293 31.65 -53.01 31.15
N GLU D 1294 30.93 -54.13 31.31
CA GLU D 1294 31.51 -55.42 30.97
C GLU D 1294 31.95 -55.45 29.51
N PHE D 1295 31.08 -54.99 28.60
CA PHE D 1295 31.39 -54.97 27.19
C PHE D 1295 32.66 -54.19 26.90
N VAL D 1296 32.71 -52.93 27.36
CA VAL D 1296 33.82 -52.07 26.98
C VAL D 1296 35.11 -52.54 27.63
N GLN D 1297 35.05 -53.02 28.87
CA GLN D 1297 36.27 -53.42 29.56
C GLN D 1297 36.84 -54.72 29.00
N ASN D 1298 36.00 -55.71 28.72
CA ASN D 1298 36.49 -56.96 28.16
C ASN D 1298 36.80 -56.87 26.68
N ARG D 1299 36.33 -55.82 26.00
CA ARG D 1299 36.67 -55.62 24.59
C ARG D 1299 38.19 -55.54 24.40
N ASN D 1300 38.86 -54.63 25.14
CA ASN D 1300 40.29 -54.39 25.02
C ASN D 1300 40.63 -54.13 23.56
N ASN D 1301 41.71 -54.70 23.04
CA ASN D 1301 42.10 -54.67 21.60
C ASN D 1301 42.03 -53.26 21.00
#